data_9DYV
#
_entry.id   9DYV
#
_entity_poly.entity_id   1
_entity_poly.type   'polypeptide(L)'
_entity_poly.pdbx_seq_one_letter_code
;GHMAAKKDYYAILGVPRNATQEEIKRAYKRLARQYHPDVNKSPEAEEKFKEINEAYAVLSDPEKRRIYDTYGTTEAPPPP
PPGGYDFSGFDVEDFSEFFQELFGPGLFGGFGRRSRKG
;
_entity_poly.pdbx_strand_id   A
#
# COMPACT_ATOMS: atom_id res chain seq x y z
N MET A 3 6.96 -3.25 -10.62
CA MET A 3 6.61 -4.62 -11.06
C MET A 3 6.94 -5.64 -9.93
N ALA A 4 6.86 -5.18 -8.67
CA ALA A 4 7.07 -6.02 -7.48
C ALA A 4 5.79 -6.83 -7.21
N ALA A 5 5.64 -7.89 -7.99
CA ALA A 5 4.40 -8.69 -8.09
C ALA A 5 4.34 -9.78 -7.01
N LYS A 6 4.82 -9.43 -5.82
CA LYS A 6 5.03 -10.35 -4.69
C LYS A 6 3.86 -10.28 -3.70
N LYS A 7 2.93 -9.34 -3.97
CA LYS A 7 1.79 -9.04 -3.09
C LYS A 7 0.60 -8.52 -3.90
N ASP A 8 -0.35 -9.42 -4.17
CA ASP A 8 -1.68 -9.06 -4.65
C ASP A 8 -2.48 -8.49 -3.48
N TYR A 9 -2.73 -7.17 -3.50
CA TYR A 9 -3.41 -6.44 -2.41
C TYR A 9 -4.81 -7.02 -2.12
N TYR A 10 -5.50 -7.45 -3.18
CA TYR A 10 -6.82 -8.08 -3.09
C TYR A 10 -6.73 -9.45 -2.40
N ALA A 11 -5.68 -10.23 -2.72
CA ALA A 11 -5.42 -11.54 -2.10
C ALA A 11 -5.17 -11.42 -0.59
N ILE A 12 -4.41 -10.36 -0.20
CA ILE A 12 -4.03 -10.08 1.19
C ILE A 12 -5.29 -9.88 2.07
N LEU A 13 -6.27 -9.09 1.56
CA LEU A 13 -7.52 -8.83 2.30
C LEU A 13 -8.53 -9.99 2.15
N GLY A 14 -8.43 -10.73 1.04
CA GLY A 14 -9.38 -11.81 0.73
C GLY A 14 -10.63 -11.29 0.01
N VAL A 15 -10.39 -10.55 -1.10
CA VAL A 15 -11.44 -9.99 -1.99
C VAL A 15 -10.98 -10.14 -3.47
N PRO A 16 -11.92 -10.23 -4.48
CA PRO A 16 -11.55 -10.23 -5.93
C PRO A 16 -11.07 -8.85 -6.44
N ARG A 17 -10.64 -8.79 -7.73
CA ARG A 17 -10.08 -7.58 -8.37
C ARG A 17 -11.11 -6.44 -8.46
N ASN A 18 -12.36 -6.82 -8.77
CA ASN A 18 -13.49 -5.87 -8.93
C ASN A 18 -14.43 -5.96 -7.72
N ALA A 19 -13.82 -6.10 -6.53
CA ALA A 19 -14.49 -6.10 -5.23
C ALA A 19 -15.16 -4.75 -4.94
N THR A 20 -16.27 -4.79 -4.20
CA THR A 20 -16.95 -3.58 -3.72
C THR A 20 -16.22 -3.08 -2.46
N GLN A 21 -16.25 -1.75 -2.21
CA GLN A 21 -15.55 -1.14 -1.06
C GLN A 21 -16.12 -1.64 0.27
N GLU A 22 -17.38 -2.10 0.22
CA GLU A 22 -18.12 -2.69 1.34
C GLU A 22 -17.41 -3.96 1.89
N GLU A 23 -17.09 -4.89 0.97
CA GLU A 23 -16.42 -6.16 1.33
C GLU A 23 -14.93 -5.93 1.63
N ILE A 24 -14.33 -4.90 1.02
CA ILE A 24 -12.91 -4.54 1.21
C ILE A 24 -12.64 -4.04 2.64
N LYS A 25 -13.51 -3.12 3.12
CA LYS A 25 -13.32 -2.46 4.42
C LYS A 25 -13.40 -3.48 5.57
N ARG A 26 -14.42 -4.37 5.54
CA ARG A 26 -14.59 -5.45 6.56
C ARG A 26 -13.49 -6.52 6.41
N ALA A 27 -12.91 -6.63 5.19
CA ALA A 27 -11.78 -7.54 4.90
C ALA A 27 -10.48 -7.03 5.57
N TYR A 28 -10.39 -5.71 5.76
CA TYR A 28 -9.32 -5.09 6.56
C TYR A 28 -9.58 -5.32 8.06
N LYS A 29 -10.83 -5.01 8.49
CA LYS A 29 -11.25 -5.07 9.91
C LYS A 29 -11.01 -6.46 10.52
N ARG A 30 -11.43 -7.53 9.79
CA ARG A 30 -11.29 -8.93 10.26
C ARG A 30 -9.82 -9.30 10.53
N LEU A 31 -8.92 -8.90 9.61
CA LEU A 31 -7.50 -9.26 9.65
C LEU A 31 -6.73 -8.40 10.66
N ALA A 32 -7.19 -7.14 10.80
CA ALA A 32 -6.58 -6.16 11.71
C ALA A 32 -6.55 -6.71 13.15
N ARG A 33 -7.69 -7.32 13.55
CA ARG A 33 -7.91 -7.81 14.91
C ARG A 33 -7.02 -9.02 15.21
N GLN A 34 -6.67 -9.77 14.15
CA GLN A 34 -5.87 -11.01 14.25
C GLN A 34 -4.39 -10.68 14.46
N TYR A 35 -3.94 -9.55 13.88
CA TYR A 35 -2.52 -9.16 13.86
C TYR A 35 -2.25 -7.92 14.73
N HIS A 36 -3.30 -7.43 15.43
CA HIS A 36 -3.18 -6.33 16.41
C HIS A 36 -2.22 -6.76 17.55
N PRO A 37 -1.20 -5.93 17.91
CA PRO A 37 -0.14 -6.32 18.90
C PRO A 37 -0.71 -6.71 20.29
N ASP A 38 -1.79 -6.04 20.74
CA ASP A 38 -2.44 -6.34 22.03
C ASP A 38 -3.09 -7.75 22.03
N VAL A 39 -3.58 -8.14 20.85
CA VAL A 39 -4.19 -9.47 20.61
C VAL A 39 -3.11 -10.54 20.37
N ASN A 40 -2.09 -10.14 19.60
CA ASN A 40 -1.09 -11.05 19.02
C ASN A 40 0.22 -10.27 18.81
N LYS A 41 1.10 -10.35 19.82
CA LYS A 41 2.38 -9.61 19.87
C LYS A 41 3.52 -10.51 19.36
N SER A 42 3.40 -10.95 18.12
CA SER A 42 4.42 -11.78 17.44
C SER A 42 5.06 -10.97 16.28
N PRO A 43 6.38 -11.16 16.00
CA PRO A 43 7.03 -10.63 14.75
C PRO A 43 6.42 -11.23 13.47
N GLU A 44 5.78 -12.41 13.62
CA GLU A 44 5.02 -13.08 12.54
C GLU A 44 3.70 -12.33 12.23
N ALA A 45 3.20 -11.55 13.22
CA ALA A 45 1.95 -10.80 13.10
C ALA A 45 2.19 -9.39 12.56
N GLU A 46 3.27 -8.73 13.06
CA GLU A 46 3.58 -7.30 12.74
C GLU A 46 3.77 -7.08 11.22
N GLU A 47 4.31 -8.10 10.56
CA GLU A 47 4.62 -8.07 9.12
C GLU A 47 3.33 -8.13 8.27
N LYS A 48 2.38 -8.99 8.69
CA LYS A 48 1.05 -9.09 8.06
C LYS A 48 0.22 -7.84 8.35
N PHE A 49 0.47 -7.25 9.53
CA PHE A 49 -0.20 -6.03 10.01
C PHE A 49 0.18 -4.82 9.13
N LYS A 50 1.35 -4.92 8.44
CA LYS A 50 1.76 -3.94 7.43
C LYS A 50 0.97 -4.18 6.15
N GLU A 51 0.94 -5.46 5.71
CA GLU A 51 0.41 -5.88 4.40
C GLU A 51 -1.09 -5.63 4.26
N ILE A 52 -1.84 -5.81 5.36
CA ILE A 52 -3.31 -5.62 5.37
C ILE A 52 -3.67 -4.12 5.32
N ASN A 53 -2.80 -3.30 5.95
CA ASN A 53 -2.94 -1.83 5.99
C ASN A 53 -2.44 -1.22 4.66
N GLU A 54 -1.50 -1.94 4.03
CA GLU A 54 -0.91 -1.61 2.71
C GLU A 54 -1.91 -1.88 1.61
N ALA A 55 -2.54 -3.05 1.73
CA ALA A 55 -3.60 -3.51 0.82
C ALA A 55 -4.78 -2.55 0.88
N TYR A 56 -5.21 -2.22 2.12
CA TYR A 56 -6.34 -1.33 2.37
C TYR A 56 -6.00 0.13 2.03
N ALA A 57 -4.71 0.51 2.07
CA ALA A 57 -4.27 1.90 1.71
C ALA A 57 -4.53 2.18 0.22
N VAL A 58 -4.39 1.12 -0.61
CA VAL A 58 -4.69 1.17 -2.06
C VAL A 58 -6.18 0.83 -2.32
N LEU A 59 -6.72 -0.09 -1.52
CA LEU A 59 -8.08 -0.65 -1.72
C LEU A 59 -9.16 0.16 -0.98
N SER A 60 -8.75 1.24 -0.27
CA SER A 60 -9.68 2.14 0.45
C SER A 60 -10.64 2.84 -0.52
N ASP A 61 -10.13 3.16 -1.72
CA ASP A 61 -10.88 3.85 -2.79
C ASP A 61 -10.54 3.23 -4.15
N PRO A 62 -11.49 3.27 -5.15
CA PRO A 62 -11.19 2.86 -6.54
C PRO A 62 -10.22 3.88 -7.21
N GLU A 63 -10.08 5.05 -6.55
CA GLU A 63 -9.14 6.11 -6.93
C GLU A 63 -7.69 5.59 -6.84
N LYS A 64 -7.37 4.86 -5.76
CA LYS A 64 -6.00 4.33 -5.54
C LYS A 64 -5.82 2.97 -6.25
N ARG A 65 -6.92 2.18 -6.28
CA ARG A 65 -6.96 0.85 -6.94
C ARG A 65 -6.61 0.98 -8.43
N ARG A 66 -7.11 2.06 -9.08
CA ARG A 66 -6.84 2.33 -10.51
C ARG A 66 -5.39 2.79 -10.72
N ILE A 67 -4.78 3.44 -9.69
CA ILE A 67 -3.37 3.90 -9.74
C ILE A 67 -2.42 2.70 -9.89
N TYR A 68 -2.59 1.70 -9.01
CA TYR A 68 -1.71 0.51 -8.97
C TYR A 68 -2.09 -0.47 -10.12
N ASP A 69 -3.29 -0.29 -10.68
CA ASP A 69 -3.81 -1.10 -11.81
C ASP A 69 -3.21 -0.62 -13.15
N THR A 70 -3.19 0.71 -13.35
CA THR A 70 -2.67 1.36 -14.58
C THR A 70 -1.14 1.48 -14.54
N TYR A 71 -0.60 1.45 -13.31
CA TYR A 71 0.85 1.39 -13.05
C TYR A 71 1.18 0.01 -12.44
N GLY A 72 2.35 -0.09 -11.79
CA GLY A 72 2.78 -1.34 -11.14
C GLY A 72 3.58 -2.24 -12.07
N THR A 73 4.02 -1.69 -13.22
CA THR A 73 4.99 -2.34 -14.12
C THR A 73 6.28 -1.50 -14.18
N THR A 74 7.30 -2.00 -14.88
CA THR A 74 8.54 -1.24 -15.15
C THR A 74 8.32 -0.19 -16.27
N GLU A 75 7.32 -0.45 -17.12
CA GLU A 75 6.98 0.38 -18.29
C GLU A 75 6.03 1.53 -17.90
N ALA A 76 5.32 1.32 -16.79
CA ALA A 76 4.31 2.24 -16.23
C ALA A 76 4.81 3.71 -16.16
N PRO A 77 4.03 4.70 -16.74
CA PRO A 77 4.39 6.15 -16.73
C PRO A 77 4.76 6.69 -15.31
N PRO A 78 5.64 7.75 -15.21
CA PRO A 78 6.03 8.34 -13.91
C PRO A 78 4.77 8.80 -13.06
N PRO A 79 4.71 8.44 -11.74
CA PRO A 79 3.54 8.75 -10.87
C PRO A 79 3.38 10.28 -10.60
N PRO A 80 2.20 10.76 -10.05
CA PRO A 80 1.98 12.21 -9.73
C PRO A 80 3.08 12.82 -8.81
N PRO A 81 3.36 14.17 -8.94
CA PRO A 81 4.45 14.88 -8.20
C PRO A 81 4.49 14.61 -6.66
N PRO A 82 5.72 14.53 -6.05
CA PRO A 82 5.91 14.17 -4.63
C PRO A 82 5.23 15.15 -3.65
N GLY A 83 4.79 14.62 -2.50
CA GLY A 83 3.98 15.36 -1.53
C GLY A 83 2.48 15.24 -1.79
N GLY A 84 2.10 14.96 -3.05
CA GLY A 84 0.69 14.87 -3.46
C GLY A 84 0.09 13.49 -3.25
N TYR A 85 0.27 12.95 -2.03
CA TYR A 85 -0.28 11.64 -1.60
C TYR A 85 -0.82 11.78 -0.16
N ASP A 86 -1.91 11.05 0.15
CA ASP A 86 -2.47 10.95 1.50
C ASP A 86 -2.07 9.59 2.10
N PHE A 87 -1.49 9.64 3.31
CA PHE A 87 -0.88 8.47 3.99
C PHE A 87 -0.89 8.61 5.51
N SER A 88 -1.49 9.72 6.02
CA SER A 88 -1.53 10.01 7.46
C SER A 88 -2.37 8.95 8.20
N GLY A 89 -1.76 8.30 9.20
CA GLY A 89 -2.43 7.24 9.98
C GLY A 89 -2.29 5.86 9.35
N PHE A 90 -1.30 5.70 8.45
CA PHE A 90 -0.98 4.41 7.79
C PHE A 90 0.52 4.10 7.93
N ASP A 91 1.36 5.17 7.79
CA ASP A 91 2.84 5.10 7.79
C ASP A 91 3.31 4.21 6.64
N VAL A 92 2.99 4.67 5.42
CA VAL A 92 3.11 3.86 4.18
C VAL A 92 4.55 3.75 3.67
N GLU A 93 5.41 4.64 4.17
CA GLU A 93 6.87 4.62 3.89
C GLU A 93 7.54 3.34 4.43
N ASP A 94 6.85 2.66 5.36
CA ASP A 94 7.34 1.41 5.99
C ASP A 94 6.85 0.15 5.24
N PHE A 95 5.98 0.33 4.24
CA PHE A 95 5.43 -0.77 3.44
C PHE A 95 6.45 -1.20 2.37
N SER A 96 6.18 -2.31 1.66
CA SER A 96 7.19 -2.98 0.80
C SER A 96 7.24 -2.36 -0.62
N GLU A 97 8.14 -2.92 -1.46
CA GLU A 97 8.54 -2.40 -2.80
C GLU A 97 7.38 -1.99 -3.71
N PHE A 98 6.30 -2.79 -3.69
CA PHE A 98 5.13 -2.62 -4.58
C PHE A 98 4.36 -1.31 -4.27
N PHE A 99 4.44 -0.88 -3.00
CA PHE A 99 3.86 0.39 -2.55
C PHE A 99 4.92 1.51 -2.73
N GLN A 100 6.20 1.15 -2.51
CA GLN A 100 7.35 2.09 -2.54
C GLN A 100 7.74 2.48 -3.99
N GLU A 101 7.24 1.76 -4.99
CA GLU A 101 7.46 2.09 -6.41
C GLU A 101 6.38 3.08 -6.90
N LEU A 102 5.17 3.00 -6.30
CA LEU A 102 4.01 3.82 -6.69
C LEU A 102 3.96 5.14 -5.91
N PHE A 103 3.69 5.05 -4.60
CA PHE A 103 3.47 6.21 -3.72
C PHE A 103 4.81 6.60 -3.04
N GLY A 104 5.72 5.61 -2.95
CA GLY A 104 7.04 5.78 -2.32
C GLY A 104 7.89 6.96 -2.84
N PRO A 105 8.08 7.17 -4.19
CA PRO A 105 8.82 8.35 -4.74
C PRO A 105 8.22 9.71 -4.27
N GLY A 106 6.92 9.69 -3.95
CA GLY A 106 6.21 10.86 -3.41
C GLY A 106 6.38 11.03 -1.91
N LEU A 107 6.56 9.89 -1.23
CA LEU A 107 6.80 9.83 0.23
C LEU A 107 8.20 10.37 0.58
N PHE A 108 9.18 10.05 -0.26
CA PHE A 108 10.59 10.43 -0.06
C PHE A 108 10.88 11.79 -0.70
N GLY A 109 10.35 11.98 -1.91
CA GLY A 109 10.58 13.19 -2.70
C GLY A 109 11.93 13.16 -3.43
N GLY A 110 12.52 11.97 -3.53
CA GLY A 110 13.83 11.77 -4.16
C GLY A 110 14.98 12.29 -3.31
N PHE A 111 15.47 11.44 -2.38
CA PHE A 111 16.64 11.76 -1.54
C PHE A 111 17.90 11.08 -2.09
N GLY A 112 19.05 11.38 -1.49
CA GLY A 112 20.32 10.72 -1.81
C GLY A 112 21.16 11.53 -2.78
N ARG A 113 20.50 12.38 -3.60
CA ARG A 113 21.15 13.21 -4.64
C ARG A 113 21.78 12.26 -5.70
N ARG A 114 20.93 11.38 -6.26
CA ARG A 114 21.36 10.29 -7.16
C ARG A 114 21.14 10.65 -8.63
N SER A 115 21.91 10.02 -9.51
CA SER A 115 21.76 10.12 -10.96
C SER A 115 20.72 9.08 -11.44
N ARG A 116 20.29 9.21 -12.70
CA ARG A 116 19.24 8.36 -13.28
C ARG A 116 19.61 7.99 -14.73
N LYS A 117 19.14 6.82 -15.16
CA LYS A 117 19.28 6.31 -16.53
C LYS A 117 17.99 6.63 -17.34
N GLY A 118 18.13 6.70 -18.67
CA GLY A 118 17.01 6.87 -19.59
C GLY A 118 17.29 6.23 -20.95
N MET A 3 9.60 -2.52 -9.18
CA MET A 3 9.62 -3.86 -9.81
C MET A 3 8.72 -4.84 -9.03
N ALA A 4 8.00 -4.31 -8.03
CA ALA A 4 7.12 -5.08 -7.17
C ALA A 4 5.74 -5.17 -7.79
N ALA A 5 5.30 -6.40 -8.02
CA ALA A 5 3.97 -6.71 -8.55
C ALA A 5 3.42 -7.95 -7.85
N LYS A 6 4.11 -8.37 -6.76
CA LYS A 6 3.86 -9.65 -6.07
C LYS A 6 2.69 -9.55 -5.10
N LYS A 7 2.54 -8.36 -4.46
CA LYS A 7 1.52 -8.14 -3.44
C LYS A 7 0.14 -7.98 -4.09
N ASP A 8 -0.55 -9.11 -4.26
CA ASP A 8 -1.94 -9.14 -4.70
C ASP A 8 -2.78 -8.64 -3.53
N TYR A 9 -3.04 -7.32 -3.52
CA TYR A 9 -3.74 -6.64 -2.42
C TYR A 9 -5.13 -7.24 -2.14
N TYR A 10 -5.79 -7.73 -3.21
CA TYR A 10 -7.10 -8.37 -3.12
C TYR A 10 -7.00 -9.73 -2.42
N ALA A 11 -5.92 -10.50 -2.73
CA ALA A 11 -5.69 -11.83 -2.14
C ALA A 11 -5.27 -11.72 -0.67
N ILE A 12 -4.69 -10.57 -0.28
CA ILE A 12 -4.34 -10.26 1.11
C ILE A 12 -5.64 -10.12 1.95
N LEU A 13 -6.58 -9.30 1.44
CA LEU A 13 -7.86 -9.03 2.14
C LEU A 13 -8.93 -10.12 1.86
N GLY A 14 -8.65 -11.00 0.88
CA GLY A 14 -9.55 -12.11 0.51
C GLY A 14 -10.78 -11.66 -0.29
N VAL A 15 -10.67 -10.49 -0.94
CA VAL A 15 -11.75 -9.87 -1.74
C VAL A 15 -11.46 -10.00 -3.26
N PRO A 16 -12.52 -10.04 -4.14
CA PRO A 16 -12.34 -10.14 -5.63
C PRO A 16 -11.74 -8.86 -6.27
N ARG A 17 -11.56 -8.93 -7.62
CA ARG A 17 -10.89 -7.88 -8.42
C ARG A 17 -11.67 -6.54 -8.39
N ASN A 18 -12.99 -6.64 -8.53
CA ASN A 18 -13.89 -5.46 -8.52
C ASN A 18 -14.75 -5.54 -7.26
N ALA A 19 -14.07 -5.86 -6.14
CA ALA A 19 -14.68 -5.93 -4.81
C ALA A 19 -15.32 -4.60 -4.42
N THR A 20 -16.43 -4.66 -3.68
CA THR A 20 -17.09 -3.46 -3.15
C THR A 20 -16.32 -2.95 -1.92
N GLN A 21 -16.35 -1.64 -1.71
CA GLN A 21 -15.71 -1.00 -0.54
C GLN A 21 -16.34 -1.48 0.77
N GLU A 22 -17.59 -1.96 0.68
CA GLU A 22 -18.35 -2.49 1.80
C GLU A 22 -17.73 -3.81 2.34
N GLU A 23 -17.10 -4.60 1.45
CA GLU A 23 -16.44 -5.86 1.86
C GLU A 23 -14.94 -5.64 2.12
N ILE A 24 -14.35 -4.64 1.43
CA ILE A 24 -12.92 -4.28 1.60
C ILE A 24 -12.67 -3.68 3.01
N LYS A 25 -13.62 -2.85 3.48
CA LYS A 25 -13.54 -2.21 4.81
C LYS A 25 -13.50 -3.27 5.92
N ARG A 26 -14.41 -4.28 5.84
CA ARG A 26 -14.50 -5.36 6.83
C ARG A 26 -13.37 -6.36 6.66
N ALA A 27 -12.84 -6.44 5.41
CA ALA A 27 -11.72 -7.32 5.07
C ALA A 27 -10.42 -6.87 5.74
N TYR A 28 -10.33 -5.56 6.03
CA TYR A 28 -9.24 -5.00 6.82
C TYR A 28 -9.40 -5.39 8.30
N LYS A 29 -10.61 -5.14 8.86
CA LYS A 29 -10.89 -5.35 10.31
C LYS A 29 -10.73 -6.82 10.74
N ARG A 30 -11.26 -7.75 9.92
CA ARG A 30 -11.25 -9.20 10.20
C ARG A 30 -9.80 -9.74 10.35
N LEU A 31 -8.86 -9.09 9.64
CA LEU A 31 -7.45 -9.47 9.64
C LEU A 31 -6.66 -8.61 10.65
N ALA A 32 -7.13 -7.36 10.85
CA ALA A 32 -6.48 -6.40 11.75
C ALA A 32 -6.51 -6.94 13.18
N ARG A 33 -7.65 -7.57 13.55
CA ARG A 33 -7.87 -8.09 14.91
C ARG A 33 -6.95 -9.29 15.20
N GLN A 34 -6.46 -9.92 14.12
CA GLN A 34 -5.52 -11.05 14.17
C GLN A 34 -4.09 -10.55 14.38
N TYR A 35 -3.76 -9.43 13.70
CA TYR A 35 -2.38 -8.93 13.56
C TYR A 35 -2.14 -7.65 14.38
N HIS A 36 -3.08 -7.31 15.29
CA HIS A 36 -2.93 -6.17 16.22
C HIS A 36 -1.80 -6.48 17.22
N PRO A 37 -0.88 -5.49 17.52
CA PRO A 37 0.33 -5.71 18.35
C PRO A 37 0.03 -6.23 19.76
N ASP A 38 -1.05 -5.73 20.37
CA ASP A 38 -1.47 -6.14 21.74
C ASP A 38 -2.05 -7.57 21.75
N VAL A 39 -2.77 -7.89 20.67
CA VAL A 39 -3.36 -9.24 20.45
C VAL A 39 -2.26 -10.27 20.13
N ASN A 40 -1.28 -9.82 19.32
CA ASN A 40 -0.29 -10.69 18.68
C ASN A 40 0.86 -9.81 18.15
N LYS A 41 1.99 -9.82 18.87
CA LYS A 41 3.18 -9.00 18.55
C LYS A 41 4.33 -9.89 18.03
N SER A 42 3.96 -11.03 17.41
CA SER A 42 4.91 -11.91 16.74
C SER A 42 5.39 -11.24 15.43
N PRO A 43 6.63 -11.56 14.93
CA PRO A 43 7.12 -11.00 13.63
C PRO A 43 6.27 -11.45 12.43
N GLU A 44 5.50 -12.53 12.66
CA GLU A 44 4.49 -13.03 11.71
C GLU A 44 3.34 -12.02 11.56
N ALA A 45 2.97 -11.37 12.68
CA ALA A 45 1.85 -10.44 12.74
C ALA A 45 2.19 -9.06 12.19
N GLU A 46 3.41 -8.55 12.55
CA GLU A 46 3.85 -7.19 12.18
C GLU A 46 3.85 -6.99 10.64
N GLU A 47 4.28 -8.04 9.92
CA GLU A 47 4.47 -7.99 8.46
C GLU A 47 3.13 -8.07 7.75
N LYS A 48 2.22 -8.92 8.26
CA LYS A 48 0.88 -9.08 7.69
C LYS A 48 0.05 -7.84 7.96
N PHE A 49 0.36 -7.15 9.08
CA PHE A 49 -0.30 -5.90 9.44
C PHE A 49 0.09 -4.81 8.43
N LYS A 50 1.32 -4.89 7.86
CA LYS A 50 1.76 -3.96 6.82
C LYS A 50 1.03 -4.28 5.52
N GLU A 51 0.91 -5.59 5.23
CA GLU A 51 0.30 -6.10 3.99
C GLU A 51 -1.19 -5.76 3.91
N ILE A 52 -1.91 -5.87 5.05
CA ILE A 52 -3.38 -5.61 5.09
C ILE A 52 -3.66 -4.11 5.10
N ASN A 53 -2.73 -3.34 5.71
CA ASN A 53 -2.83 -1.88 5.82
C ASN A 53 -2.39 -1.21 4.50
N GLU A 54 -1.52 -1.92 3.75
CA GLU A 54 -1.02 -1.51 2.42
C GLU A 54 -2.07 -1.86 1.38
N ALA A 55 -2.64 -3.06 1.53
CA ALA A 55 -3.75 -3.54 0.72
C ALA A 55 -4.90 -2.57 0.80
N TYR A 56 -5.30 -2.25 2.05
CA TYR A 56 -6.43 -1.37 2.32
C TYR A 56 -6.14 0.09 1.93
N ALA A 57 -4.88 0.56 2.14
CA ALA A 57 -4.48 1.95 1.79
C ALA A 57 -4.71 2.26 0.30
N VAL A 58 -4.53 1.23 -0.53
CA VAL A 58 -4.76 1.31 -1.97
C VAL A 58 -6.22 0.91 -2.33
N LEU A 59 -6.78 -0.05 -1.56
CA LEU A 59 -8.09 -0.66 -1.87
C LEU A 59 -9.26 0.13 -1.29
N SER A 60 -8.99 1.12 -0.41
CA SER A 60 -10.04 1.93 0.26
C SER A 60 -10.70 2.92 -0.71
N ASP A 61 -10.13 3.05 -1.91
CA ASP A 61 -10.54 4.05 -2.89
C ASP A 61 -10.40 3.46 -4.32
N PRO A 62 -11.47 3.56 -5.19
CA PRO A 62 -11.47 2.96 -6.55
C PRO A 62 -10.37 3.51 -7.49
N GLU A 63 -9.96 4.77 -7.25
CA GLU A 63 -8.94 5.44 -8.07
C GLU A 63 -7.55 4.90 -7.72
N LYS A 64 -7.27 4.73 -6.40
CA LYS A 64 -5.98 4.17 -5.94
C LYS A 64 -5.81 2.72 -6.44
N ARG A 65 -6.95 2.00 -6.51
CA ARG A 65 -7.01 0.60 -7.01
C ARG A 65 -6.59 0.50 -8.48
N ARG A 66 -6.66 1.60 -9.26
CA ARG A 66 -6.20 1.58 -10.65
C ARG A 66 -4.75 2.08 -10.78
N ILE A 67 -4.20 2.74 -9.73
CA ILE A 67 -2.77 3.19 -9.73
C ILE A 67 -1.85 1.95 -9.89
N TYR A 68 -1.84 1.04 -8.90
CA TYR A 68 -0.93 -0.13 -8.91
C TYR A 68 -1.29 -1.10 -10.05
N ASP A 69 -2.57 -1.05 -10.47
CA ASP A 69 -3.14 -1.85 -11.56
C ASP A 69 -2.48 -1.48 -12.91
N THR A 70 -2.52 -0.18 -13.25
CA THR A 70 -1.99 0.33 -14.54
C THR A 70 -0.45 0.47 -14.47
N TYR A 71 0.08 0.64 -13.25
CA TYR A 71 1.52 0.71 -12.97
C TYR A 71 2.04 -0.68 -12.51
N GLY A 72 3.18 -0.68 -11.80
CA GLY A 72 3.85 -1.93 -11.37
C GLY A 72 5.28 -1.90 -11.83
N THR A 73 5.46 -1.38 -13.05
CA THR A 73 6.77 -1.08 -13.63
C THR A 73 7.07 0.41 -13.37
N THR A 74 8.29 0.72 -12.94
CA THR A 74 8.75 2.10 -12.69
C THR A 74 9.62 2.62 -13.85
N GLU A 75 9.77 1.78 -14.90
CA GLU A 75 10.71 2.01 -16.02
C GLU A 75 10.09 2.94 -17.07
N ALA A 76 9.21 2.39 -17.94
CA ALA A 76 8.48 3.19 -18.94
C ALA A 76 7.37 4.04 -18.27
N PRO A 77 6.51 3.46 -17.35
CA PRO A 77 5.58 4.27 -16.53
C PRO A 77 6.29 4.74 -15.23
N PRO A 78 6.58 6.07 -15.07
CA PRO A 78 7.16 6.59 -13.81
C PRO A 78 6.09 6.68 -12.69
N PRO A 79 6.49 6.68 -11.38
CA PRO A 79 5.54 6.92 -10.26
C PRO A 79 4.87 8.33 -10.37
N PRO A 80 3.63 8.51 -9.82
CA PRO A 80 2.87 9.81 -9.89
C PRO A 80 3.68 11.07 -9.42
N PRO A 81 3.16 12.34 -9.67
CA PRO A 81 3.80 13.57 -9.14
C PRO A 81 3.87 13.58 -7.59
N PRO A 82 5.08 13.88 -6.99
CA PRO A 82 5.27 13.96 -5.51
C PRO A 82 4.32 14.97 -4.83
N GLY A 83 3.85 14.61 -3.62
CA GLY A 83 2.95 15.46 -2.83
C GLY A 83 1.51 14.99 -2.85
N GLY A 84 1.08 14.42 -4.01
CA GLY A 84 -0.29 13.94 -4.18
C GLY A 84 -0.45 12.48 -3.80
N TYR A 85 -0.09 12.16 -2.54
CA TYR A 85 -0.13 10.78 -2.00
C TYR A 85 -0.93 10.76 -0.69
N ASP A 86 -1.47 9.59 -0.35
CA ASP A 86 -2.25 9.39 0.88
C ASP A 86 -1.51 8.42 1.79
N PHE A 87 -1.38 8.80 3.08
CA PHE A 87 -0.52 8.13 4.05
C PHE A 87 -0.92 8.36 5.51
N SER A 88 -1.62 9.48 5.79
CA SER A 88 -1.97 9.87 7.16
C SER A 88 -2.92 8.82 7.80
N GLY A 89 -2.46 8.19 8.90
CA GLY A 89 -3.21 7.13 9.59
C GLY A 89 -2.68 5.74 9.27
N PHE A 90 -1.98 5.60 8.14
CA PHE A 90 -1.51 4.29 7.62
C PHE A 90 -0.02 4.11 7.90
N ASP A 91 0.73 5.23 7.86
CA ASP A 91 2.21 5.27 8.00
C ASP A 91 2.84 4.40 6.91
N VAL A 92 2.69 4.86 5.67
CA VAL A 92 3.00 4.08 4.46
C VAL A 92 4.50 4.05 4.17
N GLU A 93 5.27 4.90 4.86
CA GLU A 93 6.74 4.90 4.82
C GLU A 93 7.32 3.57 5.34
N ASP A 94 6.48 2.79 6.05
CA ASP A 94 6.88 1.52 6.69
C ASP A 94 6.26 0.30 5.96
N PHE A 95 5.66 0.55 4.77
CA PHE A 95 5.06 -0.51 3.91
C PHE A 95 6.12 -1.17 3.00
N SER A 96 5.69 -2.18 2.24
CA SER A 96 6.58 -2.98 1.38
C SER A 96 6.87 -2.25 0.04
N GLU A 97 7.75 -2.88 -0.79
CA GLU A 97 8.31 -2.31 -2.04
C GLU A 97 7.25 -1.64 -2.94
N PHE A 98 6.09 -2.31 -3.06
CA PHE A 98 5.03 -1.97 -4.02
C PHE A 98 4.48 -0.55 -3.75
N PHE A 99 4.31 -0.20 -2.47
CA PHE A 99 3.82 1.12 -2.06
C PHE A 99 5.00 2.13 -2.07
N GLN A 100 6.22 1.63 -1.79
CA GLN A 100 7.45 2.46 -1.68
C GLN A 100 7.94 2.96 -3.06
N GLU A 101 7.60 2.25 -4.13
CA GLU A 101 8.05 2.59 -5.49
C GLU A 101 7.00 3.46 -6.21
N LEU A 102 5.71 3.31 -5.85
CA LEU A 102 4.62 4.11 -6.42
C LEU A 102 4.47 5.46 -5.68
N PHE A 103 4.17 5.39 -4.38
CA PHE A 103 3.86 6.58 -3.56
C PHE A 103 5.09 7.03 -2.75
N GLY A 104 5.95 6.04 -2.44
CA GLY A 104 7.13 6.23 -1.60
C GLY A 104 8.13 7.33 -2.03
N PRO A 105 8.45 7.57 -3.37
CA PRO A 105 9.40 8.66 -3.79
C PRO A 105 9.01 10.05 -3.21
N GLY A 106 7.69 10.26 -2.99
CA GLY A 106 7.20 11.49 -2.36
C GLY A 106 7.30 11.44 -0.85
N LEU A 107 7.14 10.23 -0.29
CA LEU A 107 7.24 9.98 1.17
C LEU A 107 8.69 10.16 1.67
N PHE A 108 9.67 10.00 0.76
CA PHE A 108 11.09 10.30 1.06
C PHE A 108 11.39 11.76 0.73
N GLY A 109 10.64 12.30 -0.26
CA GLY A 109 10.82 13.66 -0.74
C GLY A 109 11.59 13.70 -2.05
N GLY A 110 12.50 12.71 -2.22
CA GLY A 110 13.37 12.64 -3.39
C GLY A 110 14.52 13.62 -3.29
N PHE A 111 14.64 14.52 -4.28
CA PHE A 111 15.64 15.61 -4.28
C PHE A 111 15.17 16.73 -3.34
N GLY A 112 16.12 17.44 -2.72
CA GLY A 112 15.77 18.43 -1.68
C GLY A 112 16.68 19.65 -1.70
N ARG A 113 17.00 20.17 -0.50
CA ARG A 113 17.81 21.38 -0.27
C ARG A 113 17.03 22.67 -0.71
N ARG A 114 15.72 22.51 -1.00
CA ARG A 114 14.85 23.62 -1.41
C ARG A 114 14.36 24.37 -0.16
N SER A 115 13.73 23.62 0.75
CA SER A 115 13.30 24.13 2.06
C SER A 115 14.33 23.67 3.13
N ARG A 116 15.22 24.59 3.50
CA ARG A 116 16.38 24.32 4.38
C ARG A 116 16.53 25.42 5.45
N LYS A 117 17.62 25.37 6.23
CA LYS A 117 17.93 26.38 7.26
C LYS A 117 19.39 26.83 7.18
N GLY A 118 19.72 27.90 7.91
CA GLY A 118 21.08 28.44 7.96
C GLY A 118 21.73 28.17 9.31
N MET A 3 10.36 -2.84 -9.56
CA MET A 3 9.66 -3.93 -10.27
C MET A 3 9.16 -4.97 -9.25
N ALA A 4 7.98 -4.69 -8.69
CA ALA A 4 7.32 -5.56 -7.71
C ALA A 4 5.88 -5.81 -8.15
N ALA A 5 5.45 -7.08 -8.16
CA ALA A 5 4.08 -7.48 -8.55
C ALA A 5 3.58 -8.67 -7.70
N LYS A 6 4.40 -9.14 -6.74
CA LYS A 6 4.03 -10.27 -5.85
C LYS A 6 3.29 -9.79 -4.59
N LYS A 7 2.76 -8.56 -4.65
CA LYS A 7 1.95 -7.96 -3.59
C LYS A 7 0.56 -7.64 -4.11
N ASP A 8 -0.26 -8.70 -4.19
CA ASP A 8 -1.66 -8.61 -4.57
C ASP A 8 -2.44 -8.07 -3.37
N TYR A 9 -2.64 -6.76 -3.33
CA TYR A 9 -3.31 -6.08 -2.20
C TYR A 9 -4.73 -6.61 -1.97
N TYR A 10 -5.37 -7.03 -3.05
CA TYR A 10 -6.66 -7.72 -3.00
C TYR A 10 -6.55 -9.07 -2.27
N ALA A 11 -5.56 -9.89 -2.67
CA ALA A 11 -5.37 -11.26 -2.13
C ALA A 11 -4.93 -11.27 -0.66
N ILE A 12 -4.24 -10.19 -0.23
CA ILE A 12 -3.87 -10.00 1.18
C ILE A 12 -5.13 -9.91 2.04
N LEU A 13 -6.06 -9.04 1.63
CA LEU A 13 -7.37 -8.89 2.31
C LEU A 13 -8.31 -10.07 2.01
N GLY A 14 -8.02 -10.80 0.90
CA GLY A 14 -8.83 -11.94 0.47
C GLY A 14 -10.01 -11.55 -0.42
N VAL A 15 -10.00 -10.30 -0.91
CA VAL A 15 -11.05 -9.75 -1.80
C VAL A 15 -10.64 -9.91 -3.29
N PRO A 16 -11.64 -9.99 -4.24
CA PRO A 16 -11.36 -10.07 -5.70
C PRO A 16 -10.86 -8.74 -6.32
N ARG A 17 -10.52 -8.78 -7.61
CA ARG A 17 -10.01 -7.60 -8.37
C ARG A 17 -11.07 -6.48 -8.45
N ASN A 18 -12.33 -6.88 -8.66
CA ASN A 18 -13.47 -5.94 -8.72
C ASN A 18 -14.24 -6.00 -7.38
N ALA A 19 -13.47 -5.95 -6.28
CA ALA A 19 -14.02 -5.92 -4.92
C ALA A 19 -14.80 -4.63 -4.66
N THR A 20 -15.93 -4.76 -3.95
CA THR A 20 -16.70 -3.62 -3.46
C THR A 20 -16.01 -3.05 -2.21
N GLN A 21 -16.07 -1.72 -2.04
CA GLN A 21 -15.46 -1.01 -0.90
C GLN A 21 -16.02 -1.51 0.46
N GLU A 22 -17.25 -2.04 0.40
CA GLU A 22 -17.96 -2.61 1.56
C GLU A 22 -17.27 -3.89 2.07
N GLU A 23 -16.80 -4.77 1.15
CA GLU A 23 -16.15 -6.04 1.53
C GLU A 23 -14.68 -5.81 1.88
N ILE A 24 -14.06 -4.79 1.27
CA ILE A 24 -12.66 -4.40 1.49
C ILE A 24 -12.42 -3.98 2.96
N LYS A 25 -13.32 -3.12 3.47
CA LYS A 25 -13.18 -2.55 4.83
C LYS A 25 -13.27 -3.67 5.90
N ARG A 26 -14.24 -4.60 5.74
CA ARG A 26 -14.46 -5.70 6.70
C ARG A 26 -13.37 -6.78 6.53
N ALA A 27 -12.77 -6.83 5.32
CA ALA A 27 -11.64 -7.73 5.01
C ALA A 27 -10.36 -7.25 5.71
N TYR A 28 -10.29 -5.93 5.93
CA TYR A 28 -9.23 -5.33 6.74
C TYR A 28 -9.44 -5.68 8.22
N LYS A 29 -10.66 -5.43 8.75
CA LYS A 29 -10.99 -5.64 10.18
C LYS A 29 -10.88 -7.12 10.60
N ARG A 30 -11.37 -8.06 9.75
CA ARG A 30 -11.34 -9.51 10.07
C ARG A 30 -9.90 -10.03 10.26
N LEU A 31 -8.95 -9.40 9.53
CA LEU A 31 -7.52 -9.75 9.60
C LEU A 31 -6.81 -8.94 10.68
N ALA A 32 -7.27 -7.69 10.88
CA ALA A 32 -6.67 -6.76 11.84
C ALA A 32 -6.86 -7.26 13.27
N ARG A 33 -8.02 -7.91 13.55
CA ARG A 33 -8.33 -8.44 14.91
C ARG A 33 -7.59 -9.76 15.18
N GLN A 34 -6.87 -10.25 14.16
CA GLN A 34 -5.99 -11.41 14.27
C GLN A 34 -4.53 -10.94 14.48
N TYR A 35 -4.19 -9.80 13.86
CA TYR A 35 -2.79 -9.28 13.83
C TYR A 35 -2.62 -8.00 14.67
N HIS A 36 -3.69 -7.60 15.40
CA HIS A 36 -3.65 -6.47 16.36
C HIS A 36 -2.65 -6.80 17.48
N PRO A 37 -1.70 -5.89 17.84
CA PRO A 37 -0.68 -6.15 18.89
C PRO A 37 -1.29 -6.62 20.24
N ASP A 38 -2.44 -6.03 20.61
CA ASP A 38 -3.17 -6.36 21.87
C ASP A 38 -3.64 -7.83 21.85
N VAL A 39 -4.09 -8.26 20.67
CA VAL A 39 -4.59 -9.62 20.40
C VAL A 39 -3.41 -10.60 20.23
N ASN A 40 -2.37 -10.13 19.54
CA ASN A 40 -1.30 -10.96 18.98
C ASN A 40 -0.14 -10.05 18.50
N LYS A 41 0.96 -10.06 19.24
CA LYS A 41 2.14 -9.20 18.98
C LYS A 41 3.35 -10.05 18.53
N SER A 42 3.07 -11.08 17.72
CA SER A 42 4.11 -11.98 17.16
C SER A 42 4.81 -11.32 15.95
N PRO A 43 6.09 -11.71 15.62
CA PRO A 43 6.81 -11.20 14.40
C PRO A 43 5.99 -11.38 13.09
N GLU A 44 5.23 -12.49 13.05
CA GLU A 44 4.34 -12.83 11.92
C GLU A 44 3.15 -11.84 11.88
N ALA A 45 2.67 -11.45 13.07
CA ALA A 45 1.54 -10.51 13.21
C ALA A 45 1.95 -9.09 12.86
N GLU A 46 3.18 -8.72 13.24
CA GLU A 46 3.74 -7.37 13.09
C GLU A 46 3.93 -7.00 11.60
N GLU A 47 4.29 -8.00 10.77
CA GLU A 47 4.50 -7.78 9.32
C GLU A 47 3.16 -7.81 8.57
N LYS A 48 2.27 -8.72 8.98
CA LYS A 48 0.94 -8.89 8.35
C LYS A 48 0.05 -7.67 8.62
N PHE A 49 0.27 -7.05 9.79
CA PHE A 49 -0.44 -5.83 10.21
C PHE A 49 -0.13 -4.66 9.26
N LYS A 50 1.06 -4.72 8.64
CA LYS A 50 1.51 -3.71 7.68
C LYS A 50 0.91 -4.00 6.30
N GLU A 51 0.91 -5.30 5.93
CA GLU A 51 0.45 -5.77 4.61
C GLU A 51 -1.06 -5.54 4.41
N ILE A 52 -1.83 -5.71 5.50
CA ILE A 52 -3.31 -5.52 5.47
C ILE A 52 -3.65 -4.02 5.43
N ASN A 53 -2.80 -3.19 6.07
CA ASN A 53 -2.93 -1.72 6.10
C ASN A 53 -2.33 -1.12 4.80
N GLU A 54 -1.45 -1.91 4.15
CA GLU A 54 -0.83 -1.56 2.84
C GLU A 54 -1.85 -1.77 1.74
N ALA A 55 -2.52 -2.91 1.86
CA ALA A 55 -3.65 -3.27 1.02
C ALA A 55 -4.75 -2.23 1.15
N TYR A 56 -5.17 -1.99 2.40
CA TYR A 56 -6.31 -1.10 2.71
C TYR A 56 -5.97 0.40 2.46
N ALA A 57 -4.69 0.79 2.51
CA ALA A 57 -4.26 2.20 2.22
C ALA A 57 -4.62 2.59 0.78
N VAL A 58 -4.46 1.62 -0.13
CA VAL A 58 -4.77 1.80 -1.55
C VAL A 58 -6.25 1.46 -1.83
N LEU A 59 -6.69 0.35 -1.21
CA LEU A 59 -8.05 -0.21 -1.40
C LEU A 59 -9.13 0.56 -0.63
N SER A 60 -8.70 1.60 0.11
CA SER A 60 -9.61 2.56 0.75
C SER A 60 -10.44 3.31 -0.31
N ASP A 61 -9.79 3.61 -1.45
CA ASP A 61 -10.38 4.40 -2.54
C ASP A 61 -10.18 3.66 -3.88
N PRO A 62 -11.21 3.58 -4.78
CA PRO A 62 -11.03 3.03 -6.14
C PRO A 62 -10.12 3.95 -6.99
N GLU A 63 -10.02 5.22 -6.53
CA GLU A 63 -9.18 6.26 -7.13
C GLU A 63 -7.69 5.93 -6.96
N LYS A 64 -7.37 5.18 -5.90
CA LYS A 64 -6.01 4.69 -5.64
C LYS A 64 -5.81 3.27 -6.18
N ARG A 65 -6.90 2.47 -6.17
CA ARG A 65 -6.89 1.08 -6.71
C ARG A 65 -6.51 1.08 -8.20
N ARG A 66 -6.96 2.12 -8.94
CA ARG A 66 -6.65 2.28 -10.37
C ARG A 66 -5.17 2.63 -10.59
N ILE A 67 -4.50 3.26 -9.58
CA ILE A 67 -3.06 3.62 -9.66
C ILE A 67 -2.21 2.36 -9.88
N TYR A 68 -2.31 1.37 -8.98
CA TYR A 68 -1.46 0.16 -9.08
C TYR A 68 -2.04 -0.84 -10.09
N ASP A 69 -3.35 -0.68 -10.41
CA ASP A 69 -4.04 -1.45 -11.47
C ASP A 69 -3.37 -1.20 -12.83
N THR A 70 -3.16 0.10 -13.14
CA THR A 70 -2.58 0.52 -14.41
C THR A 70 -1.03 0.50 -14.34
N TYR A 71 -0.48 0.81 -13.15
CA TYR A 71 0.98 0.84 -12.93
C TYR A 71 1.43 -0.47 -12.30
N GLY A 72 1.78 -1.40 -13.18
CA GLY A 72 2.32 -2.71 -12.83
C GLY A 72 3.48 -3.09 -13.71
N THR A 73 4.01 -2.08 -14.43
CA THR A 73 5.07 -2.27 -15.44
C THR A 73 5.87 -0.95 -15.58
N THR A 74 7.19 -1.05 -15.84
CA THR A 74 8.08 0.12 -15.98
C THR A 74 8.00 0.76 -17.38
N GLU A 75 7.22 0.13 -18.27
CA GLU A 75 6.83 0.71 -19.56
C GLU A 75 5.74 1.77 -19.37
N ALA A 76 4.86 1.50 -18.39
CA ALA A 76 3.77 2.42 -18.00
C ALA A 76 4.36 3.75 -17.48
N PRO A 77 3.68 4.92 -17.73
CA PRO A 77 4.18 6.27 -17.32
C PRO A 77 4.45 6.39 -15.79
N PRO A 78 5.24 7.42 -15.32
CA PRO A 78 5.49 7.67 -13.88
C PRO A 78 4.18 7.88 -13.06
N PRO A 79 4.22 7.62 -11.70
CA PRO A 79 3.03 7.77 -10.81
C PRO A 79 2.47 9.23 -10.76
N PRO A 80 1.19 9.44 -10.32
CA PRO A 80 0.55 10.81 -10.20
C PRO A 80 1.39 11.83 -9.37
N PRO A 81 1.09 13.18 -9.47
CA PRO A 81 1.82 14.27 -8.74
C PRO A 81 2.21 13.93 -7.27
N PRO A 82 3.54 14.02 -6.92
CA PRO A 82 4.07 13.58 -5.60
C PRO A 82 3.39 14.26 -4.39
N GLY A 83 3.06 13.46 -3.38
CA GLY A 83 2.38 13.94 -2.16
C GLY A 83 0.86 13.75 -2.23
N GLY A 84 0.30 13.62 -3.45
CA GLY A 84 -1.14 13.38 -3.63
C GLY A 84 -1.49 11.91 -3.46
N TYR A 85 -1.23 11.40 -2.25
CA TYR A 85 -1.37 9.98 -1.90
C TYR A 85 -2.00 9.84 -0.50
N ASP A 86 -2.71 8.73 -0.28
CA ASP A 86 -3.30 8.42 1.03
C ASP A 86 -2.27 7.65 1.87
N PHE A 87 -1.57 8.39 2.73
CA PHE A 87 -0.57 7.84 3.65
C PHE A 87 -0.72 8.43 5.06
N SER A 88 -1.62 9.42 5.21
CA SER A 88 -1.87 10.13 6.47
C SER A 88 -2.47 9.16 7.51
N GLY A 89 -1.65 8.77 8.50
CA GLY A 89 -2.08 7.88 9.58
C GLY A 89 -1.91 6.40 9.28
N PHE A 90 -1.19 6.09 8.19
CA PHE A 90 -0.91 4.70 7.77
C PHE A 90 0.58 4.35 7.98
N ASP A 91 1.45 5.37 7.80
CA ASP A 91 2.92 5.21 7.83
C ASP A 91 3.37 4.19 6.79
N VAL A 92 3.18 4.58 5.52
CA VAL A 92 3.34 3.71 4.37
C VAL A 92 4.80 3.53 3.95
N GLU A 93 5.68 4.37 4.51
CA GLU A 93 7.14 4.29 4.28
C GLU A 93 7.75 2.98 4.85
N ASP A 94 6.96 2.25 5.66
CA ASP A 94 7.36 0.99 6.29
C ASP A 94 6.95 -0.23 5.42
N PHE A 95 6.07 0.00 4.44
CA PHE A 95 5.43 -1.08 3.63
C PHE A 95 6.38 -1.63 2.56
N SER A 96 5.94 -2.68 1.84
CA SER A 96 6.77 -3.45 0.90
C SER A 96 7.11 -2.65 -0.38
N GLU A 97 8.05 -3.21 -1.20
CA GLU A 97 8.60 -2.57 -2.43
C GLU A 97 7.54 -2.07 -3.40
N PHE A 98 6.41 -2.80 -3.45
CA PHE A 98 5.27 -2.49 -4.32
C PHE A 98 4.74 -1.06 -4.05
N PHE A 99 4.65 -0.71 -2.75
CA PHE A 99 4.16 0.59 -2.29
C PHE A 99 5.31 1.64 -2.41
N GLN A 100 6.55 1.17 -2.20
CA GLN A 100 7.76 2.03 -2.12
C GLN A 100 8.22 2.52 -3.52
N GLU A 101 7.91 1.75 -4.57
CA GLU A 101 8.31 2.10 -5.96
C GLU A 101 7.24 2.94 -6.64
N LEU A 102 5.97 2.77 -6.21
CA LEU A 102 4.82 3.45 -6.83
C LEU A 102 4.55 4.78 -6.11
N PHE A 103 4.11 4.68 -4.85
CA PHE A 103 3.69 5.85 -4.06
C PHE A 103 4.93 6.49 -3.38
N GLY A 104 5.99 5.68 -3.23
CA GLY A 104 7.24 6.09 -2.59
C GLY A 104 7.91 7.35 -3.18
N PRO A 105 8.02 7.51 -4.55
CA PRO A 105 8.39 8.81 -5.20
C PRO A 105 7.62 10.06 -4.68
N GLY A 106 6.38 9.84 -4.23
CA GLY A 106 5.56 10.90 -3.63
C GLY A 106 5.82 11.07 -2.15
N LEU A 107 6.20 9.97 -1.49
CA LEU A 107 6.59 9.93 -0.07
C LEU A 107 8.01 10.52 0.11
N PHE A 108 8.81 10.41 -0.95
CA PHE A 108 10.22 10.86 -0.99
C PHE A 108 10.42 11.63 -2.29
N GLY A 109 10.29 12.96 -2.19
CA GLY A 109 10.34 13.85 -3.35
C GLY A 109 11.69 13.86 -4.07
N GLY A 110 12.75 13.44 -3.34
CA GLY A 110 14.13 13.40 -3.86
C GLY A 110 15.01 14.47 -3.23
N PHE A 111 14.41 15.30 -2.35
CA PHE A 111 15.09 16.43 -1.69
C PHE A 111 16.16 15.94 -0.71
N GLY A 112 17.11 16.85 -0.45
CA GLY A 112 18.26 16.58 0.38
C GLY A 112 19.38 15.94 -0.43
N ARG A 113 19.30 16.07 -1.76
CA ARG A 113 20.26 15.50 -2.71
C ARG A 113 21.54 16.35 -2.73
N ARG A 114 22.47 16.05 -1.79
CA ARG A 114 23.83 16.64 -1.75
C ARG A 114 24.84 15.56 -2.18
N SER A 115 24.52 14.30 -1.84
CA SER A 115 25.29 13.13 -2.26
C SER A 115 25.04 12.81 -3.76
N ARG A 116 26.00 12.12 -4.39
CA ARG A 116 25.93 11.70 -5.80
C ARG A 116 26.59 10.32 -5.95
N LYS A 117 26.02 9.47 -6.83
CA LYS A 117 26.59 8.13 -7.12
C LYS A 117 27.83 8.32 -8.02
N GLY A 118 29.00 8.39 -7.38
CA GLY A 118 30.29 8.51 -8.07
C GLY A 118 31.18 7.29 -7.81
N MET A 3 11.07 -2.90 -8.35
CA MET A 3 11.31 -4.34 -8.51
C MET A 3 10.56 -5.09 -7.41
N ALA A 4 9.23 -5.25 -7.59
CA ALA A 4 8.36 -5.88 -6.60
C ALA A 4 7.03 -6.31 -7.24
N ALA A 5 6.45 -7.39 -6.67
CA ALA A 5 5.14 -7.94 -7.08
C ALA A 5 4.68 -8.95 -6.01
N LYS A 6 5.13 -8.73 -4.77
CA LYS A 6 5.03 -9.71 -3.67
C LYS A 6 3.70 -9.61 -2.90
N LYS A 7 2.83 -8.68 -3.34
CA LYS A 7 1.64 -8.27 -2.58
C LYS A 7 0.53 -7.82 -3.54
N ASP A 8 -0.50 -8.66 -3.67
CA ASP A 8 -1.74 -8.30 -4.34
C ASP A 8 -2.69 -7.78 -3.27
N TYR A 9 -2.98 -6.48 -3.31
CA TYR A 9 -3.71 -5.79 -2.23
C TYR A 9 -5.12 -6.35 -2.01
N TYR A 10 -5.74 -6.88 -3.07
CA TYR A 10 -7.04 -7.54 -2.97
C TYR A 10 -6.90 -8.93 -2.33
N ALA A 11 -5.84 -9.67 -2.72
CA ALA A 11 -5.59 -11.05 -2.24
C ALA A 11 -5.08 -11.08 -0.80
N ILE A 12 -4.56 -9.93 -0.31
CA ILE A 12 -4.19 -9.77 1.11
C ILE A 12 -5.47 -9.78 1.96
N LEU A 13 -6.45 -8.93 1.56
CA LEU A 13 -7.75 -8.80 2.27
C LEU A 13 -8.69 -9.99 1.95
N GLY A 14 -8.38 -10.73 0.87
CA GLY A 14 -9.17 -11.90 0.44
C GLY A 14 -10.35 -11.55 -0.45
N VAL A 15 -10.38 -10.30 -0.95
CA VAL A 15 -11.47 -9.77 -1.81
C VAL A 15 -11.08 -9.84 -3.31
N PRO A 16 -12.09 -9.83 -4.25
CA PRO A 16 -11.84 -9.79 -5.72
C PRO A 16 -11.48 -8.37 -6.22
N ARG A 17 -11.18 -8.25 -7.52
CA ARG A 17 -10.91 -6.95 -8.19
C ARG A 17 -12.12 -6.01 -8.13
N ASN A 18 -13.33 -6.58 -8.25
CA ASN A 18 -14.60 -5.82 -8.19
C ASN A 18 -15.12 -5.76 -6.74
N ALA A 19 -14.19 -5.69 -5.78
CA ALA A 19 -14.50 -5.54 -4.36
C ALA A 19 -15.09 -4.14 -4.07
N THR A 20 -16.26 -4.13 -3.42
CA THR A 20 -16.94 -2.88 -2.99
C THR A 20 -16.44 -2.46 -1.60
N GLN A 21 -16.61 -1.17 -1.25
CA GLN A 21 -16.21 -0.61 0.06
C GLN A 21 -16.90 -1.31 1.23
N GLU A 22 -18.10 -1.89 0.97
CA GLU A 22 -18.87 -2.66 1.97
C GLU A 22 -18.02 -3.86 2.48
N GLU A 23 -17.39 -4.58 1.53
CA GLU A 23 -16.64 -5.81 1.82
C GLU A 23 -15.16 -5.51 2.13
N ILE A 24 -14.59 -4.45 1.52
CA ILE A 24 -13.16 -4.08 1.67
C ILE A 24 -12.84 -3.70 3.12
N LYS A 25 -13.72 -2.88 3.73
CA LYS A 25 -13.50 -2.37 5.10
C LYS A 25 -13.51 -3.53 6.12
N ARG A 26 -14.50 -4.43 6.03
CA ARG A 26 -14.62 -5.57 6.97
C ARG A 26 -13.54 -6.62 6.68
N ALA A 27 -13.00 -6.61 5.44
CA ALA A 27 -11.89 -7.49 5.02
C ALA A 27 -10.57 -7.01 5.61
N TYR A 28 -10.51 -5.72 5.96
CA TYR A 28 -9.43 -5.17 6.78
C TYR A 28 -9.61 -5.66 8.24
N LYS A 29 -10.85 -5.49 8.79
CA LYS A 29 -11.17 -5.81 10.21
C LYS A 29 -10.87 -7.28 10.56
N ARG A 30 -11.28 -8.22 9.67
CA ARG A 30 -11.12 -9.68 9.89
C ARG A 30 -9.64 -10.03 10.14
N LEU A 31 -8.74 -9.28 9.48
CA LEU A 31 -7.29 -9.50 9.55
C LEU A 31 -6.63 -8.60 10.61
N ALA A 32 -7.26 -7.43 10.85
CA ALA A 32 -6.75 -6.40 11.79
C ALA A 32 -6.82 -6.90 13.23
N ARG A 33 -7.64 -7.93 13.47
CA ARG A 33 -7.77 -8.57 14.79
C ARG A 33 -6.87 -9.82 14.89
N GLN A 34 -6.36 -10.32 13.74
CA GLN A 34 -5.48 -11.53 13.71
C GLN A 34 -4.03 -11.13 13.92
N TYR A 35 -3.63 -10.06 13.23
CA TYR A 35 -2.24 -9.58 13.18
C TYR A 35 -2.02 -8.43 14.17
N HIS A 36 -3.03 -8.21 15.03
CA HIS A 36 -3.12 -7.06 15.92
C HIS A 36 -2.00 -7.13 16.98
N PRO A 37 -1.28 -6.01 17.31
CA PRO A 37 -0.12 -6.01 18.26
C PRO A 37 -0.46 -6.54 19.67
N ASP A 38 -1.77 -6.65 19.95
CA ASP A 38 -2.30 -7.21 21.20
C ASP A 38 -2.53 -8.72 21.07
N VAL A 39 -3.21 -9.10 19.97
CA VAL A 39 -3.64 -10.49 19.70
C VAL A 39 -2.46 -11.40 19.34
N ASN A 40 -1.58 -10.88 18.47
CA ASN A 40 -0.51 -11.63 17.82
C ASN A 40 0.50 -10.65 17.21
N LYS A 41 1.71 -10.65 17.76
CA LYS A 41 2.77 -9.70 17.43
C LYS A 41 4.06 -10.46 17.09
N SER A 42 3.88 -11.60 16.41
CA SER A 42 4.99 -12.40 15.86
C SER A 42 5.60 -11.66 14.64
N PRO A 43 6.87 -11.99 14.20
CA PRO A 43 7.49 -11.34 13.01
C PRO A 43 6.68 -11.58 11.71
N GLU A 44 5.95 -12.72 11.67
CA GLU A 44 5.05 -13.07 10.57
C GLU A 44 3.73 -12.25 10.64
N ALA A 45 3.37 -11.77 11.83
CA ALA A 45 2.12 -11.01 12.05
C ALA A 45 2.33 -9.51 11.84
N GLU A 46 3.49 -9.01 12.33
CA GLU A 46 3.83 -7.56 12.31
C GLU A 46 3.84 -7.00 10.88
N GLU A 47 4.32 -7.84 9.95
CA GLU A 47 4.52 -7.48 8.54
C GLU A 47 3.17 -7.47 7.80
N LYS A 48 2.30 -8.45 8.12
CA LYS A 48 0.95 -8.54 7.53
C LYS A 48 0.06 -7.43 8.08
N PHE A 49 0.35 -6.99 9.33
CA PHE A 49 -0.37 -5.88 9.96
C PHE A 49 -0.10 -4.58 9.19
N LYS A 50 1.02 -4.55 8.44
CA LYS A 50 1.35 -3.44 7.56
C LYS A 50 0.67 -3.66 6.22
N GLU A 51 0.70 -4.92 5.74
CA GLU A 51 0.15 -5.31 4.42
C GLU A 51 -1.38 -5.14 4.35
N ILE A 52 -2.06 -5.21 5.50
CA ILE A 52 -3.54 -5.07 5.56
C ILE A 52 -3.93 -3.59 5.64
N ASN A 53 -3.12 -2.78 6.36
CA ASN A 53 -3.24 -1.31 6.39
C ASN A 53 -2.89 -0.72 5.01
N GLU A 54 -1.97 -1.41 4.33
CA GLU A 54 -1.44 -1.09 3.01
C GLU A 54 -2.48 -1.38 1.94
N ALA A 55 -2.99 -2.62 2.00
CA ALA A 55 -4.04 -3.11 1.11
C ALA A 55 -5.29 -2.25 1.23
N TYR A 56 -5.63 -1.87 2.47
CA TYR A 56 -6.80 -1.03 2.76
C TYR A 56 -6.58 0.42 2.32
N ALA A 57 -5.33 0.93 2.46
CA ALA A 57 -4.99 2.31 2.03
C ALA A 57 -5.16 2.48 0.50
N VAL A 58 -4.80 1.42 -0.23
CA VAL A 58 -4.96 1.35 -1.68
C VAL A 58 -6.46 1.15 -2.04
N LEU A 59 -7.08 0.19 -1.36
CA LEU A 59 -8.46 -0.26 -1.68
C LEU A 59 -9.55 0.64 -1.09
N SER A 60 -9.21 1.63 -0.23
CA SER A 60 -10.21 2.56 0.32
C SER A 60 -10.65 3.57 -0.75
N ASP A 61 -9.69 4.02 -1.57
CA ASP A 61 -9.98 4.87 -2.75
C ASP A 61 -10.03 3.98 -4.00
N PRO A 62 -11.05 4.13 -4.88
CA PRO A 62 -11.05 3.48 -6.22
C PRO A 62 -9.83 3.92 -7.07
N GLU A 63 -9.36 5.13 -6.75
CA GLU A 63 -8.22 5.77 -7.39
C GLU A 63 -6.90 5.04 -7.12
N LYS A 64 -6.55 4.83 -5.82
CA LYS A 64 -5.25 4.24 -5.43
C LYS A 64 -5.09 2.80 -5.96
N ARG A 65 -6.24 2.12 -6.11
CA ARG A 65 -6.34 0.79 -6.74
C ARG A 65 -5.84 0.86 -8.19
N ARG A 66 -6.33 1.89 -8.93
CA ARG A 66 -6.05 2.05 -10.37
C ARG A 66 -4.56 2.35 -10.59
N ILE A 67 -3.91 2.99 -9.59
CA ILE A 67 -2.46 3.27 -9.61
C ILE A 67 -1.67 1.95 -9.76
N TYR A 68 -1.78 1.05 -8.76
CA TYR A 68 -0.98 -0.20 -8.75
C TYR A 68 -1.44 -1.16 -9.87
N ASP A 69 -2.72 -1.02 -10.26
CA ASP A 69 -3.38 -1.83 -11.30
C ASP A 69 -2.73 -1.61 -12.68
N THR A 70 -2.68 -0.34 -13.10
CA THR A 70 -2.15 0.05 -14.43
C THR A 70 -0.61 0.08 -14.42
N TYR A 71 -0.03 0.42 -13.25
CA TYR A 71 1.42 0.47 -13.04
C TYR A 71 1.91 -0.88 -12.48
N GLY A 72 3.03 -0.87 -11.74
CA GLY A 72 3.62 -2.10 -11.19
C GLY A 72 4.67 -2.68 -12.12
N THR A 73 4.49 -2.47 -13.45
CA THR A 73 5.40 -2.97 -14.49
C THR A 73 6.60 -2.02 -14.64
N THR A 74 7.70 -2.57 -15.17
CA THR A 74 8.93 -1.82 -15.47
C THR A 74 8.73 -0.84 -16.65
N GLU A 75 7.75 -1.17 -17.52
CA GLU A 75 7.45 -0.41 -18.75
C GLU A 75 6.49 0.76 -18.49
N ALA A 76 5.69 0.64 -17.43
CA ALA A 76 4.69 1.66 -17.01
C ALA A 76 5.34 3.05 -16.78
N PRO A 77 4.63 4.17 -17.16
CA PRO A 77 5.13 5.55 -16.93
C PRO A 77 5.36 5.87 -15.43
N PRO A 78 6.16 6.95 -15.10
CA PRO A 78 6.41 7.35 -13.70
C PRO A 78 5.09 7.64 -12.93
N PRO A 79 5.00 7.28 -11.61
CA PRO A 79 3.81 7.57 -10.79
C PRO A 79 3.57 9.10 -10.67
N PRO A 80 2.28 9.55 -10.54
CA PRO A 80 1.93 11.01 -10.55
C PRO A 80 2.67 11.81 -9.43
N PRO A 81 3.03 13.11 -9.68
CA PRO A 81 3.78 13.96 -8.70
C PRO A 81 3.12 14.02 -7.31
N PRO A 82 3.93 14.20 -6.20
CA PRO A 82 3.43 14.27 -4.80
C PRO A 82 2.25 15.25 -4.60
N GLY A 83 1.38 14.94 -3.64
CA GLY A 83 0.18 15.71 -3.36
C GLY A 83 -1.08 15.04 -3.90
N GLY A 84 -0.97 13.74 -4.23
CA GLY A 84 -2.10 12.95 -4.73
C GLY A 84 -2.30 11.64 -3.99
N TYR A 85 -1.42 11.35 -3.00
CA TYR A 85 -1.48 10.10 -2.21
C TYR A 85 -2.02 10.39 -0.80
N ASP A 86 -2.62 9.36 -0.19
CA ASP A 86 -3.23 9.44 1.15
C ASP A 86 -2.48 8.50 2.11
N PHE A 87 -1.92 9.07 3.18
CA PHE A 87 -0.99 8.37 4.09
C PHE A 87 -1.02 8.91 5.53
N SER A 88 -1.79 9.98 5.77
CA SER A 88 -1.88 10.62 7.09
C SER A 88 -2.67 9.71 8.06
N GLY A 89 -1.95 9.08 9.01
CA GLY A 89 -2.51 8.16 9.99
C GLY A 89 -2.18 6.70 9.67
N PHE A 90 -1.69 6.45 8.45
CA PHE A 90 -1.31 5.09 7.98
C PHE A 90 0.21 4.90 8.10
N ASP A 91 0.95 6.01 7.88
CA ASP A 91 2.44 6.04 7.92
C ASP A 91 3.02 5.00 6.93
N VAL A 92 2.63 5.19 5.67
CA VAL A 92 2.83 4.21 4.58
C VAL A 92 4.31 4.05 4.15
N GLU A 93 5.15 4.97 4.63
CA GLU A 93 6.61 4.93 4.39
C GLU A 93 7.26 3.66 4.99
N ASP A 94 6.55 3.01 5.94
CA ASP A 94 6.99 1.76 6.59
C ASP A 94 6.79 0.53 5.69
N PHE A 95 5.85 0.65 4.73
CA PHE A 95 5.39 -0.49 3.91
C PHE A 95 6.48 -0.91 2.92
N SER A 96 6.35 -2.10 2.32
CA SER A 96 7.46 -2.72 1.55
C SER A 96 7.57 -2.17 0.11
N GLU A 97 8.50 -2.75 -0.67
CA GLU A 97 9.05 -2.18 -1.91
C GLU A 97 7.98 -1.77 -2.96
N PHE A 98 6.90 -2.56 -3.04
CA PHE A 98 5.84 -2.37 -4.07
C PHE A 98 4.99 -1.11 -3.81
N PHE A 99 4.91 -0.68 -2.54
CA PHE A 99 4.22 0.56 -2.16
C PHE A 99 5.21 1.73 -2.25
N GLN A 100 6.50 1.43 -1.97
CA GLN A 100 7.58 2.44 -1.96
C GLN A 100 8.05 2.83 -3.38
N GLU A 101 7.76 1.96 -4.38
CA GLU A 101 8.14 2.23 -5.79
C GLU A 101 7.06 3.07 -6.51
N LEU A 102 5.80 2.97 -6.05
CA LEU A 102 4.67 3.73 -6.61
C LEU A 102 4.41 5.02 -5.81
N PHE A 103 4.00 4.85 -4.56
CA PHE A 103 3.55 5.97 -3.72
C PHE A 103 4.75 6.67 -3.06
N GLY A 104 5.87 5.91 -2.92
CA GLY A 104 7.11 6.41 -2.33
C GLY A 104 7.70 7.66 -3.01
N PRO A 105 7.83 7.70 -4.38
CA PRO A 105 8.16 8.95 -5.15
C PRO A 105 7.33 10.20 -4.77
N GLY A 106 6.15 9.98 -4.19
CA GLY A 106 5.32 11.06 -3.63
C GLY A 106 5.64 11.34 -2.17
N LEU A 107 5.86 10.26 -1.41
CA LEU A 107 6.11 10.29 0.05
C LEU A 107 7.41 11.05 0.40
N PHE A 108 8.48 10.72 -0.33
CA PHE A 108 9.78 11.40 -0.21
C PHE A 108 10.18 11.96 -1.59
N GLY A 109 11.36 12.61 -1.66
CA GLY A 109 11.86 13.22 -2.90
C GLY A 109 12.29 12.19 -3.94
N GLY A 110 11.29 11.65 -4.66
CA GLY A 110 11.51 10.71 -5.76
C GLY A 110 11.01 11.31 -7.06
N PHE A 111 11.86 12.16 -7.66
CA PHE A 111 11.53 12.91 -8.89
C PHE A 111 11.59 12.03 -10.13
N GLY A 112 10.48 11.29 -10.39
CA GLY A 112 10.25 10.61 -11.64
C GLY A 112 11.33 9.62 -11.99
N ARG A 113 12.16 9.99 -12.98
CA ARG A 113 13.35 9.24 -13.42
C ARG A 113 13.00 7.81 -13.88
N ARG A 114 11.74 7.63 -14.29
CA ARG A 114 11.22 6.39 -14.89
C ARG A 114 10.94 6.62 -16.39
N SER A 115 11.34 7.81 -16.89
CA SER A 115 11.13 8.24 -18.28
C SER A 115 11.97 9.50 -18.58
N ARG A 116 11.99 9.90 -19.86
CA ARG A 116 12.66 11.12 -20.34
C ARG A 116 11.69 11.89 -21.24
N LYS A 117 11.61 13.22 -21.09
CA LYS A 117 10.80 14.09 -21.98
C LYS A 117 11.52 15.42 -22.23
N GLY A 118 10.86 16.34 -22.98
CA GLY A 118 11.41 17.66 -23.28
C GLY A 118 11.36 18.59 -22.06
N MET A 3 12.57 -5.83 -4.80
CA MET A 3 11.65 -6.04 -5.94
C MET A 3 10.21 -5.99 -5.43
N ALA A 4 9.40 -5.12 -6.05
CA ALA A 4 7.97 -4.96 -5.74
C ALA A 4 7.13 -5.72 -6.78
N ALA A 5 5.84 -5.30 -6.94
CA ALA A 5 4.86 -5.94 -7.85
C ALA A 5 4.42 -7.34 -7.36
N LYS A 6 4.78 -7.68 -6.09
CA LYS A 6 4.61 -9.05 -5.54
C LYS A 6 3.48 -9.13 -4.50
N LYS A 7 3.05 -7.98 -3.94
CA LYS A 7 1.90 -7.95 -3.01
C LYS A 7 0.59 -7.83 -3.80
N ASP A 8 -0.06 -8.97 -4.00
CA ASP A 8 -1.42 -9.00 -4.54
C ASP A 8 -2.39 -8.49 -3.44
N TYR A 9 -2.70 -7.18 -3.50
CA TYR A 9 -3.50 -6.47 -2.48
C TYR A 9 -4.87 -7.13 -2.23
N TYR A 10 -5.48 -7.69 -3.29
CA TYR A 10 -6.76 -8.39 -3.20
C TYR A 10 -6.62 -9.70 -2.40
N ALA A 11 -5.52 -10.45 -2.65
CA ALA A 11 -5.26 -11.74 -1.98
C ALA A 11 -4.91 -11.54 -0.49
N ILE A 12 -4.27 -10.40 -0.17
CA ILE A 12 -3.93 -10.01 1.21
C ILE A 12 -5.22 -9.82 2.03
N LEU A 13 -6.15 -8.97 1.51
CA LEU A 13 -7.44 -8.70 2.17
C LEU A 13 -8.44 -9.87 1.98
N GLY A 14 -8.09 -10.82 1.08
CA GLY A 14 -8.92 -11.99 0.81
C GLY A 14 -10.18 -11.68 0.02
N VAL A 15 -10.14 -10.56 -0.73
CA VAL A 15 -11.24 -10.08 -1.57
C VAL A 15 -10.95 -10.36 -3.07
N PRO A 16 -12.02 -10.49 -3.93
CA PRO A 16 -11.85 -10.65 -5.41
C PRO A 16 -11.38 -9.35 -6.11
N ARG A 17 -11.28 -9.40 -7.45
CA ARG A 17 -10.76 -8.29 -8.29
C ARG A 17 -11.75 -7.11 -8.32
N ASN A 18 -13.04 -7.45 -8.45
CA ASN A 18 -14.15 -6.48 -8.54
C ASN A 18 -14.78 -6.23 -7.15
N ALA A 19 -13.96 -6.48 -6.10
CA ALA A 19 -14.38 -6.32 -4.68
C ALA A 19 -14.93 -4.92 -4.41
N THR A 20 -16.11 -4.86 -3.76
CA THR A 20 -16.76 -3.58 -3.44
C THR A 20 -16.05 -2.94 -2.24
N GLN A 21 -16.08 -1.60 -2.16
CA GLN A 21 -15.39 -0.84 -1.10
C GLN A 21 -15.91 -1.23 0.31
N GLU A 22 -17.18 -1.68 0.34
CA GLU A 22 -17.89 -2.08 1.58
C GLU A 22 -17.34 -3.42 2.13
N GLU A 23 -16.88 -4.32 1.22
CA GLU A 23 -16.28 -5.62 1.64
C GLU A 23 -14.78 -5.46 1.90
N ILE A 24 -14.13 -4.52 1.19
CA ILE A 24 -12.69 -4.22 1.35
C ILE A 24 -12.39 -3.70 2.77
N LYS A 25 -13.25 -2.76 3.24
CA LYS A 25 -13.09 -2.15 4.56
C LYS A 25 -13.25 -3.20 5.68
N ARG A 26 -14.30 -4.06 5.60
CA ARG A 26 -14.53 -5.10 6.62
C ARG A 26 -13.48 -6.24 6.49
N ALA A 27 -12.86 -6.36 5.29
CA ALA A 27 -11.78 -7.33 5.04
C ALA A 27 -10.50 -6.92 5.75
N TYR A 28 -10.25 -5.61 5.82
CA TYR A 28 -9.15 -5.05 6.59
C TYR A 28 -9.37 -5.33 8.09
N LYS A 29 -10.59 -5.04 8.58
CA LYS A 29 -10.97 -5.20 10.00
C LYS A 29 -10.90 -6.66 10.46
N ARG A 30 -11.42 -7.60 9.64
CA ARG A 30 -11.47 -9.04 10.01
C ARG A 30 -10.05 -9.60 10.21
N LEU A 31 -9.10 -9.09 9.39
CA LEU A 31 -7.68 -9.49 9.44
C LEU A 31 -6.94 -8.69 10.50
N ALA A 32 -7.38 -7.44 10.72
CA ALA A 32 -6.78 -6.54 11.73
C ALA A 32 -6.90 -7.19 13.10
N ARG A 33 -8.06 -7.86 13.36
CA ARG A 33 -8.34 -8.53 14.63
C ARG A 33 -7.31 -9.64 14.87
N GLN A 34 -6.91 -10.31 13.77
CA GLN A 34 -5.99 -11.45 13.77
C GLN A 34 -4.53 -10.99 13.96
N TYR A 35 -4.18 -9.85 13.33
CA TYR A 35 -2.79 -9.34 13.29
C TYR A 35 -2.60 -8.14 14.24
N HIS A 36 -3.55 -7.92 15.16
CA HIS A 36 -3.39 -6.92 16.25
C HIS A 36 -2.31 -7.42 17.23
N PRO A 37 -1.32 -6.55 17.63
CA PRO A 37 -0.17 -6.96 18.48
C PRO A 37 -0.58 -7.60 19.82
N ASP A 38 -1.68 -7.11 20.42
CA ASP A 38 -2.20 -7.63 21.71
C ASP A 38 -2.76 -9.07 21.53
N VAL A 39 -3.44 -9.26 20.40
CA VAL A 39 -4.01 -10.55 19.98
C VAL A 39 -2.90 -11.55 19.59
N ASN A 40 -1.88 -11.00 18.91
CA ASN A 40 -0.86 -11.78 18.21
C ASN A 40 0.36 -10.87 17.97
N LYS A 41 1.41 -11.06 18.78
CA LYS A 41 2.64 -10.24 18.72
C LYS A 41 3.80 -11.07 18.16
N SER A 42 3.48 -11.92 17.18
CA SER A 42 4.47 -12.62 16.37
C SER A 42 5.10 -11.62 15.36
N PRO A 43 6.43 -11.76 15.00
CA PRO A 43 7.07 -10.91 13.96
C PRO A 43 6.39 -11.05 12.57
N GLU A 44 5.62 -12.13 12.42
CA GLU A 44 4.70 -12.35 11.29
C GLU A 44 3.55 -11.33 11.34
N ALA A 45 2.94 -11.19 12.52
CA ALA A 45 1.76 -10.32 12.70
C ALA A 45 2.09 -8.84 12.48
N GLU A 46 3.33 -8.44 12.83
CA GLU A 46 3.76 -7.02 12.73
C GLU A 46 3.99 -6.62 11.26
N GLU A 47 4.44 -7.59 10.41
CA GLU A 47 4.67 -7.34 8.98
C GLU A 47 3.34 -7.44 8.20
N LYS A 48 2.49 -8.42 8.59
CA LYS A 48 1.17 -8.63 7.96
C LYS A 48 0.23 -7.49 8.29
N PHE A 49 0.46 -6.84 9.45
CA PHE A 49 -0.32 -5.67 9.87
C PHE A 49 -0.07 -4.50 8.91
N LYS A 50 1.16 -4.43 8.35
CA LYS A 50 1.52 -3.41 7.37
C LYS A 50 0.86 -3.76 6.04
N GLU A 51 0.90 -5.07 5.69
CA GLU A 51 0.41 -5.60 4.40
C GLU A 51 -1.10 -5.39 4.22
N ILE A 52 -1.87 -5.65 5.29
CA ILE A 52 -3.34 -5.49 5.27
C ILE A 52 -3.72 -4.00 5.25
N ASN A 53 -2.87 -3.17 5.88
CA ASN A 53 -3.04 -1.69 5.92
C ASN A 53 -2.49 -1.05 4.63
N GLU A 54 -1.59 -1.78 3.94
CA GLU A 54 -0.96 -1.36 2.67
C GLU A 54 -1.94 -1.60 1.53
N ALA A 55 -2.57 -2.79 1.61
CA ALA A 55 -3.65 -3.19 0.74
C ALA A 55 -4.84 -2.25 0.91
N TYR A 56 -5.22 -1.96 2.18
CA TYR A 56 -6.38 -1.11 2.47
C TYR A 56 -6.12 0.37 2.15
N ALA A 57 -4.88 0.86 2.32
CA ALA A 57 -4.55 2.29 2.07
C ALA A 57 -4.79 2.68 0.59
N VAL A 58 -4.59 1.70 -0.31
CA VAL A 58 -4.80 1.86 -1.75
C VAL A 58 -6.26 1.50 -2.11
N LEU A 59 -6.74 0.38 -1.56
CA LEU A 59 -8.09 -0.16 -1.81
C LEU A 59 -9.17 0.59 -1.03
N SER A 60 -8.77 1.61 -0.24
CA SER A 60 -9.69 2.49 0.50
C SER A 60 -10.58 3.28 -0.49
N ASP A 61 -10.01 3.59 -1.67
CA ASP A 61 -10.68 4.39 -2.70
C ASP A 61 -10.49 3.73 -4.08
N PRO A 62 -11.53 3.75 -4.97
CA PRO A 62 -11.44 3.18 -6.33
C PRO A 62 -10.45 3.96 -7.22
N GLU A 63 -10.31 5.27 -6.92
CA GLU A 63 -9.42 6.20 -7.64
C GLU A 63 -7.94 5.78 -7.46
N LYS A 64 -7.61 5.13 -6.31
CA LYS A 64 -6.25 4.69 -5.98
C LYS A 64 -6.03 3.23 -6.42
N ARG A 65 -7.15 2.47 -6.51
CA ARG A 65 -7.14 1.08 -6.99
C ARG A 65 -6.69 0.98 -8.46
N ARG A 66 -6.83 2.07 -9.24
CA ARG A 66 -6.38 2.10 -10.63
C ARG A 66 -4.87 2.37 -10.73
N ILE A 67 -4.27 3.05 -9.71
CA ILE A 67 -2.83 3.40 -9.69
C ILE A 67 -1.96 2.15 -9.81
N TYR A 68 -2.06 1.25 -8.83
CA TYR A 68 -1.19 0.05 -8.76
C TYR A 68 -1.60 -0.98 -9.84
N ASP A 69 -2.87 -0.88 -10.28
CA ASP A 69 -3.45 -1.79 -11.27
C ASP A 69 -2.82 -1.56 -12.65
N THR A 70 -2.79 -0.28 -13.08
CA THR A 70 -2.24 0.10 -14.40
C THR A 70 -0.69 0.16 -14.35
N TYR A 71 -0.12 0.38 -13.15
CA TYR A 71 1.34 0.37 -12.93
C TYR A 71 1.81 -1.05 -12.56
N GLY A 72 1.94 -1.30 -11.23
CA GLY A 72 2.43 -2.59 -10.71
C GLY A 72 3.82 -2.95 -11.21
N THR A 73 4.66 -1.93 -11.47
CA THR A 73 6.05 -2.07 -11.94
C THR A 73 6.81 -0.75 -11.75
N THR A 74 8.14 -0.86 -11.57
CA THR A 74 9.05 0.29 -11.36
C THR A 74 9.72 0.74 -12.68
N GLU A 75 9.45 0.01 -13.77
CA GLU A 75 10.28 0.03 -15.00
C GLU A 75 9.66 0.89 -16.12
N ALA A 76 8.69 0.33 -16.87
CA ALA A 76 8.08 1.01 -18.02
C ALA A 76 7.17 2.22 -17.60
N PRO A 77 6.23 2.09 -16.58
CA PRO A 77 5.42 3.24 -16.13
C PRO A 77 6.10 4.06 -15.00
N PRO A 78 6.52 5.35 -15.29
CA PRO A 78 7.11 6.23 -14.27
C PRO A 78 6.04 6.76 -13.26
N PRO A 79 6.23 6.59 -11.90
CA PRO A 79 5.24 6.99 -10.86
C PRO A 79 4.71 8.45 -11.02
N PRO A 80 3.41 8.73 -10.64
CA PRO A 80 2.77 10.07 -10.81
C PRO A 80 3.52 11.23 -10.06
N PRO A 81 3.13 12.54 -10.26
CA PRO A 81 3.70 13.69 -9.48
C PRO A 81 3.62 13.43 -7.93
N PRO A 82 4.68 13.82 -7.15
CA PRO A 82 4.69 13.66 -5.67
C PRO A 82 3.55 14.46 -4.97
N GLY A 83 2.95 13.85 -3.92
CA GLY A 83 1.98 14.54 -3.05
C GLY A 83 0.57 13.97 -3.12
N GLY A 84 0.20 13.42 -4.29
CA GLY A 84 -1.17 12.91 -4.51
C GLY A 84 -1.37 11.47 -4.02
N TYR A 85 -0.91 11.18 -2.78
CA TYR A 85 -0.85 9.82 -2.22
C TYR A 85 -1.43 9.80 -0.80
N ASP A 86 -1.74 8.60 -0.28
CA ASP A 86 -2.29 8.41 1.09
C ASP A 86 -1.15 8.03 2.04
N PHE A 87 -1.15 8.65 3.25
CA PHE A 87 -0.09 8.44 4.27
C PHE A 87 -0.47 8.95 5.67
N SER A 88 -1.36 9.94 5.74
CA SER A 88 -1.70 10.62 7.01
C SER A 88 -2.52 9.67 7.90
N GLY A 89 -1.91 9.24 9.03
CA GLY A 89 -2.50 8.28 9.96
C GLY A 89 -2.11 6.83 9.67
N PHE A 90 -1.25 6.62 8.64
CA PHE A 90 -0.81 5.28 8.20
C PHE A 90 0.70 5.09 8.40
N ASP A 91 1.48 6.17 8.14
CA ASP A 91 2.96 6.12 8.07
C ASP A 91 3.40 5.05 7.05
N VAL A 92 3.12 5.37 5.79
CA VAL A 92 3.26 4.42 4.67
C VAL A 92 4.71 4.28 4.20
N GLU A 93 5.60 5.20 4.64
CA GLU A 93 7.04 5.11 4.36
C GLU A 93 7.64 3.84 5.01
N ASP A 94 6.92 3.30 6.02
CA ASP A 94 7.30 2.10 6.76
C ASP A 94 6.87 0.81 6.03
N PHE A 95 5.91 0.94 5.07
CA PHE A 95 5.34 -0.20 4.34
C PHE A 95 6.39 -0.80 3.38
N SER A 96 6.09 -1.98 2.84
CA SER A 96 7.05 -2.74 2.04
C SER A 96 7.07 -2.26 0.57
N GLU A 97 7.88 -2.98 -0.25
CA GLU A 97 8.25 -2.64 -1.63
C GLU A 97 7.09 -2.10 -2.49
N PHE A 98 5.89 -2.69 -2.37
CA PHE A 98 4.77 -2.42 -3.29
C PHE A 98 4.23 -0.99 -3.08
N PHE A 99 4.21 -0.50 -1.83
CA PHE A 99 3.76 0.88 -1.56
C PHE A 99 4.93 1.85 -1.84
N GLN A 100 6.16 1.34 -1.64
CA GLN A 100 7.40 2.12 -1.82
C GLN A 100 7.78 2.27 -3.32
N GLU A 101 7.17 1.47 -4.21
CA GLU A 101 7.46 1.53 -5.66
C GLU A 101 6.70 2.69 -6.33
N LEU A 102 5.45 2.90 -5.89
CA LEU A 102 4.51 3.87 -6.49
C LEU A 102 4.45 5.16 -5.67
N PHE A 103 4.01 5.04 -4.42
CA PHE A 103 3.68 6.18 -3.55
C PHE A 103 4.96 6.67 -2.83
N GLY A 104 5.91 5.71 -2.58
CA GLY A 104 7.19 5.97 -1.91
C GLY A 104 8.03 7.07 -2.57
N PRO A 105 8.27 7.05 -3.94
CA PRO A 105 8.95 8.16 -4.68
C PRO A 105 8.30 9.53 -4.48
N GLY A 106 7.04 9.56 -4.03
CA GLY A 106 6.36 10.79 -3.65
C GLY A 106 6.59 11.16 -2.19
N LEU A 107 6.57 10.13 -1.32
CA LEU A 107 6.62 10.27 0.14
C LEU A 107 7.92 10.96 0.62
N PHE A 108 9.07 10.34 0.33
CA PHE A 108 10.41 10.96 0.55
C PHE A 108 10.84 11.79 -0.68
N GLY A 109 9.96 11.82 -1.71
CA GLY A 109 10.14 12.67 -2.89
C GLY A 109 11.24 12.19 -3.83
N GLY A 110 11.72 10.95 -3.60
CA GLY A 110 12.90 10.43 -4.32
C GLY A 110 14.18 10.94 -3.67
N PHE A 111 14.26 12.27 -3.48
CA PHE A 111 15.39 12.97 -2.85
C PHE A 111 15.58 12.62 -1.37
N GLY A 112 16.56 13.30 -0.75
CA GLY A 112 16.97 13.02 0.62
C GLY A 112 17.98 11.88 0.67
N ARG A 113 18.88 11.87 -0.34
CA ARG A 113 19.99 10.91 -0.48
C ARG A 113 19.49 9.46 -0.78
N ARG A 114 18.16 9.30 -0.98
CA ARG A 114 17.56 8.01 -1.37
C ARG A 114 17.81 7.79 -2.87
N SER A 115 17.48 8.85 -3.60
CA SER A 115 17.69 9.00 -5.05
C SER A 115 17.84 10.51 -5.35
N ARG A 116 18.05 10.85 -6.63
CA ARG A 116 18.08 12.26 -7.08
C ARG A 116 17.75 12.32 -8.58
N LYS A 117 17.78 13.54 -9.15
CA LYS A 117 17.52 13.79 -10.57
C LYS A 117 18.66 13.12 -11.41
N GLY A 118 18.26 12.18 -12.28
CA GLY A 118 19.19 11.43 -13.13
C GLY A 118 19.46 12.12 -14.47
N MET A 3 10.86 -2.55 -6.86
CA MET A 3 10.53 -3.35 -8.07
C MET A 3 9.90 -4.68 -7.63
N ALA A 4 8.56 -4.73 -7.67
CA ALA A 4 7.76 -5.80 -7.05
C ALA A 4 6.35 -5.85 -7.66
N ALA A 5 5.93 -7.05 -8.07
CA ALA A 5 4.55 -7.38 -8.46
C ALA A 5 4.05 -8.54 -7.58
N LYS A 6 4.62 -8.63 -6.37
CA LYS A 6 4.35 -9.73 -5.43
C LYS A 6 2.99 -9.55 -4.74
N LYS A 7 2.65 -8.29 -4.43
CA LYS A 7 1.45 -7.96 -3.64
C LYS A 7 0.23 -7.65 -4.52
N ASP A 8 -0.60 -8.67 -4.73
CA ASP A 8 -1.99 -8.49 -5.15
C ASP A 8 -2.73 -8.02 -3.91
N TYR A 9 -2.97 -6.70 -3.82
CA TYR A 9 -3.51 -6.06 -2.62
C TYR A 9 -4.91 -6.60 -2.24
N TYR A 10 -5.67 -7.05 -3.25
CA TYR A 10 -6.99 -7.64 -3.04
C TYR A 10 -6.85 -9.01 -2.33
N ALA A 11 -5.87 -9.82 -2.79
CA ALA A 11 -5.60 -11.16 -2.25
C ALA A 11 -5.22 -11.11 -0.77
N ILE A 12 -4.51 -10.02 -0.38
CA ILE A 12 -4.06 -9.79 1.01
C ILE A 12 -5.27 -9.60 1.95
N LEU A 13 -6.32 -8.91 1.46
CA LEU A 13 -7.56 -8.69 2.24
C LEU A 13 -8.58 -9.84 2.04
N GLY A 14 -8.37 -10.65 1.00
CA GLY A 14 -9.27 -11.78 0.67
C GLY A 14 -10.47 -11.35 -0.17
N VAL A 15 -10.28 -10.33 -1.02
CA VAL A 15 -11.30 -9.81 -1.96
C VAL A 15 -10.78 -9.95 -3.42
N PRO A 16 -11.66 -9.84 -4.46
CA PRO A 16 -11.24 -9.84 -5.89
C PRO A 16 -10.91 -8.42 -6.45
N ARG A 17 -10.40 -8.39 -7.70
CA ARG A 17 -10.16 -7.14 -8.48
C ARG A 17 -11.42 -6.26 -8.56
N ASN A 18 -12.57 -6.93 -8.72
CA ASN A 18 -13.89 -6.28 -8.83
C ASN A 18 -14.60 -6.24 -7.46
N ALA A 19 -13.82 -6.03 -6.38
CA ALA A 19 -14.35 -5.85 -5.03
C ALA A 19 -15.16 -4.54 -4.91
N THR A 20 -16.09 -4.50 -3.95
CA THR A 20 -16.79 -3.27 -3.56
C THR A 20 -16.12 -2.70 -2.29
N GLN A 21 -16.21 -1.38 -2.11
CA GLN A 21 -15.69 -0.69 -0.92
C GLN A 21 -16.39 -1.17 0.36
N GLU A 22 -17.61 -1.71 0.19
CA GLU A 22 -18.44 -2.26 1.27
C GLU A 22 -17.83 -3.57 1.83
N GLU A 23 -17.14 -4.36 0.98
CA GLU A 23 -16.50 -5.63 1.41
C GLU A 23 -15.03 -5.40 1.81
N ILE A 24 -14.37 -4.41 1.16
CA ILE A 24 -12.94 -4.08 1.40
C ILE A 24 -12.71 -3.64 2.86
N LYS A 25 -13.69 -2.88 3.40
CA LYS A 25 -13.61 -2.38 4.79
C LYS A 25 -13.53 -3.56 5.79
N ARG A 26 -14.46 -4.53 5.68
CA ARG A 26 -14.55 -5.67 6.61
C ARG A 26 -13.48 -6.73 6.30
N ALA A 27 -12.94 -6.66 5.08
CA ALA A 27 -11.85 -7.53 4.63
C ALA A 27 -10.54 -7.14 5.31
N TYR A 28 -10.42 -5.83 5.59
CA TYR A 28 -9.34 -5.29 6.43
C TYR A 28 -9.58 -5.63 7.91
N LYS A 29 -10.81 -5.32 8.40
CA LYS A 29 -11.19 -5.47 9.84
C LYS A 29 -10.98 -6.92 10.36
N ARG A 30 -11.40 -7.91 9.55
CA ARG A 30 -11.32 -9.35 9.92
C ARG A 30 -9.86 -9.80 10.15
N LEU A 31 -8.92 -9.12 9.48
CA LEU A 31 -7.46 -9.41 9.57
C LEU A 31 -6.77 -8.48 10.58
N ALA A 32 -7.28 -7.24 10.69
CA ALA A 32 -6.68 -6.19 11.53
C ALA A 32 -6.91 -6.45 13.02
N ARG A 33 -7.82 -7.40 13.32
CA ARG A 33 -8.06 -7.85 14.71
C ARG A 33 -7.19 -9.08 15.04
N GLN A 34 -6.67 -9.76 14.00
CA GLN A 34 -5.79 -10.94 14.16
C GLN A 34 -4.36 -10.50 14.43
N TYR A 35 -3.86 -9.65 13.50
CA TYR A 35 -2.48 -9.14 13.50
C TYR A 35 -2.37 -7.86 14.35
N HIS A 36 -3.45 -7.58 15.12
CA HIS A 36 -3.62 -6.38 15.94
C HIS A 36 -2.53 -6.35 17.01
N PRO A 37 -1.79 -5.20 17.21
CA PRO A 37 -0.65 -5.12 18.15
C PRO A 37 -0.98 -5.67 19.56
N ASP A 38 -2.21 -5.39 20.01
CA ASP A 38 -2.72 -5.78 21.34
C ASP A 38 -2.94 -7.31 21.39
N VAL A 39 -3.72 -7.79 20.39
CA VAL A 39 -4.11 -9.21 20.25
C VAL A 39 -2.89 -10.12 20.05
N ASN A 40 -1.95 -9.64 19.25
CA ASN A 40 -0.81 -10.41 18.77
C ASN A 40 0.29 -9.45 18.28
N LYS A 41 1.40 -9.40 19.03
CA LYS A 41 2.56 -8.53 18.75
C LYS A 41 3.77 -9.38 18.31
N SER A 42 3.49 -10.58 17.78
CA SER A 42 4.52 -11.54 17.34
C SER A 42 5.14 -11.11 15.97
N PRO A 43 6.38 -11.60 15.61
CA PRO A 43 7.04 -11.26 14.32
C PRO A 43 6.23 -11.69 13.07
N GLU A 44 5.37 -12.71 13.24
CA GLU A 44 4.47 -13.20 12.17
C GLU A 44 3.30 -12.23 11.94
N ALA A 45 2.93 -11.48 13.00
CA ALA A 45 1.83 -10.51 12.95
C ALA A 45 2.29 -9.18 12.36
N GLU A 46 3.46 -8.70 12.85
CA GLU A 46 3.99 -7.36 12.53
C GLU A 46 4.22 -7.17 11.01
N GLU A 47 4.62 -8.26 10.34
CA GLU A 47 4.96 -8.25 8.91
C GLU A 47 3.67 -8.23 8.07
N LYS A 48 2.67 -9.05 8.48
CA LYS A 48 1.35 -9.10 7.83
C LYS A 48 0.58 -7.81 8.10
N PHE A 49 0.93 -7.14 9.21
CA PHE A 49 0.29 -5.90 9.65
C PHE A 49 0.62 -4.76 8.67
N LYS A 50 1.85 -4.80 8.09
CA LYS A 50 2.24 -3.83 7.05
C LYS A 50 1.40 -4.08 5.79
N GLU A 51 1.22 -5.39 5.48
CA GLU A 51 0.61 -5.86 4.22
C GLU A 51 -0.89 -5.56 4.17
N ILE A 52 -1.60 -5.76 5.30
CA ILE A 52 -3.06 -5.56 5.36
C ILE A 52 -3.40 -4.05 5.34
N ASN A 53 -2.50 -3.24 5.92
CA ASN A 53 -2.58 -1.76 5.89
C ASN A 53 -2.21 -1.23 4.49
N GLU A 54 -1.26 -1.92 3.83
CA GLU A 54 -0.74 -1.56 2.49
C GLU A 54 -1.80 -1.80 1.42
N ALA A 55 -2.47 -2.95 1.59
CA ALA A 55 -3.59 -3.38 0.78
C ALA A 55 -4.73 -2.38 0.90
N TYR A 56 -5.11 -2.09 2.16
CA TYR A 56 -6.27 -1.24 2.47
C TYR A 56 -6.02 0.24 2.15
N ALA A 57 -4.76 0.70 2.16
CA ALA A 57 -4.40 2.10 1.84
C ALA A 57 -4.69 2.43 0.36
N VAL A 58 -4.38 1.45 -0.50
CA VAL A 58 -4.67 1.51 -1.94
C VAL A 58 -6.16 1.19 -2.21
N LEU A 59 -6.68 0.22 -1.45
CA LEU A 59 -8.06 -0.27 -1.61
C LEU A 59 -9.10 0.61 -0.88
N SER A 60 -8.62 1.65 -0.18
CA SER A 60 -9.47 2.64 0.50
C SER A 60 -10.34 3.43 -0.49
N ASP A 61 -9.84 3.62 -1.72
CA ASP A 61 -10.55 4.35 -2.78
C ASP A 61 -10.51 3.54 -4.09
N PRO A 62 -11.60 3.58 -4.94
CA PRO A 62 -11.54 3.02 -6.32
C PRO A 62 -10.54 3.81 -7.20
N GLU A 63 -10.26 5.05 -6.74
CA GLU A 63 -9.28 5.96 -7.33
C GLU A 63 -7.87 5.35 -7.24
N LYS A 64 -7.49 4.88 -6.04
CA LYS A 64 -6.12 4.42 -5.74
C LYS A 64 -5.94 2.94 -6.14
N ARG A 65 -7.06 2.18 -6.06
CA ARG A 65 -7.13 0.78 -6.53
C ARG A 65 -6.66 0.64 -7.96
N ARG A 66 -7.24 1.49 -8.83
CA ARG A 66 -6.96 1.47 -10.27
C ARG A 66 -5.53 1.94 -10.59
N ILE A 67 -4.88 2.68 -9.66
CA ILE A 67 -3.48 3.12 -9.81
C ILE A 67 -2.54 1.89 -9.87
N TYR A 68 -2.62 1.01 -8.85
CA TYR A 68 -1.76 -0.20 -8.79
C TYR A 68 -2.22 -1.22 -9.87
N ASP A 69 -3.52 -1.13 -10.21
CA ASP A 69 -4.17 -2.02 -11.18
C ASP A 69 -3.77 -1.66 -12.63
N THR A 70 -3.40 -0.38 -12.88
CA THR A 70 -2.99 0.07 -14.23
C THR A 70 -1.44 0.15 -14.34
N TYR A 71 -0.76 0.47 -13.23
CA TYR A 71 0.71 0.63 -13.21
C TYR A 71 1.40 -0.67 -12.82
N GLY A 72 2.38 -1.07 -13.67
CA GLY A 72 3.30 -2.16 -13.34
C GLY A 72 4.56 -1.64 -12.70
N THR A 73 5.03 -0.48 -13.21
CA THR A 73 6.22 0.24 -12.72
C THR A 73 5.97 1.76 -12.69
N THR A 74 6.90 2.50 -12.07
CA THR A 74 6.95 3.98 -12.16
C THR A 74 8.16 4.42 -13.01
N GLU A 75 8.69 3.46 -13.78
CA GLU A 75 9.88 3.62 -14.60
C GLU A 75 9.47 4.07 -16.01
N ALA A 76 8.75 3.18 -16.72
CA ALA A 76 8.26 3.46 -18.08
C ALA A 76 7.03 4.41 -18.05
N PRO A 77 5.95 4.17 -17.21
CA PRO A 77 4.92 5.18 -16.93
C PRO A 77 5.38 6.11 -15.78
N PRO A 78 5.11 7.45 -15.83
CA PRO A 78 5.57 8.39 -14.77
C PRO A 78 4.86 8.14 -13.40
N PRO A 79 5.59 8.30 -12.24
CA PRO A 79 4.96 8.25 -10.90
C PRO A 79 3.97 9.43 -10.70
N PRO A 80 2.85 9.23 -9.93
CA PRO A 80 1.87 10.32 -9.61
C PRO A 80 2.52 11.53 -8.86
N PRO A 81 1.82 12.72 -8.74
CA PRO A 81 2.36 13.91 -8.01
C PRO A 81 2.85 13.59 -6.57
N PRO A 82 4.10 14.03 -6.18
CA PRO A 82 4.66 13.77 -4.82
C PRO A 82 3.86 14.46 -3.70
N GLY A 83 3.80 13.79 -2.53
CA GLY A 83 3.14 14.33 -1.33
C GLY A 83 1.64 14.08 -1.29
N GLY A 84 0.98 14.04 -2.48
CA GLY A 84 -0.46 13.82 -2.59
C GLY A 84 -0.83 12.35 -2.55
N TYR A 85 -0.48 11.69 -1.43
CA TYR A 85 -0.64 10.24 -1.24
C TYR A 85 -1.35 9.95 0.08
N ASP A 86 -1.76 8.69 0.26
CA ASP A 86 -2.56 8.26 1.41
C ASP A 86 -1.66 7.59 2.44
N PHE A 87 -1.26 8.36 3.47
CA PHE A 87 -0.40 7.88 4.56
C PHE A 87 -0.87 8.38 5.93
N SER A 88 -2.02 9.07 5.97
CA SER A 88 -2.63 9.55 7.22
C SER A 88 -3.20 8.36 8.00
N GLY A 89 -2.50 7.97 9.08
CA GLY A 89 -2.91 6.86 9.95
C GLY A 89 -2.43 5.50 9.46
N PHE A 90 -1.41 5.50 8.58
CA PHE A 90 -0.83 4.25 8.03
C PHE A 90 0.69 4.23 8.25
N ASP A 91 1.34 5.38 7.96
CA ASP A 91 2.80 5.49 7.84
C ASP A 91 3.30 4.49 6.80
N VAL A 92 2.99 4.79 5.54
CA VAL A 92 3.18 3.88 4.41
C VAL A 92 4.64 3.70 4.04
N GLU A 93 5.51 4.60 4.55
CA GLU A 93 6.98 4.49 4.42
C GLU A 93 7.52 3.21 5.09
N ASP A 94 6.70 2.56 5.94
CA ASP A 94 7.08 1.35 6.70
C ASP A 94 6.50 0.07 6.04
N PHE A 95 5.93 0.23 4.84
CA PHE A 95 5.35 -0.88 4.06
C PHE A 95 6.41 -1.50 3.13
N SER A 96 6.03 -2.60 2.44
CA SER A 96 6.93 -3.36 1.55
C SER A 96 7.08 -2.66 0.17
N GLU A 97 7.98 -3.21 -0.69
CA GLU A 97 8.43 -2.58 -1.97
C GLU A 97 7.30 -2.03 -2.84
N PHE A 98 6.16 -2.75 -2.91
CA PHE A 98 5.09 -2.44 -3.88
C PHE A 98 4.54 -1.00 -3.66
N PHE A 99 4.35 -0.61 -2.38
CA PHE A 99 3.89 0.75 -2.04
C PHE A 99 5.06 1.74 -2.16
N GLN A 100 6.27 1.25 -1.84
CA GLN A 100 7.50 2.06 -1.79
C GLN A 100 8.04 2.42 -3.20
N GLU A 101 7.62 1.67 -4.21
CA GLU A 101 8.08 1.89 -5.60
C GLU A 101 7.05 2.72 -6.37
N LEU A 102 5.75 2.59 -6.00
CA LEU A 102 4.66 3.32 -6.67
C LEU A 102 4.54 4.73 -6.06
N PHE A 103 4.14 4.77 -4.78
CA PHE A 103 3.84 6.02 -4.07
C PHE A 103 5.09 6.52 -3.30
N GLY A 104 5.99 5.57 -2.93
CA GLY A 104 7.20 5.84 -2.15
C GLY A 104 8.17 6.91 -2.74
N PRO A 105 8.46 6.95 -4.11
CA PRO A 105 9.31 8.02 -4.72
C PRO A 105 8.74 9.44 -4.51
N GLY A 106 7.43 9.55 -4.20
CA GLY A 106 6.79 10.83 -3.95
C GLY A 106 6.50 11.07 -2.48
N LEU A 107 6.55 9.98 -1.69
CA LEU A 107 6.36 10.03 -0.23
C LEU A 107 7.41 10.96 0.41
N PHE A 108 8.68 10.60 0.18
CA PHE A 108 9.85 11.34 0.69
C PHE A 108 10.96 11.32 -0.38
N GLY A 109 11.93 12.24 -0.24
CA GLY A 109 13.12 12.28 -1.10
C GLY A 109 14.00 11.04 -0.92
N GLY A 110 13.87 10.38 0.26
CA GLY A 110 14.51 9.11 0.55
C GLY A 110 16.03 9.24 0.67
N PHE A 111 16.72 8.99 -0.44
CA PHE A 111 18.18 8.95 -0.51
C PHE A 111 18.65 9.49 -1.88
N GLY A 112 17.83 10.37 -2.49
CA GLY A 112 18.13 10.93 -3.81
C GLY A 112 19.11 12.08 -3.72
N ARG A 113 19.48 12.65 -4.88
CA ARG A 113 20.40 13.80 -4.97
C ARG A 113 21.81 13.43 -4.42
N ARG A 114 22.63 12.87 -5.33
CA ARG A 114 24.04 12.49 -5.07
C ARG A 114 24.92 13.17 -6.11
N SER A 115 24.50 13.04 -7.39
CA SER A 115 25.21 13.62 -8.54
C SER A 115 24.81 15.10 -8.75
N ARG A 116 25.65 15.83 -9.51
CA ARG A 116 25.52 17.28 -9.68
C ARG A 116 25.79 17.70 -11.14
N LYS A 117 25.72 19.02 -11.39
CA LYS A 117 26.06 19.65 -12.67
C LYS A 117 27.36 20.46 -12.52
N GLY A 118 28.36 20.15 -13.36
CA GLY A 118 29.64 20.89 -13.40
C GLY A 118 30.29 20.81 -14.78
N MET A 3 12.51 -7.16 -4.02
CA MET A 3 11.79 -6.90 -5.29
C MET A 3 10.34 -6.51 -4.95
N ALA A 4 9.79 -5.54 -5.71
CA ALA A 4 8.41 -5.07 -5.53
C ALA A 4 7.40 -5.99 -6.25
N ALA A 5 6.10 -5.69 -6.04
CA ALA A 5 4.96 -6.42 -6.64
C ALA A 5 4.86 -7.88 -6.15
N LYS A 6 5.48 -8.18 -5.00
CA LYS A 6 5.51 -9.54 -4.43
C LYS A 6 4.38 -9.79 -3.41
N LYS A 7 3.35 -8.95 -3.49
CA LYS A 7 2.12 -9.09 -2.72
C LYS A 7 0.95 -8.52 -3.55
N ASP A 8 -0.13 -9.29 -3.70
CA ASP A 8 -1.34 -8.84 -4.42
C ASP A 8 -2.31 -8.30 -3.38
N TYR A 9 -2.60 -6.99 -3.43
CA TYR A 9 -3.39 -6.29 -2.40
C TYR A 9 -4.83 -6.83 -2.26
N TYR A 10 -5.47 -7.19 -3.40
CA TYR A 10 -6.81 -7.81 -3.39
C TYR A 10 -6.76 -9.19 -2.70
N ALA A 11 -5.68 -9.96 -2.98
CA ALA A 11 -5.49 -11.32 -2.45
C ALA A 11 -5.17 -11.32 -0.95
N ILE A 12 -4.48 -10.25 -0.48
CA ILE A 12 -4.14 -10.06 0.95
C ILE A 12 -5.43 -9.90 1.75
N LEU A 13 -6.32 -9.01 1.29
CA LEU A 13 -7.61 -8.72 1.94
C LEU A 13 -8.66 -9.82 1.65
N GLY A 14 -8.41 -10.63 0.61
CA GLY A 14 -9.29 -11.74 0.24
C GLY A 14 -10.54 -11.29 -0.53
N VAL A 15 -10.44 -10.14 -1.20
CA VAL A 15 -11.53 -9.53 -1.98
C VAL A 15 -11.21 -9.59 -3.51
N PRO A 16 -12.23 -9.76 -4.40
CA PRO A 16 -12.02 -9.80 -5.89
C PRO A 16 -11.61 -8.42 -6.47
N ARG A 17 -11.34 -8.38 -7.78
CA ARG A 17 -10.92 -7.13 -8.50
C ARG A 17 -12.05 -6.09 -8.47
N ASN A 18 -13.29 -6.58 -8.61
CA ASN A 18 -14.51 -5.76 -8.62
C ASN A 18 -15.11 -5.68 -7.20
N ALA A 19 -14.26 -5.82 -6.16
CA ALA A 19 -14.66 -5.68 -4.75
C ALA A 19 -15.25 -4.30 -4.49
N THR A 20 -16.33 -4.24 -3.71
CA THR A 20 -16.91 -2.97 -3.26
C THR A 20 -16.10 -2.46 -2.05
N GLN A 21 -16.10 -1.14 -1.85
CA GLN A 21 -15.36 -0.49 -0.75
C GLN A 21 -15.86 -0.97 0.62
N GLU A 22 -17.13 -1.40 0.68
CA GLU A 22 -17.78 -1.89 1.90
C GLU A 22 -17.23 -3.27 2.33
N GLU A 23 -16.82 -4.10 1.35
CA GLU A 23 -16.24 -5.43 1.64
C GLU A 23 -14.73 -5.34 1.87
N ILE A 24 -14.11 -4.27 1.35
CA ILE A 24 -12.66 -4.02 1.51
C ILE A 24 -12.33 -3.55 2.94
N LYS A 25 -13.18 -2.68 3.51
CA LYS A 25 -13.00 -2.18 4.88
C LYS A 25 -13.15 -3.31 5.92
N ARG A 26 -14.17 -4.19 5.76
CA ARG A 26 -14.34 -5.36 6.66
C ARG A 26 -13.26 -6.42 6.39
N ALA A 27 -12.70 -6.42 5.16
CA ALA A 27 -11.60 -7.31 4.77
C ALA A 27 -10.32 -6.94 5.52
N TYR A 28 -10.17 -5.65 5.80
CA TYR A 28 -9.08 -5.14 6.63
C TYR A 28 -9.30 -5.54 8.09
N LYS A 29 -10.51 -5.26 8.61
CA LYS A 29 -10.86 -5.47 10.04
C LYS A 29 -10.81 -6.95 10.47
N ARG A 30 -11.22 -7.86 9.56
CA ARG A 30 -11.23 -9.32 9.83
C ARG A 30 -9.80 -9.83 10.03
N LEU A 31 -8.85 -9.27 9.26
CA LEU A 31 -7.43 -9.66 9.33
C LEU A 31 -6.71 -8.88 10.45
N ALA A 32 -7.20 -7.65 10.70
CA ALA A 32 -6.64 -6.76 11.71
C ALA A 32 -6.83 -7.35 13.10
N ARG A 33 -8.00 -8.00 13.34
CA ARG A 33 -8.31 -8.61 14.66
C ARG A 33 -7.51 -9.90 14.88
N GLN A 34 -6.80 -10.36 13.83
CA GLN A 34 -5.89 -11.51 13.90
C GLN A 34 -4.44 -11.02 14.13
N TYR A 35 -4.12 -9.81 13.59
CA TYR A 35 -2.73 -9.28 13.55
C TYR A 35 -2.56 -7.99 14.39
N HIS A 36 -3.59 -7.62 15.21
CA HIS A 36 -3.51 -6.45 16.13
C HIS A 36 -2.35 -6.67 17.13
N PRO A 37 -1.46 -5.66 17.36
CA PRO A 37 -0.23 -5.82 18.19
C PRO A 37 -0.51 -6.31 19.64
N ASP A 38 -1.71 -6.03 20.18
CA ASP A 38 -2.10 -6.50 21.53
C ASP A 38 -2.62 -7.96 21.47
N VAL A 39 -3.39 -8.25 20.41
CA VAL A 39 -3.96 -9.59 20.16
C VAL A 39 -2.87 -10.60 19.79
N ASN A 40 -1.88 -10.11 19.04
CA ASN A 40 -0.86 -10.93 18.40
C ASN A 40 0.33 -10.03 18.02
N LYS A 41 1.42 -10.20 18.77
CA LYS A 41 2.65 -9.38 18.68
C LYS A 41 3.81 -10.26 18.23
N SER A 42 3.49 -11.36 17.52
CA SER A 42 4.48 -12.24 16.91
C SER A 42 5.12 -11.55 15.69
N PRO A 43 6.37 -11.95 15.29
CA PRO A 43 6.99 -11.47 14.02
C PRO A 43 6.12 -11.83 12.79
N GLU A 44 5.41 -12.95 12.92
CA GLU A 44 4.42 -13.44 11.96
C GLU A 44 3.30 -12.38 11.73
N ALA A 45 2.91 -11.71 12.83
CA ALA A 45 1.83 -10.74 12.84
C ALA A 45 2.27 -9.39 12.27
N GLU A 46 3.44 -8.90 12.76
CA GLU A 46 3.93 -7.52 12.47
C GLU A 46 4.08 -7.28 10.96
N GLU A 47 4.46 -8.34 10.23
CA GLU A 47 4.74 -8.27 8.79
C GLU A 47 3.41 -8.25 8.01
N LYS A 48 2.44 -9.12 8.42
CA LYS A 48 1.10 -9.19 7.79
C LYS A 48 0.29 -7.93 8.10
N PHE A 49 0.62 -7.31 9.24
CA PHE A 49 -0.01 -6.09 9.73
C PHE A 49 0.31 -4.93 8.77
N LYS A 50 1.54 -4.97 8.19
CA LYS A 50 1.96 -3.98 7.19
C LYS A 50 1.28 -4.28 5.85
N GLU A 51 1.13 -5.60 5.53
CA GLU A 51 0.58 -6.07 4.24
C GLU A 51 -0.91 -5.71 4.10
N ILE A 52 -1.68 -5.89 5.19
CA ILE A 52 -3.13 -5.63 5.19
C ILE A 52 -3.41 -4.12 5.17
N ASN A 53 -2.52 -3.35 5.83
CA ASN A 53 -2.60 -1.87 5.88
C ASN A 53 -2.15 -1.28 4.53
N GLU A 54 -1.20 -1.97 3.88
CA GLU A 54 -0.66 -1.60 2.55
C GLU A 54 -1.71 -1.86 1.47
N ALA A 55 -2.37 -3.01 1.62
CA ALA A 55 -3.47 -3.44 0.77
C ALA A 55 -4.64 -2.47 0.90
N TYR A 56 -4.94 -2.08 2.15
CA TYR A 56 -6.07 -1.21 2.47
C TYR A 56 -5.81 0.25 2.06
N ALA A 57 -4.57 0.74 2.21
CA ALA A 57 -4.22 2.15 1.93
C ALA A 57 -4.37 2.47 0.42
N VAL A 58 -4.23 1.43 -0.41
CA VAL A 58 -4.50 1.47 -1.85
C VAL A 58 -6.00 1.24 -2.13
N LEU A 59 -6.53 0.16 -1.51
CA LEU A 59 -7.89 -0.33 -1.78
C LEU A 59 -8.99 0.46 -1.04
N SER A 60 -8.60 1.47 -0.22
CA SER A 60 -9.57 2.33 0.49
C SER A 60 -10.10 3.43 -0.43
N ASP A 61 -9.36 3.69 -1.53
CA ASP A 61 -9.65 4.81 -2.42
C ASP A 61 -9.70 4.28 -3.88
N PRO A 62 -10.85 4.52 -4.63
CA PRO A 62 -11.15 3.82 -5.92
C PRO A 62 -10.10 4.04 -7.02
N GLU A 63 -9.52 5.24 -7.05
CA GLU A 63 -8.48 5.61 -8.01
C GLU A 63 -7.15 4.89 -7.68
N LYS A 64 -6.79 4.81 -6.38
CA LYS A 64 -5.51 4.20 -5.96
C LYS A 64 -5.48 2.68 -6.28
N ARG A 65 -6.68 2.06 -6.25
CA ARG A 65 -6.87 0.62 -6.59
C ARG A 65 -6.33 0.29 -7.98
N ARG A 66 -6.69 1.14 -8.97
CA ARG A 66 -6.27 0.94 -10.37
C ARG A 66 -4.81 1.39 -10.61
N ILE A 67 -4.23 2.18 -9.67
CA ILE A 67 -2.79 2.54 -9.69
C ILE A 67 -1.95 1.26 -9.62
N TYR A 68 -2.17 0.43 -8.58
CA TYR A 68 -1.36 -0.79 -8.36
C TYR A 68 -1.68 -1.85 -9.43
N ASP A 69 -2.92 -1.78 -9.97
CA ASP A 69 -3.42 -2.69 -11.00
C ASP A 69 -2.70 -2.45 -12.35
N THR A 70 -2.61 -1.17 -12.79
CA THR A 70 -1.98 -0.82 -14.08
C THR A 70 -0.44 -0.85 -13.96
N TYR A 71 0.07 -0.41 -12.80
CA TYR A 71 1.50 -0.48 -12.45
C TYR A 71 1.82 -1.85 -11.80
N GLY A 72 2.99 -1.96 -11.14
CA GLY A 72 3.41 -3.21 -10.48
C GLY A 72 4.75 -3.69 -10.96
N THR A 73 5.62 -2.73 -11.30
CA THR A 73 6.96 -3.00 -11.83
C THR A 73 7.81 -1.72 -11.66
N THR A 74 8.88 -1.82 -10.86
CA THR A 74 9.80 -0.70 -10.61
C THR A 74 10.91 -0.68 -11.69
N GLU A 75 10.51 -0.82 -12.98
CA GLU A 75 11.46 -0.92 -14.12
C GLU A 75 10.97 -0.04 -15.29
N ALA A 76 10.09 -0.60 -16.17
CA ALA A 76 9.61 0.09 -17.38
C ALA A 76 8.50 1.14 -17.07
N PRO A 77 7.46 0.83 -16.21
CA PRO A 77 6.55 1.85 -15.66
C PRO A 77 7.33 2.87 -14.79
N PRO A 78 7.29 4.20 -15.15
CA PRO A 78 7.98 5.24 -14.34
C PRO A 78 7.28 5.46 -12.97
N PRO A 79 8.05 5.78 -11.88
CA PRO A 79 7.45 6.14 -10.58
C PRO A 79 6.48 7.34 -10.74
N PRO A 80 5.14 7.15 -10.44
CA PRO A 80 4.12 8.20 -10.66
C PRO A 80 4.38 9.48 -9.82
N PRO A 81 4.09 10.71 -10.39
CA PRO A 81 4.51 12.01 -9.80
C PRO A 81 3.86 12.32 -8.42
N PRO A 82 4.59 13.05 -7.50
CA PRO A 82 4.08 13.41 -6.14
C PRO A 82 2.98 14.49 -6.15
N GLY A 83 2.34 14.70 -4.97
CA GLY A 83 1.43 15.83 -4.73
C GLY A 83 -0.03 15.42 -4.47
N GLY A 84 -0.32 14.11 -4.42
CA GLY A 84 -1.71 13.64 -4.21
C GLY A 84 -1.78 12.14 -3.94
N TYR A 85 -1.36 11.72 -2.74
CA TYR A 85 -1.43 10.31 -2.30
C TYR A 85 -2.01 10.23 -0.87
N ASP A 86 -2.47 9.03 -0.49
CA ASP A 86 -3.03 8.76 0.85
C ASP A 86 -1.94 8.12 1.74
N PHE A 87 -1.77 8.70 2.95
CA PHE A 87 -0.74 8.30 3.92
C PHE A 87 -1.04 8.77 5.35
N SER A 88 -1.84 9.86 5.46
CA SER A 88 -2.19 10.46 6.75
C SER A 88 -3.10 9.50 7.53
N GLY A 89 -2.57 8.97 8.65
CA GLY A 89 -3.26 7.97 9.46
C GLY A 89 -3.02 6.55 8.96
N PHE A 90 -1.92 6.34 8.21
CA PHE A 90 -1.55 5.01 7.66
C PHE A 90 -0.04 4.71 7.87
N ASP A 91 0.79 5.78 7.82
CA ASP A 91 2.28 5.68 7.91
C ASP A 91 2.83 4.72 6.85
N VAL A 92 2.62 5.09 5.59
CA VAL A 92 2.85 4.23 4.44
C VAL A 92 4.33 4.12 4.04
N GLU A 93 5.17 5.00 4.62
CA GLU A 93 6.63 5.00 4.41
C GLU A 93 7.27 3.69 4.92
N ASP A 94 6.55 2.96 5.80
CA ASP A 94 7.04 1.72 6.44
C ASP A 94 6.63 0.46 5.66
N PHE A 95 5.86 0.65 4.58
CA PHE A 95 5.30 -0.48 3.78
C PHE A 95 6.34 -1.00 2.78
N SER A 96 6.08 -2.21 2.26
CA SER A 96 6.99 -2.93 1.35
C SER A 96 7.26 -2.16 0.06
N GLU A 97 8.28 -2.64 -0.69
CA GLU A 97 8.79 -2.03 -1.93
C GLU A 97 7.68 -1.72 -2.95
N PHE A 98 6.59 -2.51 -2.90
CA PHE A 98 5.45 -2.37 -3.82
C PHE A 98 4.75 -1.01 -3.63
N PHE A 99 4.51 -0.62 -2.37
CA PHE A 99 3.89 0.68 -2.06
C PHE A 99 4.92 1.80 -2.31
N GLN A 100 6.20 1.46 -2.15
CA GLN A 100 7.32 2.39 -2.25
C GLN A 100 7.67 2.73 -3.73
N GLU A 101 7.23 1.92 -4.71
CA GLU A 101 7.44 2.25 -6.16
C GLU A 101 6.39 3.26 -6.65
N LEU A 102 5.15 3.14 -6.11
CA LEU A 102 4.01 3.96 -6.53
C LEU A 102 3.92 5.27 -5.73
N PHE A 103 3.61 5.13 -4.43
CA PHE A 103 3.33 6.27 -3.54
C PHE A 103 4.61 6.72 -2.83
N GLY A 104 5.59 5.79 -2.72
CA GLY A 104 6.89 6.04 -2.07
C GLY A 104 7.67 7.26 -2.61
N PRO A 105 7.80 7.46 -3.99
CA PRO A 105 8.39 8.71 -4.55
C PRO A 105 7.58 9.97 -4.18
N GLY A 106 6.26 9.79 -3.97
CA GLY A 106 5.37 10.89 -3.58
C GLY A 106 5.39 11.18 -2.09
N LEU A 107 5.94 10.23 -1.33
CA LEU A 107 6.11 10.35 0.13
C LEU A 107 7.47 10.95 0.47
N PHE A 108 8.51 10.50 -0.24
CA PHE A 108 9.90 10.93 -0.04
C PHE A 108 10.75 10.62 -1.29
N GLY A 109 11.98 11.17 -1.32
CA GLY A 109 12.91 10.96 -2.42
C GLY A 109 14.30 11.48 -2.09
N GLY A 110 14.34 12.70 -1.53
CA GLY A 110 15.58 13.36 -1.16
C GLY A 110 15.39 14.29 0.03
N PHE A 111 15.39 13.71 1.25
CA PHE A 111 15.21 14.43 2.52
C PHE A 111 16.53 14.50 3.31
N GLY A 112 17.21 13.34 3.44
CA GLY A 112 18.47 13.24 4.17
C GLY A 112 19.24 11.99 3.79
N ARG A 113 20.29 11.68 4.57
CA ARG A 113 21.11 10.46 4.41
C ARG A 113 21.87 10.48 3.06
N ARG A 114 23.05 11.13 3.05
CA ARG A 114 24.00 11.12 1.91
C ARG A 114 25.44 11.01 2.47
N SER A 115 25.94 12.13 3.03
CA SER A 115 27.29 12.24 3.57
C SER A 115 27.24 12.06 5.11
N ARG A 116 27.96 11.06 5.60
CA ARG A 116 27.97 10.63 7.03
C ARG A 116 29.40 10.20 7.45
N LYS A 117 30.38 10.51 6.58
CA LYS A 117 31.80 10.21 6.80
C LYS A 117 32.66 11.23 6.02
N GLY A 118 33.99 11.11 6.14
CA GLY A 118 34.93 12.03 5.51
C GLY A 118 35.81 12.72 6.56
N MET A 3 8.47 -2.11 -9.78
CA MET A 3 8.94 -3.40 -10.36
C MET A 3 8.67 -4.57 -9.40
N ALA A 4 7.67 -4.39 -8.54
CA ALA A 4 7.23 -5.39 -7.57
C ALA A 4 5.80 -5.82 -7.93
N ALA A 5 5.60 -7.15 -7.99
CA ALA A 5 4.29 -7.78 -8.29
C ALA A 5 3.97 -8.86 -7.24
N LYS A 6 4.63 -8.74 -6.08
CA LYS A 6 4.59 -9.75 -4.99
C LYS A 6 3.34 -9.58 -4.12
N LYS A 7 2.72 -8.39 -4.17
CA LYS A 7 1.68 -7.98 -3.20
C LYS A 7 0.38 -7.61 -3.92
N ASP A 8 -0.35 -8.64 -4.35
CA ASP A 8 -1.71 -8.47 -4.89
C ASP A 8 -2.65 -8.09 -3.74
N TYR A 9 -3.00 -6.79 -3.68
CA TYR A 9 -3.73 -6.20 -2.55
C TYR A 9 -5.10 -6.86 -2.32
N TYR A 10 -5.75 -7.27 -3.42
CA TYR A 10 -7.04 -7.99 -3.38
C TYR A 10 -6.88 -9.35 -2.66
N ALA A 11 -5.79 -10.07 -2.98
CA ALA A 11 -5.50 -11.40 -2.38
C ALA A 11 -5.16 -11.29 -0.89
N ILE A 12 -4.44 -10.21 -0.51
CA ILE A 12 -4.01 -9.97 0.89
C ILE A 12 -5.23 -9.80 1.83
N LEU A 13 -6.28 -9.14 1.35
CA LEU A 13 -7.54 -8.96 2.12
C LEU A 13 -8.52 -10.13 1.88
N GLY A 14 -8.37 -10.82 0.73
CA GLY A 14 -9.24 -11.92 0.34
C GLY A 14 -10.51 -11.47 -0.38
N VAL A 15 -10.46 -10.29 -1.02
CA VAL A 15 -11.58 -9.72 -1.80
C VAL A 15 -11.30 -9.86 -3.32
N PRO A 16 -12.38 -9.93 -4.19
CA PRO A 16 -12.22 -10.02 -5.67
C PRO A 16 -11.77 -8.71 -6.33
N ARG A 17 -11.66 -8.74 -7.69
CA ARG A 17 -11.24 -7.56 -8.49
C ARG A 17 -12.27 -6.43 -8.36
N ASN A 18 -13.53 -6.80 -8.62
CA ASN A 18 -14.68 -5.87 -8.59
C ASN A 18 -15.32 -5.86 -7.19
N ALA A 19 -14.47 -5.99 -6.14
CA ALA A 19 -14.88 -5.91 -4.73
C ALA A 19 -15.51 -4.55 -4.42
N THR A 20 -16.60 -4.56 -3.65
CA THR A 20 -17.24 -3.32 -3.19
C THR A 20 -16.40 -2.72 -2.06
N GLN A 21 -16.37 -1.38 -1.95
CA GLN A 21 -15.58 -0.67 -0.93
C GLN A 21 -15.90 -1.17 0.49
N GLU A 22 -17.19 -1.52 0.70
CA GLU A 22 -17.69 -2.00 1.99
C GLU A 22 -17.02 -3.33 2.44
N GLU A 23 -16.91 -4.30 1.49
CA GLU A 23 -16.35 -5.63 1.81
C GLU A 23 -14.83 -5.55 2.00
N ILE A 24 -14.19 -4.60 1.28
CA ILE A 24 -12.77 -4.28 1.39
C ILE A 24 -12.44 -3.79 2.82
N LYS A 25 -13.33 -2.94 3.35
CA LYS A 25 -13.20 -2.39 4.70
C LYS A 25 -13.24 -3.51 5.75
N ARG A 26 -14.35 -4.30 5.75
CA ARG A 26 -14.52 -5.39 6.73
C ARG A 26 -13.42 -6.47 6.56
N ALA A 27 -12.85 -6.56 5.32
CA ALA A 27 -11.74 -7.48 5.00
C ALA A 27 -10.46 -7.06 5.71
N TYR A 28 -10.26 -5.74 5.82
CA TYR A 28 -9.16 -5.18 6.60
C TYR A 28 -9.37 -5.44 8.09
N LYS A 29 -10.55 -5.03 8.60
CA LYS A 29 -10.88 -5.11 10.05
C LYS A 29 -10.73 -6.55 10.62
N ARG A 30 -11.23 -7.55 9.85
CA ARG A 30 -11.17 -8.98 10.28
C ARG A 30 -9.71 -9.48 10.39
N LEU A 31 -8.82 -8.96 9.54
CA LEU A 31 -7.39 -9.35 9.55
C LEU A 31 -6.60 -8.44 10.51
N ALA A 32 -7.11 -7.22 10.72
CA ALA A 32 -6.47 -6.19 11.56
C ALA A 32 -6.68 -6.50 13.04
N ARG A 33 -7.61 -7.42 13.35
CA ARG A 33 -7.85 -7.90 14.72
C ARG A 33 -7.12 -9.24 14.96
N GLN A 34 -6.52 -9.80 13.89
CA GLN A 34 -5.73 -11.06 13.97
C GLN A 34 -4.24 -10.74 14.18
N TYR A 35 -3.77 -9.72 13.44
CA TYR A 35 -2.36 -9.26 13.50
C TYR A 35 -2.27 -7.99 14.36
N HIS A 36 -3.33 -7.74 15.13
CA HIS A 36 -3.50 -6.55 15.98
C HIS A 36 -2.45 -6.59 17.10
N PRO A 37 -1.68 -5.48 17.37
CA PRO A 37 -0.57 -5.50 18.37
C PRO A 37 -1.03 -5.93 19.79
N ASP A 38 -2.33 -5.83 20.09
CA ASP A 38 -2.93 -6.31 21.35
C ASP A 38 -3.11 -7.84 21.29
N VAL A 39 -3.80 -8.29 20.24
CA VAL A 39 -4.16 -9.71 20.02
C VAL A 39 -2.91 -10.59 19.81
N ASN A 40 -1.95 -10.04 19.07
CA ASN A 40 -0.80 -10.79 18.56
C ASN A 40 0.29 -9.80 18.11
N LYS A 41 1.39 -9.75 18.89
CA LYS A 41 2.53 -8.87 18.64
C LYS A 41 3.80 -9.70 18.33
N SER A 42 3.59 -10.81 17.61
CA SER A 42 4.71 -11.64 17.08
C SER A 42 5.37 -10.94 15.87
N PRO A 43 6.67 -11.24 15.55
CA PRO A 43 7.33 -10.74 14.31
C PRO A 43 6.64 -11.29 13.04
N GLU A 44 6.02 -12.47 13.19
CA GLU A 44 5.24 -13.13 12.14
C GLU A 44 3.94 -12.36 11.85
N ALA A 45 3.45 -11.63 12.86
CA ALA A 45 2.20 -10.86 12.78
C ALA A 45 2.43 -9.46 12.23
N GLU A 46 3.43 -8.76 12.81
CA GLU A 46 3.71 -7.32 12.55
C GLU A 46 3.96 -7.03 11.05
N GLU A 47 4.52 -8.03 10.35
CA GLU A 47 4.84 -7.92 8.92
C GLU A 47 3.56 -8.04 8.07
N LYS A 48 2.66 -8.96 8.47
CA LYS A 48 1.35 -9.16 7.81
C LYS A 48 0.45 -7.96 8.08
N PHE A 49 0.69 -7.31 9.24
CA PHE A 49 -0.02 -6.11 9.63
C PHE A 49 0.34 -4.94 8.69
N LYS A 50 1.59 -4.95 8.15
CA LYS A 50 2.01 -3.96 7.14
C LYS A 50 1.31 -4.27 5.80
N GLU A 51 1.23 -5.57 5.48
CA GLU A 51 0.67 -6.06 4.20
C GLU A 51 -0.83 -5.75 4.06
N ILE A 52 -1.59 -6.00 5.15
CA ILE A 52 -3.06 -5.77 5.16
C ILE A 52 -3.39 -4.28 5.20
N ASN A 53 -2.51 -3.51 5.89
CA ASN A 53 -2.62 -2.04 6.01
C ASN A 53 -2.24 -1.39 4.67
N GLU A 54 -1.32 -2.04 3.94
CA GLU A 54 -0.85 -1.62 2.60
C GLU A 54 -1.94 -1.88 1.56
N ALA A 55 -2.57 -3.06 1.72
CA ALA A 55 -3.69 -3.49 0.89
C ALA A 55 -4.84 -2.49 0.99
N TYR A 56 -5.23 -2.17 2.23
CA TYR A 56 -6.36 -1.27 2.49
C TYR A 56 -6.01 0.19 2.19
N ALA A 57 -4.74 0.61 2.41
CA ALA A 57 -4.28 2.01 2.15
C ALA A 57 -4.47 2.41 0.67
N VAL A 58 -4.53 1.39 -0.19
CA VAL A 58 -4.83 1.54 -1.62
C VAL A 58 -6.33 1.28 -1.87
N LEU A 59 -6.80 0.09 -1.46
CA LEU A 59 -8.15 -0.42 -1.81
C LEU A 59 -9.29 0.38 -1.13
N SER A 60 -8.96 1.27 -0.18
CA SER A 60 -9.95 2.12 0.51
C SER A 60 -10.55 3.17 -0.44
N ASP A 61 -9.77 3.58 -1.44
CA ASP A 61 -10.25 4.46 -2.52
C ASP A 61 -10.48 3.62 -3.79
N PRO A 62 -11.62 3.79 -4.52
CA PRO A 62 -11.81 3.16 -5.86
C PRO A 62 -10.75 3.65 -6.87
N GLU A 63 -10.23 4.85 -6.60
CA GLU A 63 -9.24 5.55 -7.41
C GLU A 63 -7.89 4.82 -7.40
N LYS A 64 -7.36 4.59 -6.18
CA LYS A 64 -6.03 3.97 -5.99
C LYS A 64 -5.96 2.53 -6.55
N ARG A 65 -7.14 1.87 -6.59
CA ARG A 65 -7.27 0.47 -7.06
C ARG A 65 -6.86 0.31 -8.53
N ARG A 66 -6.98 1.39 -9.33
CA ARG A 66 -6.56 1.37 -10.75
C ARG A 66 -5.11 1.84 -10.92
N ILE A 67 -4.55 2.57 -9.90
CA ILE A 67 -3.15 3.07 -9.93
C ILE A 67 -2.16 1.89 -10.07
N TYR A 68 -2.15 0.97 -9.09
CA TYR A 68 -1.18 -0.16 -9.10
C TYR A 68 -1.50 -1.18 -10.22
N ASP A 69 -2.74 -1.09 -10.75
CA ASP A 69 -3.21 -1.95 -11.85
C ASP A 69 -2.61 -1.50 -13.21
N THR A 70 -2.52 -0.17 -13.42
CA THR A 70 -1.95 0.41 -14.65
C THR A 70 -0.42 0.55 -14.53
N TYR A 71 0.07 0.66 -13.29
CA TYR A 71 1.50 0.70 -12.96
C TYR A 71 2.00 -0.72 -12.61
N GLY A 72 3.20 -0.81 -12.01
CA GLY A 72 3.87 -2.09 -11.76
C GLY A 72 5.27 -2.02 -12.30
N THR A 73 5.39 -1.48 -13.52
CA THR A 73 6.67 -1.17 -14.13
C THR A 73 7.04 0.27 -13.70
N THR A 74 8.15 0.43 -12.97
CA THR A 74 8.61 1.75 -12.47
C THR A 74 9.52 2.44 -13.53
N GLU A 75 9.29 2.13 -14.82
CA GLU A 75 10.14 2.54 -15.95
C GLU A 75 9.34 3.43 -16.93
N ALA A 76 8.50 2.79 -17.77
CA ALA A 76 7.79 3.46 -18.87
C ALA A 76 6.68 4.41 -18.35
N PRO A 77 5.75 3.98 -17.42
CA PRO A 77 4.82 4.93 -16.76
C PRO A 77 5.50 5.58 -15.52
N PRO A 78 5.76 6.93 -15.52
CA PRO A 78 6.32 7.65 -14.36
C PRO A 78 5.26 7.80 -13.25
N PRO A 79 5.59 7.47 -11.94
CA PRO A 79 4.64 7.62 -10.79
C PRO A 79 4.04 9.05 -10.68
N PRO A 80 2.82 9.21 -10.05
CA PRO A 80 2.18 10.54 -9.83
C PRO A 80 3.12 11.59 -9.16
N PRO A 81 2.85 12.93 -9.33
CA PRO A 81 3.72 14.01 -8.77
C PRO A 81 3.96 13.85 -7.23
N PRO A 82 5.27 13.81 -6.78
CA PRO A 82 5.63 13.55 -5.36
C PRO A 82 5.00 14.56 -4.37
N GLY A 83 4.77 14.12 -3.12
CA GLY A 83 4.18 14.97 -2.08
C GLY A 83 2.64 14.95 -2.09
N GLY A 84 2.04 14.76 -3.28
CA GLY A 84 0.59 14.71 -3.45
C GLY A 84 0.02 13.33 -3.22
N TYR A 85 0.30 12.79 -2.03
CA TYR A 85 -0.17 11.47 -1.59
C TYR A 85 -0.78 11.59 -0.19
N ASP A 86 -1.85 10.84 0.06
CA ASP A 86 -2.52 10.76 1.37
C ASP A 86 -2.12 9.45 2.07
N PHE A 87 -1.84 9.55 3.39
CA PHE A 87 -1.30 8.44 4.22
C PHE A 87 -1.55 8.67 5.72
N SER A 88 -2.48 9.57 6.05
CA SER A 88 -2.79 9.95 7.43
C SER A 88 -3.33 8.75 8.26
N GLY A 89 -2.55 8.32 9.28
CA GLY A 89 -2.96 7.22 10.17
C GLY A 89 -2.55 5.84 9.67
N PHE A 90 -1.72 5.79 8.62
CA PHE A 90 -1.27 4.53 7.98
C PHE A 90 0.24 4.35 8.13
N ASP A 91 0.99 5.48 8.02
CA ASP A 91 2.48 5.48 7.94
C ASP A 91 2.95 4.53 6.84
N VAL A 92 2.70 4.95 5.59
CA VAL A 92 2.88 4.13 4.39
C VAL A 92 4.36 4.05 3.95
N GLU A 93 5.19 4.92 4.53
CA GLU A 93 6.66 4.94 4.30
C GLU A 93 7.33 3.64 4.83
N ASP A 94 6.60 2.90 5.66
CA ASP A 94 7.10 1.68 6.31
C ASP A 94 6.59 0.41 5.58
N PHE A 95 5.84 0.59 4.49
CA PHE A 95 5.29 -0.51 3.69
C PHE A 95 6.35 -1.07 2.73
N SER A 96 6.00 -2.17 2.06
CA SER A 96 6.94 -2.92 1.20
C SER A 96 7.01 -2.33 -0.24
N GLU A 97 7.92 -2.91 -1.04
CA GLU A 97 8.37 -2.43 -2.38
C GLU A 97 7.23 -1.96 -3.32
N PHE A 98 6.13 -2.72 -3.28
CA PHE A 98 4.96 -2.55 -4.17
C PHE A 98 4.34 -1.14 -4.00
N PHE A 99 4.30 -0.67 -2.75
CA PHE A 99 3.80 0.68 -2.40
C PHE A 99 4.92 1.72 -2.59
N GLN A 100 6.17 1.31 -2.32
CA GLN A 100 7.34 2.21 -2.25
C GLN A 100 7.86 2.61 -3.65
N GLU A 101 7.44 1.89 -4.68
CA GLU A 101 7.78 2.24 -6.09
C GLU A 101 6.84 3.33 -6.62
N LEU A 102 5.59 3.34 -6.10
CA LEU A 102 4.51 4.24 -6.57
C LEU A 102 4.44 5.53 -5.73
N PHE A 103 4.02 5.37 -4.47
CA PHE A 103 3.75 6.50 -3.57
C PHE A 103 5.00 6.82 -2.74
N GLY A 104 5.85 5.78 -2.56
CA GLY A 104 7.11 5.87 -1.80
C GLY A 104 8.03 7.04 -2.20
N PRO A 105 8.34 7.29 -3.53
CA PRO A 105 9.19 8.45 -3.95
C PRO A 105 8.63 9.81 -3.46
N GLY A 106 7.30 9.89 -3.25
CA GLY A 106 6.65 11.10 -2.72
C GLY A 106 6.71 11.18 -1.21
N LEU A 107 6.79 10.01 -0.57
CA LEU A 107 6.90 9.87 0.91
C LEU A 107 8.29 10.26 1.41
N PHE A 108 9.30 9.97 0.59
CA PHE A 108 10.70 10.38 0.88
C PHE A 108 10.96 11.77 0.28
N GLY A 109 10.13 12.15 -0.71
CA GLY A 109 10.23 13.44 -1.42
C GLY A 109 10.98 13.31 -2.73
N GLY A 110 11.85 12.28 -2.82
CA GLY A 110 12.62 11.97 -4.03
C GLY A 110 14.11 12.22 -3.82
N PHE A 111 14.58 13.39 -4.26
CA PHE A 111 15.99 13.80 -4.16
C PHE A 111 16.08 15.34 -4.09
N GLY A 112 17.30 15.85 -3.92
CA GLY A 112 17.55 17.29 -3.88
C GLY A 112 19.03 17.60 -3.85
N ARG A 113 19.80 16.95 -4.75
CA ARG A 113 21.27 17.08 -4.81
C ARG A 113 21.74 16.88 -6.26
N ARG A 114 21.61 17.96 -7.06
CA ARG A 114 21.97 17.96 -8.51
C ARG A 114 22.63 19.29 -8.92
N SER A 115 22.20 20.40 -8.30
CA SER A 115 22.61 21.75 -8.69
C SER A 115 24.07 22.03 -8.26
N ARG A 116 25.01 21.63 -9.12
CA ARG A 116 26.45 21.90 -8.96
C ARG A 116 26.73 23.36 -9.34
N LYS A 117 26.22 23.73 -10.51
CA LYS A 117 26.42 25.05 -11.12
C LYS A 117 25.04 25.70 -11.37
N GLY A 118 24.96 27.02 -11.14
CA GLY A 118 23.70 27.76 -11.29
C GLY A 118 23.61 28.92 -10.28
N MET A 3 10.37 -8.15 -2.71
CA MET A 3 10.27 -7.97 -4.18
C MET A 3 8.88 -7.43 -4.54
N ALA A 4 8.83 -6.47 -5.49
CA ALA A 4 7.56 -5.90 -6.01
C ALA A 4 6.93 -6.84 -7.04
N ALA A 5 5.66 -6.57 -7.42
CA ALA A 5 4.86 -7.39 -8.36
C ALA A 5 4.66 -8.83 -7.84
N LYS A 6 4.77 -9.00 -6.50
CA LYS A 6 4.66 -10.30 -5.81
C LYS A 6 3.54 -10.28 -4.75
N LYS A 7 2.67 -9.26 -4.81
CA LYS A 7 1.55 -9.10 -3.88
C LYS A 7 0.45 -8.23 -4.49
N ASP A 8 -0.72 -8.84 -4.67
CA ASP A 8 -1.95 -8.14 -5.07
C ASP A 8 -2.67 -7.73 -3.79
N TYR A 9 -3.00 -6.44 -3.68
CA TYR A 9 -3.61 -5.88 -2.46
C TYR A 9 -5.02 -6.46 -2.23
N TYR A 10 -5.72 -6.81 -3.33
CA TYR A 10 -6.99 -7.56 -3.26
C TYR A 10 -6.77 -8.94 -2.60
N ALA A 11 -5.72 -9.65 -3.05
CA ALA A 11 -5.40 -11.01 -2.57
C ALA A 11 -5.02 -11.03 -1.07
N ILE A 12 -4.32 -9.95 -0.63
CA ILE A 12 -3.88 -9.78 0.78
C ILE A 12 -5.10 -9.71 1.72
N LEU A 13 -6.04 -8.80 1.43
CA LEU A 13 -7.27 -8.64 2.24
C LEU A 13 -8.24 -9.83 2.05
N GLY A 14 -8.06 -10.58 0.95
CA GLY A 14 -8.87 -11.77 0.65
C GLY A 14 -10.19 -11.41 -0.03
N VAL A 15 -10.13 -10.40 -0.90
CA VAL A 15 -11.27 -9.91 -1.72
C VAL A 15 -10.95 -10.06 -3.23
N PRO A 16 -11.99 -10.15 -4.12
CA PRO A 16 -11.80 -10.24 -5.59
C PRO A 16 -11.23 -8.95 -6.21
N ARG A 17 -10.98 -8.98 -7.53
CA ARG A 17 -10.46 -7.81 -8.28
C ARG A 17 -11.55 -6.73 -8.41
N ASN A 18 -12.81 -7.20 -8.57
CA ASN A 18 -13.99 -6.31 -8.65
C ASN A 18 -14.62 -6.14 -7.24
N ALA A 19 -13.77 -6.20 -6.19
CA ALA A 19 -14.19 -6.03 -4.79
C ALA A 19 -14.82 -4.66 -4.57
N THR A 20 -16.02 -4.65 -4.00
CA THR A 20 -16.70 -3.41 -3.61
C THR A 20 -16.02 -2.85 -2.35
N GLN A 21 -16.06 -1.52 -2.19
CA GLN A 21 -15.47 -0.80 -1.04
C GLN A 21 -16.02 -1.33 0.31
N GLU A 22 -17.27 -1.86 0.26
CA GLU A 22 -17.97 -2.42 1.43
C GLU A 22 -17.30 -3.72 1.92
N GLU A 23 -16.91 -4.60 0.98
CA GLU A 23 -16.27 -5.89 1.35
C GLU A 23 -14.76 -5.73 1.61
N ILE A 24 -14.18 -4.66 1.08
CA ILE A 24 -12.75 -4.31 1.30
C ILE A 24 -12.52 -3.88 2.77
N LYS A 25 -13.36 -2.96 3.26
CA LYS A 25 -13.21 -2.38 4.61
C LYS A 25 -13.33 -3.47 5.70
N ARG A 26 -14.28 -4.41 5.52
CA ARG A 26 -14.48 -5.53 6.47
C ARG A 26 -13.35 -6.57 6.35
N ALA A 27 -12.70 -6.63 5.16
CA ALA A 27 -11.60 -7.57 4.87
C ALA A 27 -10.31 -7.13 5.58
N TYR A 28 -10.18 -5.82 5.77
CA TYR A 28 -9.14 -5.24 6.62
C TYR A 28 -9.41 -5.65 8.08
N LYS A 29 -10.66 -5.41 8.57
CA LYS A 29 -11.10 -5.77 9.94
C LYS A 29 -10.95 -7.29 10.21
N ARG A 30 -11.17 -8.10 9.16
CA ARG A 30 -11.05 -9.57 9.20
C ARG A 30 -9.64 -9.96 9.66
N LEU A 31 -8.62 -9.37 9.02
CA LEU A 31 -7.20 -9.66 9.28
C LEU A 31 -6.67 -8.86 10.47
N ALA A 32 -7.29 -7.68 10.72
CA ALA A 32 -6.84 -6.75 11.76
C ALA A 32 -6.97 -7.38 13.14
N ARG A 33 -8.13 -8.03 13.39
CA ARG A 33 -8.42 -8.64 14.69
C ARG A 33 -7.51 -9.87 14.96
N GLN A 34 -6.91 -10.39 13.88
CA GLN A 34 -5.95 -11.51 13.96
C GLN A 34 -4.54 -10.98 14.29
N TYR A 35 -4.16 -9.90 13.59
CA TYR A 35 -2.77 -9.38 13.57
C TYR A 35 -2.60 -8.10 14.40
N HIS A 36 -3.63 -7.74 15.21
CA HIS A 36 -3.56 -6.59 16.13
C HIS A 36 -2.47 -6.83 17.18
N PRO A 37 -1.54 -5.85 17.41
CA PRO A 37 -0.42 -6.00 18.41
C PRO A 37 -0.91 -6.18 19.87
N ASP A 38 -2.21 -5.95 20.11
CA ASP A 38 -2.87 -6.17 21.41
C ASP A 38 -3.31 -7.65 21.53
N VAL A 39 -3.97 -8.13 20.45
CA VAL A 39 -4.44 -9.52 20.32
C VAL A 39 -3.25 -10.49 20.24
N ASN A 40 -2.23 -10.05 19.50
CA ASN A 40 -1.13 -10.89 19.05
C ASN A 40 0.11 -10.02 18.85
N LYS A 41 0.97 -10.01 19.88
CA LYS A 41 2.23 -9.24 19.90
C LYS A 41 3.39 -10.18 19.55
N SER A 42 3.35 -10.65 18.30
CA SER A 42 4.41 -11.50 17.71
C SER A 42 4.91 -10.85 16.41
N PRO A 43 6.20 -11.09 15.99
CA PRO A 43 6.75 -10.57 14.70
C PRO A 43 5.94 -11.03 13.47
N GLU A 44 5.32 -12.21 13.61
CA GLU A 44 4.42 -12.81 12.59
C GLU A 44 3.21 -11.90 12.30
N ALA A 45 2.72 -11.23 13.37
CA ALA A 45 1.57 -10.33 13.31
C ALA A 45 1.95 -8.93 12.81
N GLU A 46 3.08 -8.40 13.33
CA GLU A 46 3.49 -7.00 13.08
C GLU A 46 3.86 -6.75 11.60
N GLU A 47 4.33 -7.81 10.92
CA GLU A 47 4.71 -7.74 9.49
C GLU A 47 3.47 -7.78 8.60
N LYS A 48 2.47 -8.61 9.00
CA LYS A 48 1.17 -8.70 8.31
C LYS A 48 0.35 -7.43 8.56
N PHE A 49 0.60 -6.79 9.72
CA PHE A 49 -0.08 -5.56 10.13
C PHE A 49 0.30 -4.42 9.17
N LYS A 50 1.51 -4.53 8.58
CA LYS A 50 1.98 -3.62 7.54
C LYS A 50 1.17 -3.83 6.24
N GLU A 51 1.01 -5.12 5.88
CA GLU A 51 0.45 -5.55 4.59
C GLU A 51 -1.07 -5.36 4.52
N ILE A 52 -1.75 -5.42 5.68
CA ILE A 52 -3.19 -5.20 5.76
C ILE A 52 -3.50 -3.69 5.74
N ASN A 53 -2.59 -2.89 6.35
CA ASN A 53 -2.64 -1.41 6.30
C ASN A 53 -2.26 -0.91 4.90
N GLU A 54 -1.39 -1.66 4.23
CA GLU A 54 -0.88 -1.40 2.88
C GLU A 54 -1.97 -1.60 1.85
N ALA A 55 -2.51 -2.83 1.86
CA ALA A 55 -3.60 -3.24 0.98
C ALA A 55 -4.79 -2.32 1.14
N TYR A 56 -5.15 -2.03 2.39
CA TYR A 56 -6.30 -1.18 2.71
C TYR A 56 -6.03 0.30 2.34
N ALA A 57 -4.79 0.80 2.53
CA ALA A 57 -4.44 2.22 2.22
C ALA A 57 -4.69 2.56 0.73
N VAL A 58 -4.55 1.54 -0.12
CA VAL A 58 -4.83 1.65 -1.56
C VAL A 58 -6.31 1.35 -1.87
N LEU A 59 -6.82 0.24 -1.29
CA LEU A 59 -8.16 -0.30 -1.63
C LEU A 59 -9.31 0.47 -0.96
N SER A 60 -8.98 1.33 0.02
CA SER A 60 -9.97 2.17 0.73
C SER A 60 -10.43 3.31 -0.16
N ASP A 61 -9.58 3.70 -1.12
CA ASP A 61 -9.86 4.79 -2.06
C ASP A 61 -10.00 4.20 -3.49
N PRO A 62 -11.17 4.41 -4.18
CA PRO A 62 -11.47 3.81 -5.51
C PRO A 62 -10.53 4.28 -6.65
N GLU A 63 -9.73 5.32 -6.40
CA GLU A 63 -8.77 5.84 -7.37
C GLU A 63 -7.43 5.10 -7.22
N LYS A 64 -6.90 5.01 -5.98
CA LYS A 64 -5.56 4.40 -5.73
C LYS A 64 -5.52 2.92 -6.14
N ARG A 65 -6.71 2.29 -6.10
CA ARG A 65 -6.96 0.93 -6.62
C ARG A 65 -6.53 0.81 -8.10
N ARG A 66 -7.00 1.78 -8.92
CA ARG A 66 -6.71 1.80 -10.35
C ARG A 66 -5.24 2.20 -10.62
N ILE A 67 -4.61 2.93 -9.67
CA ILE A 67 -3.18 3.29 -9.73
C ILE A 67 -2.32 2.01 -9.73
N TYR A 68 -2.45 1.19 -8.67
CA TYR A 68 -1.64 -0.05 -8.52
C TYR A 68 -2.09 -1.15 -9.53
N ASP A 69 -3.31 -0.97 -10.09
CA ASP A 69 -3.86 -1.87 -11.13
C ASP A 69 -3.17 -1.63 -12.49
N THR A 70 -3.09 -0.34 -12.89
CA THR A 70 -2.54 0.03 -14.21
C THR A 70 -1.02 0.24 -14.14
N TYR A 71 -0.48 0.40 -12.92
CA TYR A 71 0.96 0.62 -12.70
C TYR A 71 1.55 -0.49 -11.84
N GLY A 72 2.73 -0.93 -12.24
CA GLY A 72 3.48 -1.94 -11.50
C GLY A 72 4.91 -2.06 -12.02
N THR A 73 5.40 -0.97 -12.63
CA THR A 73 6.76 -0.87 -13.16
C THR A 73 7.23 0.58 -12.98
N THR A 74 8.42 0.76 -12.38
CA THR A 74 8.95 2.09 -11.99
C THR A 74 9.77 2.72 -13.15
N GLU A 75 9.51 2.28 -14.41
CA GLU A 75 10.35 2.64 -15.59
C GLU A 75 9.51 3.42 -16.62
N ALA A 76 8.79 2.70 -17.51
CA ALA A 76 7.98 3.32 -18.57
C ALA A 76 6.63 3.86 -18.04
N PRO A 77 5.82 3.07 -17.25
CA PRO A 77 4.61 3.61 -16.58
C PRO A 77 4.98 4.42 -15.32
N PRO A 78 4.78 5.78 -15.31
CA PRO A 78 5.14 6.63 -14.16
C PRO A 78 3.97 6.74 -13.13
N PRO A 79 4.25 7.07 -11.83
CA PRO A 79 3.18 7.34 -10.84
C PRO A 79 2.43 8.67 -11.13
N PRO A 80 1.19 8.87 -10.58
CA PRO A 80 0.46 10.18 -10.63
C PRO A 80 1.26 11.33 -9.93
N PRO A 81 0.78 12.65 -9.97
CA PRO A 81 1.44 13.77 -9.25
C PRO A 81 1.85 13.44 -7.77
N PRO A 82 3.20 13.44 -7.48
CA PRO A 82 3.73 13.16 -6.11
C PRO A 82 3.13 14.04 -5.00
N GLY A 83 2.68 13.39 -3.92
CA GLY A 83 2.11 14.06 -2.74
C GLY A 83 0.65 13.69 -2.54
N GLY A 84 -0.06 13.47 -3.66
CA GLY A 84 -1.46 13.05 -3.64
C GLY A 84 -1.60 11.55 -3.47
N TYR A 85 -1.14 11.03 -2.31
CA TYR A 85 -1.13 9.60 -1.99
C TYR A 85 -1.68 9.39 -0.57
N ASP A 86 -2.23 8.19 -0.32
CA ASP A 86 -2.77 7.82 1.00
C ASP A 86 -1.71 7.13 1.85
N PHE A 87 -1.37 7.77 3.00
CA PHE A 87 -0.36 7.29 3.94
C PHE A 87 -0.61 7.75 5.39
N SER A 88 -1.56 8.68 5.57
CA SER A 88 -1.82 9.30 6.87
C SER A 88 -2.54 8.30 7.79
N GLY A 89 -1.87 7.95 8.92
CA GLY A 89 -2.36 6.95 9.86
C GLY A 89 -1.88 5.53 9.52
N PHE A 90 -0.91 5.42 8.58
CA PHE A 90 -0.39 4.10 8.11
C PHE A 90 1.15 4.03 8.23
N ASP A 91 1.82 5.15 7.88
CA ASP A 91 3.29 5.23 7.72
C ASP A 91 3.77 4.18 6.71
N VAL A 92 3.55 4.48 5.44
CA VAL A 92 3.65 3.49 4.34
C VAL A 92 5.07 3.29 3.82
N GLU A 93 6.02 4.08 4.34
CA GLU A 93 7.45 3.99 3.98
C GLU A 93 8.06 2.63 4.36
N ASP A 94 7.41 1.94 5.31
CA ASP A 94 7.88 0.64 5.83
C ASP A 94 7.11 -0.53 5.17
N PHE A 95 6.35 -0.23 4.09
CA PHE A 95 5.58 -1.24 3.32
C PHE A 95 6.40 -1.70 2.10
N SER A 96 5.88 -2.72 1.38
CA SER A 96 6.60 -3.39 0.27
C SER A 96 6.96 -2.43 -0.88
N GLU A 97 7.86 -2.94 -1.73
CA GLU A 97 8.47 -2.19 -2.86
C GLU A 97 7.40 -1.81 -3.89
N PHE A 98 6.32 -2.62 -3.94
CA PHE A 98 5.14 -2.37 -4.81
C PHE A 98 4.48 -1.02 -4.42
N PHE A 99 4.44 -0.75 -3.12
CA PHE A 99 3.84 0.50 -2.58
C PHE A 99 4.87 1.65 -2.72
N GLN A 100 6.16 1.31 -2.51
CA GLN A 100 7.26 2.28 -2.53
C GLN A 100 7.47 2.92 -3.92
N GLU A 101 7.35 2.11 -4.97
CA GLU A 101 7.62 2.55 -6.35
C GLU A 101 6.58 3.57 -6.85
N LEU A 102 5.31 3.37 -6.46
CA LEU A 102 4.18 4.21 -6.88
C LEU A 102 4.05 5.44 -5.97
N PHE A 103 3.82 5.19 -4.68
CA PHE A 103 3.42 6.24 -3.72
C PHE A 103 4.67 6.89 -3.08
N GLY A 104 5.82 6.20 -3.11
CA GLY A 104 7.10 6.68 -2.54
C GLY A 104 7.60 8.06 -3.04
N PRO A 105 7.53 8.40 -4.38
CA PRO A 105 7.84 9.77 -4.90
C PRO A 105 7.19 10.92 -4.08
N GLY A 106 5.97 10.68 -3.56
CA GLY A 106 5.22 11.69 -2.80
C GLY A 106 5.31 11.53 -1.29
N LEU A 107 5.97 10.45 -0.85
CA LEU A 107 6.26 10.19 0.57
C LEU A 107 7.54 10.91 0.98
N PHE A 108 8.60 10.65 0.22
CA PHE A 108 9.92 11.29 0.40
C PHE A 108 10.30 12.00 -0.91
N GLY A 109 11.20 13.02 -0.83
CA GLY A 109 11.60 13.79 -2.00
C GLY A 109 12.64 13.08 -2.85
N GLY A 110 12.25 11.93 -3.43
CA GLY A 110 13.11 11.13 -4.31
C GLY A 110 12.57 11.08 -5.74
N PHE A 111 11.70 12.06 -6.06
CA PHE A 111 11.05 12.19 -7.39
C PHE A 111 11.88 13.12 -8.30
N GLY A 112 13.21 12.92 -8.32
CA GLY A 112 14.12 13.74 -9.12
C GLY A 112 13.91 13.59 -10.63
N ARG A 113 13.26 12.49 -11.00
CA ARG A 113 12.78 12.23 -12.36
C ARG A 113 11.62 13.19 -12.72
N ARG A 114 12.00 14.42 -13.15
CA ARG A 114 11.04 15.47 -13.57
C ARG A 114 11.50 16.04 -14.92
N SER A 115 12.71 16.63 -14.93
CA SER A 115 13.33 17.23 -16.13
C SER A 115 14.00 16.11 -16.96
N ARG A 116 13.20 15.46 -17.81
CA ARG A 116 13.65 14.33 -18.66
C ARG A 116 13.48 14.69 -20.15
N LYS A 117 14.54 14.41 -20.92
CA LYS A 117 14.60 14.63 -22.37
C LYS A 117 14.68 13.27 -23.06
N GLY A 118 13.52 12.73 -23.47
CA GLY A 118 13.42 11.43 -24.11
C GLY A 118 11.98 11.07 -24.45
N MET A 3 10.48 -7.49 -9.00
CA MET A 3 9.21 -6.77 -9.10
C MET A 3 8.33 -7.04 -7.87
N ALA A 4 7.99 -5.97 -7.14
CA ALA A 4 7.16 -6.04 -5.91
C ALA A 4 5.66 -6.06 -6.21
N ALA A 5 5.33 -6.07 -7.52
CA ALA A 5 3.94 -6.17 -8.03
C ALA A 5 3.22 -7.49 -7.65
N LYS A 6 3.91 -8.35 -6.88
CA LYS A 6 3.40 -9.63 -6.40
C LYS A 6 2.35 -9.42 -5.29
N LYS A 7 2.35 -8.21 -4.69
CA LYS A 7 1.39 -7.85 -3.64
C LYS A 7 0.06 -7.42 -4.26
N ASP A 8 -0.76 -8.41 -4.65
CA ASP A 8 -2.16 -8.17 -4.99
C ASP A 8 -2.86 -7.76 -3.69
N TYR A 9 -3.07 -6.46 -3.53
CA TYR A 9 -3.68 -5.87 -2.32
C TYR A 9 -5.11 -6.43 -2.09
N TYR A 10 -5.76 -6.84 -3.19
CA TYR A 10 -7.00 -7.61 -3.15
C TYR A 10 -6.80 -8.96 -2.43
N ALA A 11 -5.80 -9.73 -2.87
CA ALA A 11 -5.53 -11.09 -2.35
C ALA A 11 -5.13 -11.08 -0.87
N ILE A 12 -4.43 -10.01 -0.45
CA ILE A 12 -4.01 -9.79 0.95
C ILE A 12 -5.25 -9.65 1.87
N LEU A 13 -6.24 -8.84 1.43
CA LEU A 13 -7.51 -8.67 2.15
C LEU A 13 -8.49 -9.84 1.88
N GLY A 14 -8.18 -10.66 0.86
CA GLY A 14 -9.01 -11.81 0.49
C GLY A 14 -10.28 -11.41 -0.27
N VAL A 15 -10.24 -10.24 -0.94
CA VAL A 15 -11.35 -9.73 -1.76
C VAL A 15 -10.98 -9.83 -3.26
N PRO A 16 -11.98 -9.97 -4.20
CA PRO A 16 -11.72 -10.00 -5.67
C PRO A 16 -11.28 -8.65 -6.27
N ARG A 17 -11.05 -8.63 -7.60
CA ARG A 17 -10.58 -7.44 -8.34
C ARG A 17 -11.66 -6.34 -8.39
N ASN A 18 -12.92 -6.78 -8.57
CA ASN A 18 -14.10 -5.89 -8.64
C ASN A 18 -14.84 -5.92 -7.30
N ALA A 19 -14.06 -5.98 -6.20
CA ALA A 19 -14.58 -5.98 -4.82
C ALA A 19 -15.32 -4.66 -4.50
N THR A 20 -16.43 -4.77 -3.74
CA THR A 20 -17.14 -3.60 -3.23
C THR A 20 -16.37 -3.02 -2.02
N GLN A 21 -16.38 -1.69 -1.87
CA GLN A 21 -15.64 -0.98 -0.79
C GLN A 21 -16.08 -1.49 0.61
N GLU A 22 -17.34 -1.98 0.67
CA GLU A 22 -17.93 -2.63 1.86
C GLU A 22 -17.12 -3.88 2.25
N GLU A 23 -16.91 -4.81 1.30
CA GLU A 23 -16.23 -6.10 1.60
C GLU A 23 -14.73 -5.87 1.82
N ILE A 24 -14.17 -4.81 1.19
CA ILE A 24 -12.77 -4.41 1.36
C ILE A 24 -12.48 -3.98 2.81
N LYS A 25 -13.33 -3.09 3.34
CA LYS A 25 -13.10 -2.47 4.65
C LYS A 25 -13.29 -3.49 5.80
N ARG A 26 -14.31 -4.37 5.70
CA ARG A 26 -14.54 -5.43 6.73
C ARG A 26 -13.48 -6.54 6.61
N ALA A 27 -12.90 -6.70 5.40
CA ALA A 27 -11.80 -7.66 5.16
C ALA A 27 -10.51 -7.17 5.81
N TYR A 28 -10.30 -5.85 5.79
CA TYR A 28 -9.22 -5.21 6.55
C TYR A 28 -9.44 -5.42 8.05
N LYS A 29 -10.67 -5.10 8.52
CA LYS A 29 -11.00 -5.14 9.96
C LYS A 29 -10.82 -6.54 10.55
N ARG A 30 -11.26 -7.60 9.83
CA ARG A 30 -11.20 -8.98 10.34
C ARG A 30 -9.74 -9.46 10.49
N LEU A 31 -8.85 -9.02 9.57
CA LEU A 31 -7.41 -9.32 9.61
C LEU A 31 -6.71 -8.42 10.65
N ALA A 32 -7.26 -7.21 10.85
CA ALA A 32 -6.78 -6.24 11.84
C ALA A 32 -7.13 -6.68 13.28
N ARG A 33 -7.94 -7.74 13.40
CA ARG A 33 -8.25 -8.37 14.71
C ARG A 33 -7.26 -9.53 14.98
N GLN A 34 -6.81 -10.19 13.91
CA GLN A 34 -5.92 -11.37 13.97
C GLN A 34 -4.46 -10.96 14.19
N TYR A 35 -4.04 -9.97 13.39
CA TYR A 35 -2.66 -9.46 13.34
C TYR A 35 -2.53 -8.21 14.21
N HIS A 36 -3.58 -7.93 15.00
CA HIS A 36 -3.66 -6.78 15.91
C HIS A 36 -2.52 -6.90 16.94
N PRO A 37 -1.73 -5.81 17.21
CA PRO A 37 -0.57 -5.87 18.13
C PRO A 37 -0.93 -6.48 19.50
N ASP A 38 -2.05 -6.02 20.06
CA ASP A 38 -2.56 -6.44 21.39
C ASP A 38 -2.91 -7.94 21.41
N VAL A 39 -3.56 -8.39 20.33
CA VAL A 39 -4.03 -9.77 20.15
C VAL A 39 -2.86 -10.73 19.90
N ASN A 40 -1.90 -10.24 19.12
CA ASN A 40 -0.82 -11.07 18.57
C ASN A 40 0.35 -10.18 18.12
N LYS A 41 1.36 -10.02 19.00
CA LYS A 41 2.57 -9.21 18.72
C LYS A 41 3.74 -10.14 18.31
N SER A 42 3.54 -10.89 17.24
CA SER A 42 4.58 -11.71 16.61
C SER A 42 5.17 -10.96 15.40
N PRO A 43 6.47 -11.21 15.01
CA PRO A 43 7.02 -10.71 13.72
C PRO A 43 6.23 -11.27 12.52
N GLU A 44 5.67 -12.48 12.73
CA GLU A 44 4.78 -13.16 11.78
C GLU A 44 3.49 -12.35 11.52
N ALA A 45 3.02 -11.63 12.56
CA ALA A 45 1.78 -10.86 12.51
C ALA A 45 2.01 -9.41 12.08
N GLU A 46 3.15 -8.83 12.53
CA GLU A 46 3.45 -7.39 12.31
C GLU A 46 3.70 -7.10 10.84
N GLU A 47 4.27 -8.09 10.12
CA GLU A 47 4.59 -7.98 8.69
C GLU A 47 3.28 -7.96 7.88
N LYS A 48 2.30 -8.82 8.28
CA LYS A 48 0.96 -8.86 7.66
C LYS A 48 0.18 -7.60 8.03
N PHE A 49 0.50 -7.02 9.20
CA PHE A 49 -0.14 -5.81 9.69
C PHE A 49 0.24 -4.60 8.80
N LYS A 50 1.45 -4.68 8.18
CA LYS A 50 1.89 -3.67 7.21
C LYS A 50 1.09 -3.85 5.92
N GLU A 51 0.94 -5.13 5.52
CA GLU A 51 0.38 -5.55 4.24
C GLU A 51 -1.13 -5.31 4.17
N ILE A 52 -1.83 -5.42 5.31
CA ILE A 52 -3.30 -5.20 5.37
C ILE A 52 -3.60 -3.69 5.40
N ASN A 53 -2.69 -2.92 6.02
CA ASN A 53 -2.73 -1.45 6.00
C ASN A 53 -2.32 -0.92 4.61
N GLU A 54 -1.42 -1.67 3.94
CA GLU A 54 -0.88 -1.34 2.60
C GLU A 54 -1.95 -1.58 1.56
N ALA A 55 -2.64 -2.70 1.76
CA ALA A 55 -3.77 -3.11 0.95
C ALA A 55 -4.92 -2.12 1.10
N TYR A 56 -5.23 -1.75 2.35
CA TYR A 56 -6.37 -0.87 2.66
C TYR A 56 -6.10 0.61 2.33
N ALA A 57 -4.83 1.03 2.38
CA ALA A 57 -4.45 2.44 2.07
C ALA A 57 -4.75 2.76 0.59
N VAL A 58 -4.50 1.76 -0.25
CA VAL A 58 -4.77 1.82 -1.69
C VAL A 58 -6.25 1.52 -1.99
N LEU A 59 -6.79 0.47 -1.33
CA LEU A 59 -8.15 -0.06 -1.57
C LEU A 59 -9.25 0.75 -0.85
N SER A 60 -8.86 1.78 -0.09
CA SER A 60 -9.82 2.72 0.54
C SER A 60 -10.47 3.58 -0.55
N ASP A 61 -9.67 3.96 -1.56
CA ASP A 61 -10.12 4.78 -2.68
C ASP A 61 -10.17 3.91 -3.95
N PRO A 62 -11.31 3.93 -4.72
CA PRO A 62 -11.40 3.27 -6.05
C PRO A 62 -10.33 3.81 -7.04
N GLU A 63 -9.97 5.09 -6.84
CA GLU A 63 -8.94 5.79 -7.59
C GLU A 63 -7.60 5.03 -7.55
N LYS A 64 -7.13 4.74 -6.32
CA LYS A 64 -5.78 4.18 -6.08
C LYS A 64 -5.76 2.67 -6.41
N ARG A 65 -6.95 2.01 -6.32
CA ARG A 65 -7.14 0.59 -6.68
C ARG A 65 -6.68 0.30 -8.13
N ARG A 66 -6.86 1.30 -9.03
CA ARG A 66 -6.47 1.13 -10.44
C ARG A 66 -5.02 1.61 -10.71
N ILE A 67 -4.40 2.30 -9.73
CA ILE A 67 -2.97 2.70 -9.82
C ILE A 67 -2.08 1.44 -9.92
N TYR A 68 -2.03 0.61 -8.86
CA TYR A 68 -1.11 -0.55 -8.80
C TYR A 68 -1.53 -1.65 -9.82
N ASP A 69 -2.79 -1.55 -10.26
CA ASP A 69 -3.40 -2.40 -11.28
C ASP A 69 -2.71 -2.25 -12.65
N THR A 70 -2.43 -0.99 -13.04
CA THR A 70 -1.75 -0.68 -14.32
C THR A 70 -0.23 -0.52 -14.11
N TYR A 71 0.19 -0.22 -12.87
CA TYR A 71 1.60 0.01 -12.51
C TYR A 71 2.24 -1.26 -11.92
N GLY A 72 3.50 -1.12 -11.45
CA GLY A 72 4.26 -2.22 -10.85
C GLY A 72 5.04 -3.05 -11.86
N THR A 73 4.98 -2.67 -13.15
CA THR A 73 5.68 -3.37 -14.24
C THR A 73 6.63 -2.41 -14.97
N THR A 74 7.54 -2.99 -15.77
CA THR A 74 8.38 -2.23 -16.71
C THR A 74 7.53 -1.64 -17.85
N GLU A 75 6.45 -2.38 -18.18
CA GLU A 75 5.44 -1.98 -19.17
C GLU A 75 4.74 -0.67 -18.76
N ALA A 76 4.51 -0.56 -17.44
CA ALA A 76 3.86 0.59 -16.83
C ALA A 76 4.68 1.88 -17.05
N PRO A 77 4.01 3.06 -17.22
CA PRO A 77 4.72 4.36 -17.30
C PRO A 77 5.44 4.69 -15.95
N PRO A 78 6.50 5.57 -15.96
CA PRO A 78 7.19 6.05 -14.72
C PRO A 78 6.19 6.56 -13.62
N PRO A 79 6.63 6.63 -12.30
CA PRO A 79 5.72 7.02 -11.17
C PRO A 79 5.04 8.41 -11.41
N PRO A 80 3.69 8.53 -11.13
CA PRO A 80 2.90 9.77 -11.44
C PRO A 80 3.29 10.99 -10.54
N PRO A 81 2.71 12.22 -10.76
CA PRO A 81 2.92 13.37 -9.85
C PRO A 81 2.23 13.16 -8.46
N PRO A 82 2.90 13.56 -7.33
CA PRO A 82 2.30 13.53 -5.96
C PRO A 82 1.08 14.47 -5.80
N GLY A 83 0.41 14.35 -4.65
CA GLY A 83 -0.81 15.13 -4.36
C GLY A 83 -2.04 14.24 -4.25
N GLY A 84 -1.83 12.92 -4.37
CA GLY A 84 -2.90 11.94 -4.25
C GLY A 84 -2.37 10.60 -3.76
N TYR A 85 -1.43 10.65 -2.81
CA TYR A 85 -0.85 9.45 -2.17
C TYR A 85 -1.27 9.44 -0.69
N ASP A 86 -1.91 8.35 -0.23
CA ASP A 86 -2.45 8.24 1.15
C ASP A 86 -1.41 7.67 2.11
N PHE A 87 -1.37 8.21 3.36
CA PHE A 87 -0.43 7.76 4.42
C PHE A 87 -0.92 8.04 5.86
N SER A 88 -1.97 8.88 6.03
CA SER A 88 -2.47 9.26 7.36
C SER A 88 -3.19 8.08 8.04
N GLY A 89 -2.64 7.62 9.18
CA GLY A 89 -3.18 6.47 9.93
C GLY A 89 -2.62 5.13 9.47
N PHE A 90 -1.54 5.15 8.66
CA PHE A 90 -0.93 3.95 8.06
C PHE A 90 0.61 3.89 8.28
N ASP A 91 1.30 5.03 8.05
CA ASP A 91 2.78 5.11 7.99
C ASP A 91 3.29 4.22 6.85
N VAL A 92 2.98 4.65 5.63
CA VAL A 92 3.15 3.83 4.42
C VAL A 92 4.60 3.65 3.98
N GLU A 93 5.47 4.55 4.46
CA GLU A 93 6.93 4.49 4.21
C GLU A 93 7.58 3.26 4.89
N ASP A 94 6.82 2.58 5.77
CA ASP A 94 7.29 1.40 6.51
C ASP A 94 6.76 0.09 5.86
N PHE A 95 6.05 0.24 4.73
CA PHE A 95 5.43 -0.88 3.99
C PHE A 95 6.40 -1.43 2.94
N SER A 96 5.99 -2.52 2.27
CA SER A 96 6.84 -3.25 1.32
C SER A 96 7.07 -2.43 0.01
N GLU A 97 8.01 -2.91 -0.82
CA GLU A 97 8.57 -2.19 -2.00
C GLU A 97 7.49 -1.66 -2.98
N PHE A 98 6.31 -2.31 -3.03
CA PHE A 98 5.26 -2.01 -4.03
C PHE A 98 4.62 -0.63 -3.75
N PHE A 99 4.45 -0.29 -2.46
CA PHE A 99 3.96 1.04 -2.05
C PHE A 99 5.10 2.08 -2.19
N GLN A 100 6.34 1.61 -2.02
CA GLN A 100 7.55 2.45 -2.00
C GLN A 100 7.99 2.90 -3.41
N GLU A 101 7.71 2.07 -4.42
CA GLU A 101 8.05 2.35 -5.82
C GLU A 101 6.99 3.29 -6.45
N LEU A 102 5.72 3.11 -6.03
CA LEU A 102 4.58 3.86 -6.57
C LEU A 102 4.42 5.23 -5.88
N PHE A 103 4.09 5.17 -4.59
CA PHE A 103 3.71 6.36 -3.81
C PHE A 103 4.94 6.96 -3.08
N GLY A 104 6.08 6.25 -3.15
CA GLY A 104 7.35 6.68 -2.57
C GLY A 104 7.84 8.09 -2.97
N PRO A 105 7.82 8.50 -4.30
CA PRO A 105 8.23 9.88 -4.73
C PRO A 105 7.44 11.03 -4.05
N GLY A 106 6.23 10.72 -3.54
CA GLY A 106 5.40 11.69 -2.84
C GLY A 106 5.63 11.67 -1.33
N LEU A 107 6.09 10.53 -0.83
CA LEU A 107 6.44 10.36 0.60
C LEU A 107 7.84 10.94 0.83
N PHE A 108 8.82 10.33 0.17
CA PHE A 108 10.19 10.85 0.11
C PHE A 108 10.38 11.65 -1.18
N GLY A 109 10.47 12.98 -1.03
CA GLY A 109 10.60 13.90 -2.18
C GLY A 109 11.93 13.79 -2.92
N GLY A 110 12.95 13.22 -2.22
CA GLY A 110 14.27 13.00 -2.79
C GLY A 110 14.93 11.77 -2.17
N PHE A 111 14.64 10.58 -2.74
CA PHE A 111 15.33 9.31 -2.38
C PHE A 111 15.92 8.65 -3.64
N GLY A 112 15.86 9.34 -4.80
CA GLY A 112 16.47 8.86 -6.05
C GLY A 112 15.51 8.06 -6.92
N ARG A 113 14.29 8.57 -7.08
CA ARG A 113 13.25 7.95 -7.94
C ARG A 113 13.30 8.55 -9.38
N ARG A 114 14.24 9.50 -9.59
CA ARG A 114 14.43 10.19 -10.88
C ARG A 114 14.99 9.24 -11.95
N SER A 115 15.92 8.38 -11.53
CA SER A 115 16.59 7.41 -12.41
C SER A 115 15.70 6.16 -12.59
N ARG A 116 16.15 5.26 -13.48
CA ARG A 116 15.50 3.97 -13.77
C ARG A 116 16.48 3.09 -14.55
N LYS A 117 16.11 1.83 -14.77
CA LYS A 117 16.90 0.90 -15.60
C LYS A 117 16.56 1.12 -17.09
N GLY A 118 17.51 1.66 -17.86
CA GLY A 118 17.30 1.93 -19.29
C GLY A 118 18.41 2.83 -19.84
N MET A 3 12.80 -6.19 -5.35
CA MET A 3 11.78 -6.84 -6.19
C MET A 3 10.37 -6.33 -5.84
N ALA A 4 9.59 -6.02 -6.88
CA ALA A 4 8.16 -5.66 -6.76
C ALA A 4 7.35 -6.51 -7.76
N ALA A 5 6.10 -6.09 -8.07
CA ALA A 5 5.12 -6.85 -8.89
C ALA A 5 4.69 -8.16 -8.19
N LYS A 6 4.94 -8.23 -6.86
CA LYS A 6 4.68 -9.43 -6.02
C LYS A 6 3.64 -9.15 -4.94
N LYS A 7 2.95 -8.01 -5.05
CA LYS A 7 2.07 -7.50 -4.01
C LYS A 7 0.64 -7.35 -4.54
N ASP A 8 -0.11 -8.46 -4.45
CA ASP A 8 -1.52 -8.52 -4.86
C ASP A 8 -2.37 -8.10 -3.65
N TYR A 9 -2.72 -6.82 -3.60
CA TYR A 9 -3.42 -6.20 -2.45
C TYR A 9 -4.83 -6.77 -2.23
N TYR A 10 -5.47 -7.23 -3.32
CA TYR A 10 -6.78 -7.88 -3.25
C TYR A 10 -6.67 -9.26 -2.59
N ALA A 11 -5.60 -10.00 -2.92
CA ALA A 11 -5.37 -11.35 -2.39
C ALA A 11 -5.00 -11.34 -0.90
N ILE A 12 -4.37 -10.23 -0.44
CA ILE A 12 -4.01 -10.04 0.98
C ILE A 12 -5.27 -9.95 1.86
N LEU A 13 -6.23 -9.09 1.46
CA LEU A 13 -7.49 -8.89 2.21
C LEU A 13 -8.49 -10.05 1.97
N GLY A 14 -8.35 -10.71 0.80
CA GLY A 14 -9.20 -11.85 0.43
C GLY A 14 -10.47 -11.43 -0.31
N VAL A 15 -10.32 -10.49 -1.26
CA VAL A 15 -11.43 -9.93 -2.08
C VAL A 15 -11.03 -9.93 -3.58
N PRO A 16 -12.03 -9.97 -4.54
CA PRO A 16 -11.75 -9.93 -6.02
C PRO A 16 -11.34 -8.53 -6.51
N ARG A 17 -10.97 -8.41 -7.81
CA ARG A 17 -10.60 -7.12 -8.45
C ARG A 17 -11.76 -6.11 -8.38
N ASN A 18 -12.98 -6.61 -8.62
CA ASN A 18 -14.22 -5.81 -8.59
C ASN A 18 -14.81 -5.73 -7.17
N ALA A 19 -13.95 -5.89 -6.14
CA ALA A 19 -14.36 -5.76 -4.73
C ALA A 19 -14.92 -4.36 -4.45
N THR A 20 -16.10 -4.30 -3.84
CA THR A 20 -16.71 -3.03 -3.43
C THR A 20 -16.10 -2.58 -2.08
N GLN A 21 -16.17 -1.28 -1.78
CA GLN A 21 -15.60 -0.71 -0.54
C GLN A 21 -16.28 -1.28 0.71
N GLU A 22 -17.52 -1.77 0.54
CA GLU A 22 -18.32 -2.39 1.61
C GLU A 22 -17.71 -3.75 2.06
N GLU A 23 -17.11 -4.51 1.13
CA GLU A 23 -16.48 -5.81 1.46
C GLU A 23 -14.98 -5.63 1.84
N ILE A 24 -14.34 -4.58 1.28
CA ILE A 24 -12.91 -4.27 1.53
C ILE A 24 -12.68 -3.80 2.98
N LYS A 25 -13.60 -2.94 3.47
CA LYS A 25 -13.51 -2.35 4.83
C LYS A 25 -13.44 -3.47 5.89
N ARG A 26 -14.36 -4.45 5.79
CA ARG A 26 -14.44 -5.56 6.75
C ARG A 26 -13.40 -6.65 6.43
N ALA A 27 -12.90 -6.66 5.16
CA ALA A 27 -11.81 -7.57 4.72
C ALA A 27 -10.48 -7.19 5.37
N TYR A 28 -10.34 -5.90 5.69
CA TYR A 28 -9.25 -5.40 6.53
C TYR A 28 -9.51 -5.77 7.99
N LYS A 29 -10.69 -5.34 8.51
CA LYS A 29 -11.04 -5.46 9.94
C LYS A 29 -10.92 -6.90 10.49
N ARG A 30 -11.39 -7.89 9.70
CA ARG A 30 -11.32 -9.33 10.07
C ARG A 30 -9.86 -9.76 10.35
N LEU A 31 -8.92 -9.29 9.50
CA LEU A 31 -7.49 -9.61 9.60
C LEU A 31 -6.79 -8.70 10.63
N ALA A 32 -7.33 -7.47 10.75
CA ALA A 32 -6.75 -6.42 11.58
C ALA A 32 -6.96 -6.69 13.05
N ARG A 33 -7.92 -7.59 13.39
CA ARG A 33 -8.18 -8.00 14.79
C ARG A 33 -7.50 -9.35 15.12
N GLN A 34 -6.86 -9.98 14.10
CA GLN A 34 -6.08 -11.24 14.28
C GLN A 34 -4.63 -10.88 14.56
N TYR A 35 -4.15 -9.85 13.83
CA TYR A 35 -2.75 -9.41 13.86
C TYR A 35 -2.62 -8.08 14.62
N HIS A 36 -3.72 -7.68 15.31
CA HIS A 36 -3.80 -6.45 16.12
C HIS A 36 -2.78 -6.56 17.26
N PRO A 37 -1.88 -5.54 17.47
CA PRO A 37 -0.82 -5.60 18.54
C PRO A 37 -1.38 -5.76 19.99
N ASP A 38 -2.71 -5.64 20.15
CA ASP A 38 -3.42 -5.93 21.41
C ASP A 38 -3.71 -7.44 21.53
N VAL A 39 -4.26 -8.00 20.45
CA VAL A 39 -4.68 -9.41 20.34
C VAL A 39 -3.47 -10.35 20.22
N ASN A 40 -2.49 -9.89 19.44
CA ASN A 40 -1.37 -10.69 18.96
C ASN A 40 -0.22 -9.75 18.56
N LYS A 41 0.81 -9.73 19.40
CA LYS A 41 1.98 -8.86 19.26
C LYS A 41 3.25 -9.73 19.05
N SER A 42 3.13 -10.65 18.07
CA SER A 42 4.23 -11.53 17.64
C SER A 42 4.92 -10.94 16.38
N PRO A 43 6.21 -11.32 16.08
CA PRO A 43 6.89 -10.95 14.80
C PRO A 43 6.07 -11.36 13.56
N GLU A 44 5.46 -12.55 13.65
CA GLU A 44 4.58 -13.14 12.61
C GLU A 44 3.32 -12.29 12.38
N ALA A 45 2.89 -11.57 13.43
CA ALA A 45 1.71 -10.70 13.37
C ALA A 45 2.04 -9.34 12.76
N GLU A 46 3.17 -8.76 13.18
CA GLU A 46 3.60 -7.41 12.78
C GLU A 46 3.86 -7.31 11.27
N GLU A 47 4.38 -8.40 10.68
CA GLU A 47 4.74 -8.44 9.24
C GLU A 47 3.47 -8.54 8.38
N LYS A 48 2.45 -9.25 8.91
CA LYS A 48 1.13 -9.34 8.26
C LYS A 48 0.36 -8.03 8.47
N PHE A 49 0.63 -7.35 9.61
CA PHE A 49 -0.04 -6.10 9.99
C PHE A 49 0.39 -4.96 9.06
N LYS A 50 1.57 -5.13 8.42
CA LYS A 50 2.06 -4.22 7.39
C LYS A 50 1.26 -4.43 6.11
N GLU A 51 1.18 -5.70 5.67
CA GLU A 51 0.63 -6.08 4.37
C GLU A 51 -0.89 -5.87 4.30
N ILE A 52 -1.60 -6.08 5.42
CA ILE A 52 -3.08 -5.91 5.46
C ILE A 52 -3.43 -4.40 5.46
N ASN A 53 -2.56 -3.59 6.11
CA ASN A 53 -2.71 -2.12 6.15
C ASN A 53 -2.21 -1.49 4.83
N GLU A 54 -1.30 -2.20 4.15
CA GLU A 54 -0.74 -1.80 2.85
C GLU A 54 -1.77 -2.05 1.76
N ALA A 55 -2.40 -3.22 1.86
CA ALA A 55 -3.49 -3.64 1.00
C ALA A 55 -4.67 -2.71 1.15
N TYR A 56 -4.96 -2.33 2.41
CA TYR A 56 -6.06 -1.42 2.74
C TYR A 56 -5.71 0.03 2.37
N ALA A 57 -4.42 0.40 2.45
CA ALA A 57 -3.97 1.77 2.07
C ALA A 57 -4.24 2.04 0.57
N VAL A 58 -4.16 0.98 -0.22
CA VAL A 58 -4.47 1.00 -1.66
C VAL A 58 -6.00 0.83 -1.89
N LEU A 59 -6.60 -0.14 -1.19
CA LEU A 59 -8.00 -0.59 -1.46
C LEU A 59 -9.08 0.23 -0.73
N SER A 60 -8.69 1.08 0.25
CA SER A 60 -9.66 1.92 1.01
C SER A 60 -10.09 3.11 0.16
N ASP A 61 -9.14 3.64 -0.62
CA ASP A 61 -9.34 4.82 -1.45
C ASP A 61 -9.39 4.39 -2.94
N PRO A 62 -10.53 4.69 -3.67
CA PRO A 62 -10.84 4.11 -5.01
C PRO A 62 -9.75 4.33 -6.08
N GLU A 63 -9.13 5.54 -6.07
CA GLU A 63 -8.10 5.87 -7.07
C GLU A 63 -6.81 5.07 -6.82
N LYS A 64 -6.43 4.86 -5.54
CA LYS A 64 -5.18 4.14 -5.18
C LYS A 64 -5.19 2.70 -5.77
N ARG A 65 -6.42 2.13 -5.84
CA ARG A 65 -6.69 0.82 -6.47
C ARG A 65 -6.32 0.85 -7.96
N ARG A 66 -6.85 1.86 -8.69
CA ARG A 66 -6.64 1.98 -10.15
C ARG A 66 -5.18 2.38 -10.48
N ILE A 67 -4.50 3.03 -9.51
CA ILE A 67 -3.09 3.44 -9.63
C ILE A 67 -2.20 2.20 -9.73
N TYR A 68 -2.33 1.28 -8.75
CA TYR A 68 -1.53 0.04 -8.70
C TYR A 68 -1.94 -0.88 -9.87
N ASP A 69 -3.22 -0.80 -10.25
CA ASP A 69 -3.84 -1.60 -11.32
C ASP A 69 -3.21 -1.29 -12.69
N THR A 70 -3.11 0.01 -13.04
CA THR A 70 -2.59 0.45 -14.34
C THR A 70 -1.04 0.42 -14.37
N TYR A 71 -0.41 0.58 -13.20
CA TYR A 71 1.06 0.52 -13.04
C TYR A 71 1.47 -0.85 -12.45
N GLY A 72 2.36 -0.85 -11.43
CA GLY A 72 2.89 -2.08 -10.85
C GLY A 72 4.18 -2.54 -11.51
N THR A 73 4.84 -1.58 -12.17
CA THR A 73 6.06 -1.76 -12.96
C THR A 73 6.88 -0.46 -12.89
N THR A 74 8.11 -0.55 -12.38
CA THR A 74 9.00 0.63 -12.18
C THR A 74 9.76 1.00 -13.47
N GLU A 75 9.79 0.06 -14.43
CA GLU A 75 10.66 0.12 -15.63
C GLU A 75 10.12 1.09 -16.71
N ALA A 76 9.09 0.66 -17.46
CA ALA A 76 8.61 1.38 -18.65
C ALA A 76 7.75 2.63 -18.32
N PRO A 77 6.65 2.53 -17.49
CA PRO A 77 5.77 3.70 -17.23
C PRO A 77 6.41 4.71 -16.21
N PRO A 78 6.36 6.05 -16.49
CA PRO A 78 6.76 7.09 -15.49
C PRO A 78 5.89 7.04 -14.20
N PRO A 79 6.50 7.20 -12.97
CA PRO A 79 5.74 7.29 -11.68
C PRO A 79 4.57 8.32 -11.69
N PRO A 80 3.50 8.12 -10.85
CA PRO A 80 2.34 9.06 -10.75
C PRO A 80 2.77 10.43 -10.13
N PRO A 81 1.89 11.51 -10.18
CA PRO A 81 2.24 12.85 -9.63
C PRO A 81 2.58 12.82 -8.10
N PRO A 82 3.85 13.18 -7.70
CA PRO A 82 4.28 13.13 -6.27
C PRO A 82 3.52 14.15 -5.38
N GLY A 83 3.15 13.70 -4.17
CA GLY A 83 2.43 14.55 -3.21
C GLY A 83 0.91 14.41 -3.33
N GLY A 84 0.43 13.90 -4.49
CA GLY A 84 -1.00 13.68 -4.75
C GLY A 84 -1.47 12.32 -4.25
N TYR A 85 -0.98 11.92 -3.06
CA TYR A 85 -1.35 10.65 -2.42
C TYR A 85 -1.77 10.96 -0.98
N ASP A 86 -2.84 10.33 -0.48
CA ASP A 86 -3.17 10.34 0.95
C ASP A 86 -2.58 9.10 1.62
N PHE A 87 -2.07 9.28 2.86
CA PHE A 87 -1.30 8.23 3.58
C PHE A 87 -1.23 8.50 5.10
N SER A 88 -1.97 9.50 5.58
CA SER A 88 -1.92 9.96 6.97
C SER A 88 -2.59 8.93 7.92
N GLY A 89 -1.84 8.44 8.91
CA GLY A 89 -2.34 7.44 9.87
C GLY A 89 -2.07 6.00 9.45
N PHE A 90 -1.26 5.81 8.38
CA PHE A 90 -0.91 4.47 7.86
C PHE A 90 0.61 4.20 8.03
N ASP A 91 1.42 5.27 7.88
CA ASP A 91 2.90 5.20 7.85
C ASP A 91 3.36 4.29 6.70
N VAL A 92 2.92 4.67 5.49
CA VAL A 92 3.06 3.84 4.29
C VAL A 92 4.51 3.71 3.79
N GLU A 93 5.38 4.59 4.31
CA GLU A 93 6.83 4.58 4.02
C GLU A 93 7.49 3.21 4.37
N ASP A 94 6.92 2.52 5.37
CA ASP A 94 7.48 1.27 5.94
C ASP A 94 7.04 0.03 5.12
N PHE A 95 6.26 0.25 4.04
CA PHE A 95 5.66 -0.82 3.23
C PHE A 95 6.59 -1.25 2.07
N SER A 96 6.18 -2.30 1.33
CA SER A 96 7.03 -2.95 0.32
C SER A 96 7.35 -2.04 -0.90
N GLU A 97 8.32 -2.48 -1.72
CA GLU A 97 8.86 -1.74 -2.88
C GLU A 97 7.78 -1.39 -3.92
N PHE A 98 6.70 -2.19 -3.95
CA PHE A 98 5.54 -1.95 -4.83
C PHE A 98 4.83 -0.64 -4.42
N PHE A 99 4.73 -0.39 -3.12
CA PHE A 99 4.11 0.83 -2.58
C PHE A 99 5.08 2.02 -2.80
N GLN A 100 6.38 1.71 -2.82
CA GLN A 100 7.46 2.72 -2.88
C GLN A 100 7.86 3.11 -4.32
N GLU A 101 7.44 2.31 -5.32
CA GLU A 101 7.63 2.65 -6.75
C GLU A 101 6.49 3.57 -7.21
N LEU A 102 5.27 3.31 -6.67
CA LEU A 102 4.06 4.07 -6.99
C LEU A 102 4.01 5.38 -6.18
N PHE A 103 3.83 5.22 -4.87
CA PHE A 103 3.52 6.33 -3.95
C PHE A 103 4.80 6.90 -3.32
N GLY A 104 5.86 6.08 -3.29
CA GLY A 104 7.17 6.45 -2.75
C GLY A 104 7.75 7.78 -3.29
N PRO A 105 7.73 8.08 -4.64
CA PRO A 105 8.10 9.42 -5.20
C PRO A 105 7.47 10.63 -4.47
N GLY A 106 6.29 10.45 -3.88
CA GLY A 106 5.60 11.54 -3.14
C GLY A 106 5.86 11.49 -1.64
N LEU A 107 6.20 10.29 -1.14
CA LEU A 107 6.58 10.08 0.27
C LEU A 107 8.01 10.58 0.54
N PHE A 108 8.83 10.54 -0.51
CA PHE A 108 10.24 10.94 -0.51
C PHE A 108 10.67 11.25 -1.95
N GLY A 109 11.56 12.23 -2.12
CA GLY A 109 12.01 12.67 -3.45
C GLY A 109 13.41 13.23 -3.45
N GLY A 110 13.84 13.77 -2.30
CA GLY A 110 15.17 14.34 -2.13
C GLY A 110 16.24 13.26 -1.97
N PHE A 111 16.54 12.57 -3.08
CA PHE A 111 17.64 11.60 -3.15
C PHE A 111 18.98 12.33 -3.24
N GLY A 112 20.05 11.58 -2.95
CA GLY A 112 21.41 12.07 -3.06
C GLY A 112 21.75 12.45 -4.49
N ARG A 113 21.34 11.55 -5.42
CA ARG A 113 21.45 11.72 -6.88
C ARG A 113 22.90 12.11 -7.26
N ARG A 114 23.81 11.14 -7.06
CA ARG A 114 25.26 11.33 -7.16
C ARG A 114 25.72 11.44 -8.64
N SER A 115 24.84 11.03 -9.54
CA SER A 115 25.05 11.09 -10.99
C SER A 115 23.83 11.80 -11.63
N ARG A 116 24.12 12.86 -12.44
CA ARG A 116 23.14 13.64 -13.25
C ARG A 116 21.78 13.90 -12.54
N LYS A 117 21.80 14.77 -11.52
CA LYS A 117 20.62 15.12 -10.72
C LYS A 117 19.58 15.90 -11.58
N GLY A 118 18.45 15.25 -11.84
CA GLY A 118 17.38 15.81 -12.66
C GLY A 118 16.46 14.71 -13.18
N MET A 3 9.20 -2.81 -9.67
CA MET A 3 8.96 -4.15 -10.24
C MET A 3 8.64 -5.16 -9.11
N ALA A 4 7.64 -4.81 -8.31
CA ALA A 4 7.08 -5.69 -7.27
C ALA A 4 5.72 -6.22 -7.75
N ALA A 5 5.53 -7.55 -7.65
CA ALA A 5 4.24 -8.22 -8.00
C ALA A 5 3.86 -9.25 -6.93
N LYS A 6 4.44 -9.06 -5.72
CA LYS A 6 4.25 -9.98 -4.59
C LYS A 6 2.95 -9.67 -3.83
N LYS A 7 2.44 -8.44 -4.00
CA LYS A 7 1.28 -7.92 -3.26
C LYS A 7 0.10 -7.61 -4.17
N ASP A 8 -0.65 -8.65 -4.53
CA ASP A 8 -2.01 -8.52 -5.02
C ASP A 8 -2.86 -8.01 -3.86
N TYR A 9 -3.06 -6.68 -3.78
CA TYR A 9 -3.69 -6.01 -2.64
C TYR A 9 -5.11 -6.55 -2.35
N TYR A 10 -5.81 -6.98 -3.41
CA TYR A 10 -7.08 -7.69 -3.29
C TYR A 10 -6.89 -9.02 -2.52
N ALA A 11 -5.92 -9.82 -2.98
CA ALA A 11 -5.70 -11.19 -2.46
C ALA A 11 -5.16 -11.17 -1.01
N ILE A 12 -4.52 -10.04 -0.60
CA ILE A 12 -4.06 -9.84 0.77
C ILE A 12 -5.26 -9.75 1.73
N LEU A 13 -6.24 -8.88 1.39
CA LEU A 13 -7.47 -8.70 2.20
C LEU A 13 -8.48 -9.85 1.98
N GLY A 14 -8.30 -10.59 0.88
CA GLY A 14 -9.17 -11.71 0.52
C GLY A 14 -10.46 -11.23 -0.15
N VAL A 15 -10.33 -10.27 -1.07
CA VAL A 15 -11.45 -9.66 -1.84
C VAL A 15 -11.19 -9.84 -3.37
N PRO A 16 -12.27 -9.77 -4.23
CA PRO A 16 -12.13 -9.91 -5.71
C PRO A 16 -11.58 -8.63 -6.38
N ARG A 17 -11.41 -8.69 -7.72
CA ARG A 17 -10.88 -7.58 -8.54
C ARG A 17 -11.84 -6.38 -8.59
N ASN A 18 -13.15 -6.67 -8.46
CA ASN A 18 -14.21 -5.63 -8.42
C ASN A 18 -14.77 -5.51 -6.99
N ALA A 19 -13.85 -5.59 -6.00
CA ALA A 19 -14.18 -5.47 -4.56
C ALA A 19 -14.89 -4.14 -4.23
N THR A 20 -15.99 -4.23 -3.46
CA THR A 20 -16.76 -3.06 -3.00
C THR A 20 -16.20 -2.54 -1.66
N GLN A 21 -16.38 -1.23 -1.40
CA GLN A 21 -15.91 -0.55 -0.17
C GLN A 21 -16.45 -1.22 1.12
N GLU A 22 -17.66 -1.79 1.02
CA GLU A 22 -18.35 -2.44 2.15
C GLU A 22 -17.62 -3.72 2.61
N GLU A 23 -17.08 -4.48 1.65
CA GLU A 23 -16.37 -5.73 1.97
C GLU A 23 -14.90 -5.45 2.31
N ILE A 24 -14.33 -4.40 1.70
CA ILE A 24 -12.91 -4.01 1.88
C ILE A 24 -12.61 -3.62 3.35
N LYS A 25 -13.56 -2.88 3.98
CA LYS A 25 -13.42 -2.46 5.39
C LYS A 25 -13.36 -3.69 6.32
N ARG A 26 -14.31 -4.64 6.15
CA ARG A 26 -14.39 -5.85 7.00
C ARG A 26 -13.30 -6.86 6.61
N ALA A 27 -12.75 -6.72 5.39
CA ALA A 27 -11.67 -7.58 4.87
C ALA A 27 -10.32 -7.18 5.48
N TYR A 28 -10.22 -5.91 5.83
CA TYR A 28 -9.11 -5.41 6.65
C TYR A 28 -9.29 -5.89 8.10
N LYS A 29 -10.49 -5.66 8.66
CA LYS A 29 -10.81 -5.95 10.09
C LYS A 29 -10.69 -7.44 10.45
N ARG A 30 -11.09 -8.35 9.53
CA ARG A 30 -11.02 -9.82 9.75
C ARG A 30 -9.57 -10.27 9.99
N LEU A 31 -8.63 -9.63 9.28
CA LEU A 31 -7.19 -9.94 9.36
C LEU A 31 -6.52 -9.08 10.44
N ALA A 32 -7.08 -7.87 10.65
CA ALA A 32 -6.53 -6.89 11.59
C ALA A 32 -6.59 -7.46 13.01
N ARG A 33 -7.72 -8.11 13.35
CA ARG A 33 -7.91 -8.69 14.70
C ARG A 33 -7.04 -9.95 14.91
N GLN A 34 -6.41 -10.44 13.84
CA GLN A 34 -5.45 -11.57 13.90
C GLN A 34 -4.03 -11.02 14.09
N TYR A 35 -3.75 -9.91 13.39
CA TYR A 35 -2.40 -9.34 13.24
C TYR A 35 -2.22 -8.07 14.06
N HIS A 36 -3.22 -7.76 14.91
CA HIS A 36 -3.14 -6.65 15.90
C HIS A 36 -2.01 -6.95 16.89
N PRO A 37 -1.11 -5.96 17.22
CA PRO A 37 -0.05 -6.13 18.24
C PRO A 37 -0.65 -6.44 19.64
N ASP A 38 -1.94 -6.09 19.81
CA ASP A 38 -2.73 -6.41 21.01
C ASP A 38 -2.92 -7.93 21.12
N VAL A 39 -3.59 -8.48 20.10
CA VAL A 39 -3.94 -9.90 19.98
C VAL A 39 -2.69 -10.80 19.87
N ASN A 40 -1.72 -10.32 19.09
CA ASN A 40 -0.61 -11.11 18.60
C ASN A 40 0.60 -10.18 18.45
N LYS A 41 1.48 -10.24 19.44
CA LYS A 41 2.68 -9.39 19.54
C LYS A 41 3.90 -10.20 19.05
N SER A 42 3.79 -10.69 17.80
CA SER A 42 4.77 -11.56 17.14
C SER A 42 5.20 -10.95 15.78
N PRO A 43 6.40 -11.34 15.20
CA PRO A 43 6.86 -10.83 13.88
C PRO A 43 5.85 -11.17 12.76
N GLU A 44 5.17 -12.33 12.93
CA GLU A 44 4.12 -12.85 12.02
C GLU A 44 2.97 -11.83 11.85
N ALA A 45 2.64 -11.14 12.95
CA ALA A 45 1.58 -10.13 12.99
C ALA A 45 2.06 -8.81 12.41
N GLU A 46 3.24 -8.37 12.89
CA GLU A 46 3.83 -7.06 12.54
C GLU A 46 4.04 -6.90 11.04
N GLU A 47 4.46 -8.00 10.38
CA GLU A 47 4.79 -7.99 8.94
C GLU A 47 3.50 -7.93 8.11
N LYS A 48 2.48 -8.71 8.55
CA LYS A 48 1.17 -8.78 7.90
C LYS A 48 0.37 -7.50 8.15
N PHE A 49 0.65 -6.82 9.29
CA PHE A 49 -0.05 -5.61 9.69
C PHE A 49 0.31 -4.46 8.73
N LYS A 50 1.54 -4.53 8.17
CA LYS A 50 1.96 -3.61 7.11
C LYS A 50 1.20 -3.93 5.82
N GLU A 51 1.15 -5.25 5.47
CA GLU A 51 0.59 -5.75 4.20
C GLU A 51 -0.91 -5.46 4.06
N ILE A 52 -1.66 -5.63 5.18
CA ILE A 52 -3.12 -5.48 5.19
C ILE A 52 -3.52 -4.00 5.19
N ASN A 53 -2.70 -3.14 5.85
CA ASN A 53 -2.93 -1.69 5.90
C ASN A 53 -2.44 -1.03 4.59
N GLU A 54 -1.49 -1.71 3.91
CA GLU A 54 -0.95 -1.33 2.59
C GLU A 54 -2.00 -1.62 1.51
N ALA A 55 -2.61 -2.80 1.66
CA ALA A 55 -3.69 -3.28 0.81
C ALA A 55 -4.93 -2.40 0.98
N TYR A 56 -5.22 -2.03 2.25
CA TYR A 56 -6.38 -1.22 2.60
C TYR A 56 -6.17 0.26 2.23
N ALA A 57 -4.91 0.75 2.26
CA ALA A 57 -4.57 2.14 1.90
C ALA A 57 -4.91 2.45 0.43
N VAL A 58 -4.71 1.42 -0.41
CA VAL A 58 -4.99 1.50 -1.86
C VAL A 58 -6.48 1.16 -2.14
N LEU A 59 -6.96 0.07 -1.52
CA LEU A 59 -8.36 -0.40 -1.68
C LEU A 59 -9.36 0.52 -0.92
N SER A 60 -8.82 1.52 -0.20
CA SER A 60 -9.61 2.61 0.41
C SER A 60 -10.34 3.42 -0.67
N ASP A 61 -9.75 3.52 -1.88
CA ASP A 61 -10.35 4.24 -3.03
C ASP A 61 -10.32 3.33 -4.28
N PRO A 62 -11.42 3.29 -5.11
CA PRO A 62 -11.36 2.66 -6.48
C PRO A 62 -10.42 3.44 -7.42
N GLU A 63 -10.14 4.69 -7.03
CA GLU A 63 -9.22 5.60 -7.73
C GLU A 63 -7.76 5.12 -7.58
N LYS A 64 -7.42 4.58 -6.40
CA LYS A 64 -6.04 4.07 -6.11
C LYS A 64 -5.89 2.63 -6.61
N ARG A 65 -7.02 1.88 -6.61
CA ARG A 65 -7.08 0.48 -7.08
C ARG A 65 -6.68 0.32 -8.55
N ARG A 66 -6.75 1.43 -9.32
CA ARG A 66 -6.35 1.44 -10.75
C ARG A 66 -4.88 1.92 -10.92
N ILE A 67 -4.27 2.54 -9.87
CA ILE A 67 -2.85 2.95 -9.91
C ILE A 67 -1.96 1.70 -10.08
N TYR A 68 -1.97 0.77 -9.09
CA TYR A 68 -1.08 -0.41 -9.12
C TYR A 68 -1.51 -1.43 -10.21
N ASP A 69 -2.74 -1.26 -10.73
CA ASP A 69 -3.29 -2.07 -11.82
C ASP A 69 -2.62 -1.68 -13.16
N THR A 70 -2.60 -0.36 -13.46
CA THR A 70 -1.99 0.17 -14.71
C THR A 70 -0.44 0.22 -14.59
N TYR A 71 0.05 0.37 -13.35
CA TYR A 71 1.48 0.42 -13.01
C TYR A 71 1.94 -0.94 -12.43
N GLY A 72 3.07 -0.93 -11.70
CA GLY A 72 3.70 -2.14 -11.13
C GLY A 72 5.19 -2.21 -11.45
N THR A 73 5.66 -1.20 -12.20
CA THR A 73 7.08 -0.97 -12.54
C THR A 73 7.33 0.56 -12.57
N THR A 74 8.62 0.95 -12.59
CA THR A 74 9.05 2.37 -12.60
C THR A 74 9.88 2.70 -13.86
N GLU A 75 10.09 1.69 -14.74
CA GLU A 75 10.95 1.80 -15.93
C GLU A 75 10.17 2.42 -17.11
N ALA A 76 9.29 1.62 -17.75
CA ALA A 76 8.45 2.11 -18.86
C ALA A 76 7.28 3.00 -18.34
N PRO A 77 6.46 2.56 -17.31
CA PRO A 77 5.50 3.46 -16.66
C PRO A 77 6.14 4.16 -15.43
N PRO A 78 6.19 5.53 -15.39
CA PRO A 78 6.81 6.27 -14.26
C PRO A 78 5.91 6.27 -13.00
N PRO A 79 6.48 6.50 -11.77
CA PRO A 79 5.67 6.69 -10.52
C PRO A 79 4.73 7.93 -10.62
N PRO A 80 3.53 7.91 -9.94
CA PRO A 80 2.55 9.05 -9.95
C PRO A 80 3.15 10.39 -9.39
N PRO A 81 2.43 11.56 -9.52
CA PRO A 81 2.90 12.87 -8.99
C PRO A 81 3.31 12.86 -7.49
N PRO A 82 4.62 13.16 -7.16
CA PRO A 82 5.15 13.08 -5.78
C PRO A 82 4.61 14.21 -4.87
N GLY A 83 4.25 13.84 -3.62
CA GLY A 83 3.70 14.79 -2.65
C GLY A 83 2.18 14.90 -2.75
N GLY A 84 1.62 14.48 -3.92
CA GLY A 84 0.17 14.44 -4.13
C GLY A 84 -0.41 13.09 -3.72
N TYR A 85 -0.04 12.65 -2.50
CA TYR A 85 -0.44 11.36 -1.93
C TYR A 85 -1.12 11.57 -0.58
N ASP A 86 -1.79 10.51 -0.11
CA ASP A 86 -2.57 10.50 1.13
C ASP A 86 -2.06 9.38 2.05
N PHE A 87 -1.65 9.77 3.29
CA PHE A 87 -0.98 8.87 4.25
C PHE A 87 -1.13 9.38 5.70
N SER A 88 -2.09 10.30 5.92
CA SER A 88 -2.37 10.86 7.24
C SER A 88 -3.02 9.77 8.14
N GLY A 89 -2.30 9.39 9.21
CA GLY A 89 -2.77 8.34 10.14
C GLY A 89 -2.47 6.93 9.66
N PHE A 90 -1.49 6.80 8.74
CA PHE A 90 -1.07 5.49 8.17
C PHE A 90 0.44 5.28 8.36
N ASP A 91 1.23 6.30 7.95
CA ASP A 91 2.71 6.21 7.81
C ASP A 91 3.06 5.07 6.83
N VAL A 92 2.81 5.35 5.54
CA VAL A 92 2.87 4.34 4.47
C VAL A 92 4.31 4.10 3.97
N GLU A 93 5.27 4.93 4.42
CA GLU A 93 6.71 4.78 4.09
C GLU A 93 7.33 3.55 4.80
N ASP A 94 6.55 2.96 5.72
CA ASP A 94 6.96 1.80 6.54
C ASP A 94 6.48 0.47 5.91
N PHE A 95 5.92 0.56 4.70
CA PHE A 95 5.33 -0.59 3.98
C PHE A 95 6.35 -1.21 3.00
N SER A 96 5.94 -2.32 2.36
CA SER A 96 6.81 -3.09 1.45
C SER A 96 6.88 -2.42 0.05
N GLU A 97 7.80 -2.95 -0.79
CA GLU A 97 8.29 -2.29 -2.01
C GLU A 97 7.20 -1.98 -3.06
N PHE A 98 6.08 -2.72 -3.00
CA PHE A 98 4.96 -2.56 -3.94
C PHE A 98 4.37 -1.13 -3.82
N PHE A 99 4.29 -0.64 -2.57
CA PHE A 99 3.80 0.72 -2.25
C PHE A 99 4.93 1.75 -2.42
N GLN A 100 6.18 1.31 -2.12
CA GLN A 100 7.36 2.20 -2.05
C GLN A 100 7.86 2.65 -3.43
N GLU A 101 7.59 1.86 -4.47
CA GLU A 101 8.03 2.19 -5.84
C GLU A 101 7.02 3.14 -6.52
N LEU A 102 5.73 3.04 -6.14
CA LEU A 102 4.66 3.91 -6.65
C LEU A 102 4.59 5.23 -5.86
N PHE A 103 4.19 5.13 -4.59
CA PHE A 103 3.87 6.29 -3.75
C PHE A 103 5.13 6.80 -3.00
N GLY A 104 6.10 5.89 -2.77
CA GLY A 104 7.35 6.18 -2.04
C GLY A 104 8.17 7.40 -2.54
N PRO A 105 8.35 7.64 -3.90
CA PRO A 105 8.97 8.89 -4.45
C PRO A 105 8.40 10.22 -3.87
N GLY A 106 7.13 10.19 -3.42
CA GLY A 106 6.48 11.37 -2.80
C GLY A 106 6.47 11.32 -1.28
N LEU A 107 6.85 10.18 -0.72
CA LEU A 107 6.98 9.98 0.74
C LEU A 107 8.39 10.37 1.20
N PHE A 108 9.39 9.62 0.70
CA PHE A 108 10.82 9.89 0.97
C PHE A 108 11.27 11.21 0.34
N GLY A 109 10.55 11.60 -0.73
CA GLY A 109 10.76 12.87 -1.42
C GLY A 109 11.59 12.71 -2.69
N GLY A 110 12.40 11.63 -2.75
CA GLY A 110 13.25 11.34 -3.91
C GLY A 110 14.37 12.36 -4.06
N PHE A 111 14.01 13.52 -4.64
CA PHE A 111 14.90 14.69 -4.77
C PHE A 111 15.35 15.24 -3.41
N GLY A 112 16.44 16.02 -3.47
CA GLY A 112 17.05 16.61 -2.29
C GLY A 112 18.08 15.69 -1.66
N ARG A 113 18.76 14.88 -2.51
CA ARG A 113 19.78 13.91 -2.09
C ARG A 113 21.13 14.64 -1.84
N ARG A 114 21.22 15.28 -0.66
CA ARG A 114 22.39 16.09 -0.26
C ARG A 114 22.92 15.60 1.11
N SER A 115 24.14 16.02 1.45
CA SER A 115 24.75 15.72 2.75
C SER A 115 24.04 16.54 3.86
N ARG A 116 23.15 15.88 4.63
CA ARG A 116 22.35 16.55 5.68
C ARG A 116 23.17 16.69 7.00
N LYS A 117 22.77 17.65 7.84
CA LYS A 117 23.40 17.92 9.14
C LYS A 117 22.98 16.84 10.16
N GLY A 118 23.96 16.06 10.64
CA GLY A 118 23.77 15.15 11.76
C GLY A 118 24.09 15.86 13.09
N MET A 3 9.41 -2.21 -9.70
CA MET A 3 10.65 -2.94 -9.31
C MET A 3 10.34 -4.15 -8.42
N ALA A 4 9.05 -4.38 -8.11
CA ALA A 4 8.62 -5.40 -7.16
C ALA A 4 7.43 -6.19 -7.70
N ALA A 5 6.23 -5.67 -7.41
CA ALA A 5 4.95 -6.40 -7.55
C ALA A 5 4.98 -7.71 -6.73
N LYS A 6 5.61 -7.63 -5.53
CA LYS A 6 5.84 -8.80 -4.64
C LYS A 6 4.56 -9.23 -3.90
N LYS A 7 3.48 -8.45 -4.06
CA LYS A 7 2.19 -8.73 -3.44
C LYS A 7 1.04 -8.15 -4.27
N ASP A 8 -0.13 -8.74 -4.08
CA ASP A 8 -1.37 -8.34 -4.73
C ASP A 8 -2.36 -7.90 -3.66
N TYR A 9 -2.84 -6.65 -3.76
CA TYR A 9 -3.59 -5.99 -2.69
C TYR A 9 -5.01 -6.55 -2.49
N TYR A 10 -5.63 -7.09 -3.57
CA TYR A 10 -6.94 -7.76 -3.46
C TYR A 10 -6.78 -9.14 -2.81
N ALA A 11 -5.67 -9.83 -3.15
CA ALA A 11 -5.36 -11.19 -2.65
C ALA A 11 -5.13 -11.20 -1.13
N ILE A 12 -4.50 -10.13 -0.61
CA ILE A 12 -4.15 -10.00 0.82
C ILE A 12 -5.44 -9.90 1.67
N LEU A 13 -6.34 -8.97 1.28
CA LEU A 13 -7.62 -8.77 2.00
C LEU A 13 -8.61 -9.92 1.70
N GLY A 14 -8.38 -10.60 0.57
CA GLY A 14 -9.21 -11.73 0.16
C GLY A 14 -10.53 -11.28 -0.47
N VAL A 15 -10.45 -10.22 -1.30
CA VAL A 15 -11.60 -9.66 -2.03
C VAL A 15 -11.35 -9.76 -3.56
N PRO A 16 -12.44 -9.84 -4.39
CA PRO A 16 -12.31 -9.83 -5.88
C PRO A 16 -11.88 -8.45 -6.41
N ARG A 17 -11.62 -8.38 -7.72
CA ARG A 17 -11.18 -7.14 -8.39
C ARG A 17 -12.34 -6.13 -8.45
N ASN A 18 -13.56 -6.68 -8.58
CA ASN A 18 -14.81 -5.90 -8.62
C ASN A 18 -15.40 -5.73 -7.21
N ALA A 19 -14.53 -5.82 -6.18
CA ALA A 19 -14.93 -5.68 -4.77
C ALA A 19 -15.54 -4.31 -4.49
N THR A 20 -16.56 -4.28 -3.62
CA THR A 20 -17.15 -3.02 -3.12
C THR A 20 -16.32 -2.54 -1.93
N GLN A 21 -16.35 -1.22 -1.67
CA GLN A 21 -15.54 -0.59 -0.62
C GLN A 21 -15.92 -1.11 0.78
N GLU A 22 -17.17 -1.61 0.93
CA GLU A 22 -17.64 -2.25 2.18
C GLU A 22 -16.90 -3.58 2.42
N GLU A 23 -16.91 -4.50 1.44
CA GLU A 23 -16.28 -5.83 1.62
C GLU A 23 -14.75 -5.70 1.77
N ILE A 24 -14.19 -4.57 1.30
CA ILE A 24 -12.77 -4.23 1.45
C ILE A 24 -12.44 -3.82 2.91
N LYS A 25 -13.23 -2.87 3.48
CA LYS A 25 -12.98 -2.35 4.84
C LYS A 25 -13.15 -3.45 5.89
N ARG A 26 -14.22 -4.26 5.80
CA ARG A 26 -14.43 -5.39 6.72
C ARG A 26 -13.38 -6.49 6.52
N ALA A 27 -12.81 -6.56 5.28
CA ALA A 27 -11.72 -7.51 4.95
C ALA A 27 -10.42 -7.09 5.64
N TYR A 28 -10.30 -5.79 5.95
CA TYR A 28 -9.19 -5.28 6.75
C TYR A 28 -9.37 -5.65 8.23
N LYS A 29 -10.59 -5.39 8.77
CA LYS A 29 -10.91 -5.63 10.20
C LYS A 29 -10.76 -7.12 10.60
N ARG A 30 -11.27 -8.04 9.75
CA ARG A 30 -11.23 -9.51 10.01
C ARG A 30 -9.77 -10.02 10.13
N LEU A 31 -8.86 -9.37 9.41
CA LEU A 31 -7.42 -9.70 9.41
C LEU A 31 -6.72 -8.94 10.54
N ALA A 32 -7.19 -7.70 10.80
CA ALA A 32 -6.58 -6.80 11.77
C ALA A 32 -6.64 -7.42 13.17
N ARG A 33 -7.79 -8.03 13.52
CA ARG A 33 -8.02 -8.60 14.88
C ARG A 33 -7.16 -9.87 15.13
N GLN A 34 -6.49 -10.36 14.07
CA GLN A 34 -5.55 -11.48 14.16
C GLN A 34 -4.14 -10.94 14.48
N TYR A 35 -3.78 -9.83 13.81
CA TYR A 35 -2.41 -9.30 13.78
C TYR A 35 -2.27 -8.02 14.63
N HIS A 36 -3.36 -7.66 15.35
CA HIS A 36 -3.37 -6.50 16.28
C HIS A 36 -2.40 -6.76 17.44
N PRO A 37 -1.52 -5.75 17.82
CA PRO A 37 -0.49 -5.91 18.89
C PRO A 37 -1.06 -6.47 20.21
N ASP A 38 -2.18 -5.90 20.68
CA ASP A 38 -2.84 -6.32 21.95
C ASP A 38 -3.23 -7.81 21.93
N VAL A 39 -3.69 -8.25 20.75
CA VAL A 39 -4.08 -9.65 20.50
C VAL A 39 -2.85 -10.55 20.30
N ASN A 40 -1.87 -10.01 19.56
CA ASN A 40 -0.76 -10.77 18.98
C ASN A 40 0.33 -9.80 18.50
N LYS A 41 1.36 -9.65 19.34
CA LYS A 41 2.49 -8.73 19.13
C LYS A 41 3.76 -9.56 18.85
N SER A 42 3.71 -10.27 17.71
CA SER A 42 4.85 -11.03 17.18
C SER A 42 5.25 -10.45 15.81
N PRO A 43 6.58 -10.45 15.42
CA PRO A 43 7.05 -9.99 14.07
C PRO A 43 6.35 -10.76 12.93
N GLU A 44 5.95 -12.01 13.25
CA GLU A 44 5.21 -12.90 12.33
C GLU A 44 3.84 -12.29 11.97
N ALA A 45 3.23 -11.59 12.96
CA ALA A 45 1.93 -10.93 12.81
C ALA A 45 2.08 -9.51 12.25
N GLU A 46 3.11 -8.80 12.77
CA GLU A 46 3.37 -7.38 12.45
C GLU A 46 3.67 -7.18 10.96
N GLU A 47 4.33 -8.18 10.34
CA GLU A 47 4.65 -8.13 8.91
C GLU A 47 3.34 -8.18 8.08
N LYS A 48 2.38 -9.06 8.52
CA LYS A 48 1.05 -9.20 7.90
C LYS A 48 0.22 -7.95 8.16
N PHE A 49 0.47 -7.31 9.32
CA PHE A 49 -0.26 -6.11 9.74
C PHE A 49 0.08 -4.93 8.81
N LYS A 50 1.26 -4.99 8.14
CA LYS A 50 1.67 -4.00 7.14
C LYS A 50 1.08 -4.36 5.79
N GLU A 51 1.06 -5.69 5.48
CA GLU A 51 0.55 -6.24 4.20
C GLU A 51 -0.93 -5.90 4.01
N ILE A 52 -1.72 -6.12 5.08
CA ILE A 52 -3.19 -5.91 5.07
C ILE A 52 -3.54 -4.41 5.03
N ASN A 53 -2.67 -3.60 5.64
CA ASN A 53 -2.83 -2.14 5.74
C ASN A 53 -2.36 -1.46 4.44
N GLU A 54 -1.43 -2.13 3.73
CA GLU A 54 -0.89 -1.71 2.42
C GLU A 54 -1.91 -2.02 1.33
N ALA A 55 -2.48 -3.22 1.46
CA ALA A 55 -3.60 -3.69 0.66
C ALA A 55 -4.76 -2.72 0.78
N TYR A 56 -5.07 -2.34 2.03
CA TYR A 56 -6.17 -1.45 2.35
C TYR A 56 -5.85 0.02 2.03
N ALA A 57 -4.56 0.41 2.02
CA ALA A 57 -4.18 1.82 1.71
C ALA A 57 -4.49 2.16 0.24
N VAL A 58 -4.26 1.17 -0.63
CA VAL A 58 -4.60 1.24 -2.06
C VAL A 58 -6.11 1.02 -2.26
N LEU A 59 -6.67 0.03 -1.53
CA LEU A 59 -8.08 -0.38 -1.68
C LEU A 59 -9.05 0.49 -0.85
N SER A 60 -8.50 1.46 -0.09
CA SER A 60 -9.29 2.45 0.67
C SER A 60 -10.13 3.32 -0.27
N ASP A 61 -9.54 3.62 -1.43
CA ASP A 61 -10.13 4.51 -2.43
C ASP A 61 -10.16 3.80 -3.78
N PRO A 62 -11.29 3.89 -4.55
CA PRO A 62 -11.37 3.35 -5.94
C PRO A 62 -10.39 4.12 -6.87
N GLU A 63 -9.97 5.30 -6.39
CA GLU A 63 -8.95 6.14 -7.01
C GLU A 63 -7.62 5.36 -7.07
N LYS A 64 -7.18 4.86 -5.90
CA LYS A 64 -5.84 4.23 -5.75
C LYS A 64 -5.83 2.78 -6.24
N ARG A 65 -7.00 2.11 -6.19
CA ARG A 65 -7.18 0.70 -6.64
C ARG A 65 -6.69 0.52 -8.08
N ARG A 66 -6.92 1.55 -8.92
CA ARG A 66 -6.55 1.52 -10.34
C ARG A 66 -5.08 1.93 -10.57
N ILE A 67 -4.44 2.61 -9.57
CA ILE A 67 -3.01 3.02 -9.66
C ILE A 67 -2.13 1.76 -9.82
N TYR A 68 -2.17 0.84 -8.85
CA TYR A 68 -1.30 -0.35 -8.86
C TYR A 68 -1.69 -1.27 -10.05
N ASP A 69 -2.99 -1.21 -10.42
CA ASP A 69 -3.58 -2.00 -11.51
C ASP A 69 -3.00 -1.58 -12.89
N THR A 70 -2.89 -0.26 -13.13
CA THR A 70 -2.42 0.27 -14.44
C THR A 70 -0.87 0.33 -14.48
N TYR A 71 -0.26 0.62 -13.33
CA TYR A 71 1.20 0.62 -13.17
C TYR A 71 1.69 -0.80 -12.81
N GLY A 72 2.93 -0.87 -12.30
CA GLY A 72 3.53 -2.13 -11.89
C GLY A 72 5.03 -2.01 -11.90
N THR A 73 5.54 -1.35 -12.96
CA THR A 73 6.96 -1.01 -13.11
C THR A 73 7.18 0.47 -12.78
N THR A 74 8.37 0.77 -12.26
CA THR A 74 8.80 2.13 -11.89
C THR A 74 9.58 2.79 -13.06
N GLU A 75 9.78 2.02 -14.15
CA GLU A 75 10.70 2.37 -15.25
C GLU A 75 10.00 3.20 -16.32
N ALA A 76 9.22 2.53 -17.21
CA ALA A 76 8.60 3.18 -18.38
C ALA A 76 7.51 4.23 -17.96
N PRO A 77 6.48 3.87 -17.13
CA PRO A 77 5.51 4.86 -16.62
C PRO A 77 6.01 5.54 -15.31
N PRO A 78 5.88 6.90 -15.21
CA PRO A 78 6.26 7.63 -13.98
C PRO A 78 5.15 7.56 -12.89
N PRO A 79 5.51 7.59 -11.56
CA PRO A 79 4.53 7.64 -10.44
C PRO A 79 3.53 8.83 -10.57
N PRO A 80 2.25 8.68 -10.07
CA PRO A 80 1.23 9.78 -10.09
C PRO A 80 1.71 11.09 -9.39
N PRO A 81 1.02 12.27 -9.64
CA PRO A 81 1.35 13.56 -8.97
C PRO A 81 1.54 13.43 -7.42
N PRO A 82 2.78 13.74 -6.89
CA PRO A 82 3.08 13.66 -5.43
C PRO A 82 2.17 14.58 -4.61
N GLY A 83 1.70 14.07 -3.45
CA GLY A 83 0.75 14.78 -2.60
C GLY A 83 -0.69 14.38 -2.88
N GLY A 84 -0.94 13.75 -4.05
CA GLY A 84 -2.25 13.18 -4.38
C GLY A 84 -2.43 11.77 -3.85
N TYR A 85 -1.56 11.38 -2.90
CA TYR A 85 -1.51 10.04 -2.31
C TYR A 85 -2.26 10.00 -0.97
N ASP A 86 -2.76 8.80 -0.61
CA ASP A 86 -3.44 8.55 0.69
C ASP A 86 -2.45 7.87 1.65
N PHE A 87 -2.17 8.52 2.79
CA PHE A 87 -1.22 8.01 3.81
C PHE A 87 -1.59 8.42 5.24
N SER A 88 -2.56 9.34 5.40
CA SER A 88 -3.02 9.79 6.73
C SER A 88 -3.83 8.66 7.40
N GLY A 89 -3.27 8.09 8.48
CA GLY A 89 -3.89 6.97 9.21
C GLY A 89 -3.52 5.61 8.64
N PHE A 90 -2.40 5.54 7.89
CA PHE A 90 -1.91 4.28 7.27
C PHE A 90 -0.42 4.03 7.60
N ASP A 91 0.38 5.13 7.67
CA ASP A 91 1.85 5.06 7.85
C ASP A 91 2.49 4.22 6.75
N VAL A 92 2.40 4.74 5.52
CA VAL A 92 2.73 4.01 4.29
C VAL A 92 4.24 3.95 4.00
N GLU A 93 5.01 4.79 4.71
CA GLU A 93 6.48 4.86 4.59
C GLU A 93 7.16 3.55 5.05
N ASP A 94 6.42 2.73 5.81
CA ASP A 94 6.92 1.46 6.37
C ASP A 94 6.55 0.26 5.47
N PHE A 95 5.67 0.48 4.48
CA PHE A 95 5.11 -0.61 3.64
C PHE A 95 6.17 -1.22 2.70
N SER A 96 5.78 -2.31 2.01
CA SER A 96 6.68 -3.14 1.19
C SER A 96 7.08 -2.42 -0.11
N GLU A 97 8.04 -3.06 -0.81
CA GLU A 97 8.70 -2.55 -2.04
C GLU A 97 7.71 -2.00 -3.09
N PHE A 98 6.53 -2.64 -3.18
CA PHE A 98 5.53 -2.36 -4.23
C PHE A 98 4.82 -1.00 -3.97
N PHE A 99 4.66 -0.63 -2.69
CA PHE A 99 4.08 0.65 -2.31
C PHE A 99 5.16 1.75 -2.37
N GLN A 100 6.41 1.34 -2.07
CA GLN A 100 7.56 2.26 -1.98
C GLN A 100 8.08 2.69 -3.37
N GLU A 101 7.79 1.89 -4.42
CA GLU A 101 8.20 2.22 -5.80
C GLU A 101 7.20 3.23 -6.44
N LEU A 102 5.89 3.04 -6.15
CA LEU A 102 4.81 3.89 -6.68
C LEU A 102 4.68 5.19 -5.86
N PHE A 103 4.24 5.02 -4.61
CA PHE A 103 3.86 6.14 -3.73
C PHE A 103 5.07 6.70 -2.95
N GLY A 104 6.06 5.81 -2.72
CA GLY A 104 7.26 6.12 -1.91
C GLY A 104 8.01 7.42 -2.29
N PRO A 105 8.34 7.67 -3.63
CA PRO A 105 9.00 8.95 -4.06
C PRO A 105 8.16 10.20 -3.71
N GLY A 106 6.82 10.07 -3.79
CA GLY A 106 5.90 11.19 -3.51
C GLY A 106 5.54 11.32 -2.04
N LEU A 107 6.04 10.37 -1.23
CA LEU A 107 5.99 10.42 0.23
C LEU A 107 7.23 11.13 0.74
N PHE A 108 8.39 10.70 0.23
CA PHE A 108 9.71 11.22 0.58
C PHE A 108 10.60 11.24 -0.66
N GLY A 109 10.95 12.46 -1.11
CA GLY A 109 11.70 12.66 -2.36
C GLY A 109 13.21 12.81 -2.16
N GLY A 110 13.72 12.36 -0.99
CA GLY A 110 15.15 12.48 -0.66
C GLY A 110 15.98 11.41 -1.35
N PHE A 111 16.07 10.22 -0.71
CA PHE A 111 16.81 9.06 -1.26
C PHE A 111 16.05 8.45 -2.44
N GLY A 112 16.29 9.01 -3.62
CA GLY A 112 15.73 8.50 -4.86
C GLY A 112 15.85 9.48 -6.01
N ARG A 113 16.95 10.27 -6.00
CA ARG A 113 17.23 11.28 -7.04
C ARG A 113 18.47 10.84 -7.87
N ARG A 114 18.58 9.51 -8.07
CA ARG A 114 19.64 8.92 -8.94
C ARG A 114 19.13 8.89 -10.39
N SER A 115 19.98 8.42 -11.33
CA SER A 115 19.64 8.39 -12.76
C SER A 115 18.62 7.24 -13.01
N ARG A 116 17.32 7.61 -12.96
CA ARG A 116 16.17 6.69 -13.15
C ARG A 116 16.13 5.58 -12.09
N LYS A 117 16.67 5.88 -10.90
CA LYS A 117 16.84 4.89 -9.82
C LYS A 117 16.44 5.51 -8.47
N GLY A 118 15.59 4.77 -7.72
CA GLY A 118 15.20 5.16 -6.37
C GLY A 118 16.20 4.63 -5.34
N MET A 3 11.98 -6.65 -5.69
CA MET A 3 11.04 -6.55 -6.83
C MET A 3 9.64 -6.13 -6.34
N ALA A 4 8.78 -5.77 -7.29
CA ALA A 4 7.43 -5.25 -7.03
C ALA A 4 6.43 -5.83 -8.04
N ALA A 5 5.17 -5.34 -7.99
CA ALA A 5 4.00 -5.88 -8.76
C ALA A 5 3.59 -7.29 -8.28
N LYS A 6 4.21 -7.77 -7.18
CA LYS A 6 4.07 -9.15 -6.69
C LYS A 6 3.29 -9.21 -5.37
N LYS A 7 2.56 -8.13 -5.05
CA LYS A 7 1.75 -8.06 -3.82
C LYS A 7 0.28 -7.90 -4.20
N ASP A 8 -0.40 -9.05 -4.33
CA ASP A 8 -1.83 -9.14 -4.67
C ASP A 8 -2.67 -8.63 -3.50
N TYR A 9 -3.02 -7.35 -3.55
CA TYR A 9 -3.75 -6.66 -2.47
C TYR A 9 -5.15 -7.27 -2.23
N TYR A 10 -5.80 -7.72 -3.31
CA TYR A 10 -7.10 -8.42 -3.22
C TYR A 10 -6.95 -9.77 -2.50
N ALA A 11 -5.85 -10.48 -2.77
CA ALA A 11 -5.58 -11.81 -2.17
C ALA A 11 -5.24 -11.71 -0.68
N ILE A 12 -4.56 -10.61 -0.29
CA ILE A 12 -4.19 -10.34 1.10
C ILE A 12 -5.47 -10.17 1.96
N LEU A 13 -6.39 -9.28 1.52
CA LEU A 13 -7.65 -9.00 2.23
C LEU A 13 -8.66 -10.14 2.10
N GLY A 14 -8.52 -10.96 1.02
CA GLY A 14 -9.45 -12.05 0.74
C GLY A 14 -10.75 -11.57 0.13
N VAL A 15 -10.61 -10.70 -0.88
CA VAL A 15 -11.74 -10.08 -1.61
C VAL A 15 -11.50 -10.24 -3.14
N PRO A 16 -12.59 -10.28 -3.98
CA PRO A 16 -12.47 -10.40 -5.46
C PRO A 16 -11.94 -9.11 -6.12
N ARG A 17 -11.74 -9.14 -7.45
CA ARG A 17 -11.27 -7.96 -8.23
C ARG A 17 -12.29 -6.82 -8.18
N ASN A 18 -13.58 -7.21 -8.27
CA ASN A 18 -14.72 -6.29 -8.23
C ASN A 18 -15.23 -6.15 -6.78
N ALA A 19 -14.30 -6.26 -5.81
CA ALA A 19 -14.59 -6.08 -4.37
C ALA A 19 -15.16 -4.70 -4.10
N THR A 20 -16.34 -4.66 -3.47
CA THR A 20 -17.00 -3.42 -3.09
C THR A 20 -16.22 -2.75 -1.95
N GLN A 21 -16.23 -1.42 -1.93
CA GLN A 21 -15.44 -0.61 -0.97
C GLN A 21 -15.78 -0.95 0.48
N GLU A 22 -17.05 -1.28 0.73
CA GLU A 22 -17.58 -1.67 2.05
C GLU A 22 -16.97 -3.00 2.55
N GLU A 23 -16.82 -3.99 1.63
CA GLU A 23 -16.31 -5.33 1.98
C GLU A 23 -14.79 -5.29 2.19
N ILE A 24 -14.12 -4.36 1.47
CA ILE A 24 -12.68 -4.10 1.59
C ILE A 24 -12.32 -3.58 2.99
N LYS A 25 -13.24 -2.77 3.56
CA LYS A 25 -13.11 -2.23 4.93
C LYS A 25 -13.11 -3.37 5.95
N ARG A 26 -14.20 -4.18 5.96
CA ARG A 26 -14.34 -5.30 6.91
C ARG A 26 -13.28 -6.40 6.65
N ALA A 27 -12.72 -6.41 5.43
CA ALA A 27 -11.63 -7.32 5.04
C ALA A 27 -10.32 -6.92 5.72
N TYR A 28 -10.13 -5.59 5.88
CA TYR A 28 -9.03 -5.04 6.67
C TYR A 28 -9.25 -5.36 8.15
N LYS A 29 -10.47 -5.06 8.66
CA LYS A 29 -10.83 -5.19 10.08
C LYS A 29 -10.66 -6.65 10.59
N ARG A 30 -11.19 -7.62 9.81
CA ARG A 30 -11.19 -9.05 10.19
C ARG A 30 -9.76 -9.61 10.40
N LEU A 31 -8.81 -9.06 9.64
CA LEU A 31 -7.39 -9.47 9.68
C LEU A 31 -6.62 -8.62 10.68
N ALA A 32 -6.96 -7.33 10.73
CA ALA A 32 -6.29 -6.35 11.61
C ALA A 32 -6.48 -6.73 13.07
N ARG A 33 -7.69 -7.21 13.41
CA ARG A 33 -8.03 -7.60 14.80
C ARG A 33 -7.27 -8.87 15.22
N GLN A 34 -6.62 -9.55 14.25
CA GLN A 34 -5.75 -10.72 14.49
C GLN A 34 -4.28 -10.28 14.58
N TYR A 35 -3.91 -9.26 13.77
CA TYR A 35 -2.50 -8.82 13.60
C TYR A 35 -2.21 -7.48 14.31
N HIS A 36 -3.18 -6.98 15.10
CA HIS A 36 -3.06 -5.71 15.85
C HIS A 36 -1.97 -5.85 16.93
N PRO A 37 -1.00 -4.89 17.05
CA PRO A 37 0.15 -4.98 18.00
C PRO A 37 -0.23 -5.14 19.50
N ASP A 38 -1.51 -4.91 19.87
CA ASP A 38 -1.99 -5.16 21.24
C ASP A 38 -2.63 -6.56 21.36
N VAL A 39 -3.24 -7.03 20.26
CA VAL A 39 -3.86 -8.37 20.17
C VAL A 39 -2.78 -9.46 20.02
N ASN A 40 -1.77 -9.14 19.20
CA ASN A 40 -0.80 -10.09 18.70
C ASN A 40 0.36 -9.31 18.08
N LYS A 41 1.48 -9.26 18.81
CA LYS A 41 2.67 -8.46 18.45
C LYS A 41 3.84 -9.37 18.11
N SER A 42 3.52 -10.58 17.62
CA SER A 42 4.51 -11.53 17.13
C SER A 42 5.05 -11.06 15.77
N PRO A 43 6.36 -11.31 15.45
CA PRO A 43 6.93 -11.07 14.09
C PRO A 43 6.01 -11.54 12.93
N GLU A 44 5.38 -12.72 13.13
CA GLU A 44 4.43 -13.33 12.17
C GLU A 44 3.19 -12.44 11.92
N ALA A 45 2.79 -11.69 12.95
CA ALA A 45 1.62 -10.79 12.89
C ALA A 45 2.00 -9.43 12.31
N GLU A 46 3.14 -8.89 12.76
CA GLU A 46 3.62 -7.54 12.40
C GLU A 46 3.93 -7.43 10.90
N GLU A 47 4.36 -8.54 10.29
CA GLU A 47 4.66 -8.59 8.85
C GLU A 47 3.34 -8.54 8.04
N LYS A 48 2.31 -9.28 8.53
CA LYS A 48 0.98 -9.32 7.92
C LYS A 48 0.24 -7.99 8.14
N PHE A 49 0.60 -7.29 9.23
CA PHE A 49 0.02 -5.99 9.58
C PHE A 49 0.39 -4.93 8.52
N LYS A 50 1.50 -5.16 7.79
CA LYS A 50 1.95 -4.28 6.70
C LYS A 50 1.18 -4.63 5.43
N GLU A 51 1.04 -5.94 5.21
CA GLU A 51 0.40 -6.52 4.03
C GLU A 51 -1.06 -6.07 3.91
N ILE A 52 -1.81 -6.23 5.02
CA ILE A 52 -3.26 -5.95 5.08
C ILE A 52 -3.54 -4.44 4.98
N ASN A 53 -2.60 -3.64 5.49
CA ASN A 53 -2.71 -2.18 5.53
C ASN A 53 -2.24 -1.58 4.19
N GLU A 54 -1.30 -2.28 3.50
CA GLU A 54 -0.83 -1.91 2.14
C GLU A 54 -1.92 -2.23 1.13
N ALA A 55 -2.58 -3.37 1.40
CA ALA A 55 -3.72 -3.84 0.63
C ALA A 55 -4.89 -2.88 0.75
N TYR A 56 -5.18 -2.47 2.00
CA TYR A 56 -6.31 -1.57 2.29
C TYR A 56 -6.01 -0.12 1.84
N ALA A 57 -4.76 0.34 1.99
CA ALA A 57 -4.36 1.73 1.64
C ALA A 57 -4.61 2.03 0.15
N VAL A 58 -4.44 0.99 -0.68
CA VAL A 58 -4.72 1.05 -2.11
C VAL A 58 -6.23 0.79 -2.39
N LEU A 59 -6.76 -0.28 -1.78
CA LEU A 59 -8.13 -0.76 -2.07
C LEU A 59 -9.24 0.08 -1.38
N SER A 60 -8.84 1.03 -0.52
CA SER A 60 -9.78 1.92 0.19
C SER A 60 -10.40 2.94 -0.77
N ASP A 61 -9.68 3.23 -1.86
CA ASP A 61 -10.09 4.23 -2.86
C ASP A 61 -9.95 3.65 -4.29
N PRO A 62 -11.00 3.77 -5.17
CA PRO A 62 -10.96 3.30 -6.59
C PRO A 62 -9.82 3.94 -7.39
N GLU A 63 -9.50 5.20 -7.04
CA GLU A 63 -8.40 5.96 -7.67
C GLU A 63 -7.04 5.28 -7.46
N LYS A 64 -6.83 4.72 -6.25
CA LYS A 64 -5.57 4.04 -5.89
C LYS A 64 -5.52 2.62 -6.49
N ARG A 65 -6.71 2.00 -6.66
CA ARG A 65 -6.85 0.64 -7.23
C ARG A 65 -6.45 0.61 -8.72
N ARG A 66 -6.88 1.63 -9.49
CA ARG A 66 -6.48 1.78 -10.89
C ARG A 66 -5.00 2.21 -11.01
N ILE A 67 -4.48 2.90 -9.97
CA ILE A 67 -3.06 3.30 -9.90
C ILE A 67 -2.17 2.04 -9.85
N TYR A 68 -2.44 1.13 -8.89
CA TYR A 68 -1.61 -0.08 -8.69
C TYR A 68 -1.78 -1.03 -9.89
N ASP A 69 -2.98 -0.98 -10.49
CA ASP A 69 -3.36 -1.78 -11.66
C ASP A 69 -2.37 -1.53 -12.83
N THR A 70 -2.23 -0.25 -13.23
CA THR A 70 -1.42 0.13 -14.41
C THR A 70 0.10 0.26 -14.07
N TYR A 71 0.41 0.55 -12.79
CA TYR A 71 1.81 0.61 -12.31
C TYR A 71 2.27 -0.78 -11.82
N GLY A 72 3.38 -0.81 -11.05
CA GLY A 72 4.05 -2.07 -10.67
C GLY A 72 5.41 -2.21 -11.33
N THR A 73 5.84 -1.11 -11.96
CA THR A 73 7.03 -1.04 -12.80
C THR A 73 7.50 0.42 -12.79
N THR A 74 8.68 0.66 -12.21
CA THR A 74 9.28 2.00 -12.11
C THR A 74 10.15 2.28 -13.37
N GLU A 75 9.66 1.84 -14.55
CA GLU A 75 10.42 1.82 -15.82
C GLU A 75 9.61 2.53 -16.92
N ALA A 76 8.52 1.89 -17.39
CA ALA A 76 7.66 2.46 -18.44
C ALA A 76 6.66 3.49 -17.86
N PRO A 77 5.80 3.15 -16.82
CA PRO A 77 4.95 4.17 -16.14
C PRO A 77 5.81 4.99 -15.14
N PRO A 78 5.99 6.33 -15.35
CA PRO A 78 6.80 7.19 -14.44
C PRO A 78 6.05 7.44 -13.10
N PRO A 79 6.75 7.35 -11.91
CA PRO A 79 6.12 7.57 -10.56
C PRO A 79 5.38 8.93 -10.46
N PRO A 80 4.15 8.97 -9.83
CA PRO A 80 3.37 10.23 -9.67
C PRO A 80 4.14 11.28 -8.80
N PRO A 81 3.88 12.61 -9.01
CA PRO A 81 4.55 13.69 -8.23
C PRO A 81 3.96 13.85 -6.80
N PRO A 82 4.81 14.19 -5.76
CA PRO A 82 4.35 14.44 -4.37
C PRO A 82 3.31 15.59 -4.24
N GLY A 83 2.68 15.69 -3.07
CA GLY A 83 1.73 16.79 -2.78
C GLY A 83 0.30 16.33 -2.56
N GLY A 84 0.11 15.09 -2.07
CA GLY A 84 -1.21 14.59 -1.68
C GLY A 84 -1.34 13.08 -1.82
N TYR A 85 -0.83 12.33 -0.82
CA TYR A 85 -0.99 10.85 -0.75
C TYR A 85 -1.67 10.46 0.56
N ASP A 86 -2.07 9.18 0.65
CA ASP A 86 -2.73 8.60 1.84
C ASP A 86 -1.73 7.74 2.63
N PHE A 87 -1.19 8.35 3.69
CA PHE A 87 -0.29 7.71 4.66
C PHE A 87 -0.77 7.95 6.09
N SER A 88 -1.69 8.91 6.27
CA SER A 88 -2.25 9.30 7.56
C SER A 88 -3.11 8.15 8.11
N GLY A 89 -2.60 7.46 9.15
CA GLY A 89 -3.28 6.33 9.78
C GLY A 89 -2.92 4.99 9.15
N PHE A 90 -1.96 4.98 8.20
CA PHE A 90 -1.57 3.76 7.45
C PHE A 90 -0.09 3.40 7.69
N ASP A 91 0.77 4.45 7.83
CA ASP A 91 2.24 4.33 8.05
C ASP A 91 2.91 3.66 6.84
N VAL A 92 2.57 4.18 5.64
CA VAL A 92 2.91 3.53 4.36
C VAL A 92 4.41 3.61 4.00
N GLU A 93 5.13 4.50 4.69
CA GLU A 93 6.59 4.67 4.52
C GLU A 93 7.38 3.39 4.91
N ASP A 94 6.71 2.48 5.63
CA ASP A 94 7.31 1.22 6.13
C ASP A 94 6.89 0.01 5.26
N PHE A 95 6.15 0.26 4.17
CA PHE A 95 5.64 -0.82 3.27
C PHE A 95 6.70 -1.21 2.23
N SER A 96 6.38 -2.25 1.44
CA SER A 96 7.33 -2.85 0.49
C SER A 96 7.44 -2.02 -0.81
N GLU A 97 8.39 -2.45 -1.67
CA GLU A 97 8.84 -1.77 -2.91
C GLU A 97 7.69 -1.35 -3.85
N PHE A 98 6.60 -2.15 -3.83
CA PHE A 98 5.43 -1.95 -4.69
C PHE A 98 4.66 -0.65 -4.32
N PHE A 99 4.61 -0.33 -3.03
CA PHE A 99 3.97 0.89 -2.54
C PHE A 99 4.97 2.07 -2.57
N GLN A 100 6.27 1.75 -2.39
CA GLN A 100 7.36 2.74 -2.30
C GLN A 100 7.68 3.37 -3.66
N GLU A 101 7.45 2.63 -4.76
CA GLU A 101 7.66 3.15 -6.13
C GLU A 101 6.56 4.17 -6.49
N LEU A 102 5.34 3.90 -5.99
CA LEU A 102 4.14 4.70 -6.28
C LEU A 102 4.14 6.01 -5.47
N PHE A 103 3.99 5.88 -4.15
CA PHE A 103 3.69 7.00 -3.25
C PHE A 103 4.93 7.40 -2.43
N GLY A 104 6.02 6.63 -2.58
CA GLY A 104 7.33 6.96 -1.98
C GLY A 104 7.94 8.32 -2.38
N PRO A 105 7.76 8.86 -3.65
CA PRO A 105 8.14 10.27 -4.01
C PRO A 105 7.53 11.33 -3.06
N GLY A 106 6.38 11.00 -2.44
CA GLY A 106 5.73 11.87 -1.47
C GLY A 106 6.18 11.60 -0.05
N LEU A 107 6.34 10.31 0.28
CA LEU A 107 6.68 9.83 1.63
C LEU A 107 8.14 10.12 1.98
N PHE A 108 8.95 10.24 0.93
CA PHE A 108 10.38 10.55 1.01
C PHE A 108 10.68 11.76 0.13
N GLY A 109 11.48 12.70 0.63
CA GLY A 109 11.74 13.97 -0.07
C GLY A 109 12.85 13.87 -1.13
N GLY A 110 13.24 12.64 -1.51
CA GLY A 110 14.26 12.41 -2.56
C GLY A 110 13.88 13.03 -3.90
N PHE A 111 12.59 12.93 -4.25
CA PHE A 111 12.00 13.60 -5.42
C PHE A 111 11.83 15.10 -5.13
N GLY A 112 12.85 15.87 -5.50
CA GLY A 112 12.80 17.31 -5.52
C GLY A 112 13.93 17.89 -6.33
N ARG A 113 15.17 17.47 -5.96
CA ARG A 113 16.42 17.78 -6.68
C ARG A 113 16.64 19.32 -6.78
N ARG A 114 17.24 19.91 -5.74
CA ARG A 114 17.55 21.35 -5.69
C ARG A 114 19.07 21.54 -5.63
N SER A 115 19.54 22.66 -6.20
CA SER A 115 20.94 23.09 -6.10
C SER A 115 21.31 23.30 -4.63
N ARG A 116 22.33 22.57 -4.16
CA ARG A 116 22.79 22.62 -2.76
C ARG A 116 23.75 23.81 -2.51
N LYS A 117 23.79 24.74 -3.48
CA LYS A 117 24.50 26.02 -3.39
C LYS A 117 23.57 27.14 -3.90
N GLY A 118 23.87 28.39 -3.53
CA GLY A 118 23.10 29.55 -3.97
C GLY A 118 23.66 30.86 -3.41
N MET A 3 11.52 -7.41 -6.44
CA MET A 3 10.52 -7.19 -7.50
C MET A 3 9.18 -6.76 -6.86
N ALA A 4 8.75 -5.53 -7.22
CA ALA A 4 7.63 -4.81 -6.58
C ALA A 4 6.27 -5.50 -6.74
N ALA A 5 6.06 -6.03 -7.94
CA ALA A 5 4.75 -6.49 -8.43
C ALA A 5 4.30 -7.85 -7.85
N LYS A 6 4.81 -8.22 -6.67
CA LYS A 6 4.39 -9.45 -5.95
C LYS A 6 3.43 -9.12 -4.81
N LYS A 7 2.86 -7.90 -4.84
CA LYS A 7 1.97 -7.42 -3.79
C LYS A 7 0.55 -7.30 -4.34
N ASP A 8 -0.13 -8.46 -4.42
CA ASP A 8 -1.54 -8.54 -4.81
C ASP A 8 -2.40 -8.20 -3.58
N TYR A 9 -2.82 -6.93 -3.51
CA TYR A 9 -3.51 -6.36 -2.35
C TYR A 9 -4.91 -6.97 -2.14
N TYR A 10 -5.53 -7.43 -3.24
CA TYR A 10 -6.84 -8.13 -3.17
C TYR A 10 -6.69 -9.46 -2.40
N ALA A 11 -5.57 -10.16 -2.65
CA ALA A 11 -5.28 -11.47 -2.03
C ALA A 11 -4.92 -11.32 -0.54
N ILE A 12 -4.27 -10.19 -0.20
CA ILE A 12 -3.88 -9.88 1.19
C ILE A 12 -5.12 -9.62 2.09
N LEU A 13 -6.15 -8.93 1.55
CA LEU A 13 -7.41 -8.67 2.29
C LEU A 13 -8.41 -9.84 2.16
N GLY A 14 -8.28 -10.62 1.07
CA GLY A 14 -9.20 -11.72 0.80
C GLY A 14 -10.49 -11.26 0.12
N VAL A 15 -10.38 -10.27 -0.79
CA VAL A 15 -11.50 -9.74 -1.60
C VAL A 15 -11.22 -9.98 -3.12
N PRO A 16 -12.29 -10.16 -3.97
CA PRO A 16 -12.13 -10.30 -5.45
C PRO A 16 -11.65 -9.00 -6.14
N ARG A 17 -11.54 -9.08 -7.48
CA ARG A 17 -11.03 -7.97 -8.32
C ARG A 17 -12.03 -6.79 -8.33
N ASN A 18 -13.31 -7.12 -8.54
CA ASN A 18 -14.41 -6.14 -8.64
C ASN A 18 -15.01 -5.85 -7.24
N ALA A 19 -14.21 -6.06 -6.18
CA ALA A 19 -14.64 -5.89 -4.77
C ALA A 19 -15.13 -4.46 -4.50
N THR A 20 -16.24 -4.35 -3.75
CA THR A 20 -16.80 -3.05 -3.35
C THR A 20 -16.02 -2.53 -2.14
N GLN A 21 -15.99 -1.19 -1.99
CA GLN A 21 -15.27 -0.52 -0.90
C GLN A 21 -15.78 -1.00 0.48
N GLU A 22 -17.08 -1.34 0.52
CA GLU A 22 -17.78 -1.89 1.71
C GLU A 22 -17.15 -3.21 2.21
N GLU A 23 -16.84 -4.13 1.26
CA GLU A 23 -16.30 -5.47 1.61
C GLU A 23 -14.78 -5.41 1.85
N ILE A 24 -14.13 -4.44 1.19
CA ILE A 24 -12.69 -4.19 1.33
C ILE A 24 -12.35 -3.72 2.77
N LYS A 25 -13.11 -2.72 3.27
CA LYS A 25 -12.86 -2.12 4.58
C LYS A 25 -13.06 -3.15 5.70
N ARG A 26 -14.15 -3.95 5.63
CA ARG A 26 -14.43 -4.99 6.65
C ARG A 26 -13.41 -6.15 6.54
N ALA A 27 -12.83 -6.34 5.34
CA ALA A 27 -11.78 -7.35 5.09
C ALA A 27 -10.45 -6.94 5.75
N TYR A 28 -10.21 -5.63 5.81
CA TYR A 28 -9.09 -5.07 6.56
C TYR A 28 -9.30 -5.29 8.06
N LYS A 29 -10.49 -4.91 8.56
CA LYS A 29 -10.80 -4.94 10.01
C LYS A 29 -10.80 -6.37 10.57
N ARG A 30 -11.29 -7.36 9.79
CA ARG A 30 -11.33 -8.78 10.22
C ARG A 30 -9.91 -9.34 10.41
N LEU A 31 -8.97 -8.84 9.59
CA LEU A 31 -7.54 -9.23 9.68
C LEU A 31 -6.80 -8.35 10.69
N ALA A 32 -7.31 -7.12 10.92
CA ALA A 32 -6.71 -6.14 11.83
C ALA A 32 -6.94 -6.52 13.30
N ARG A 33 -7.86 -7.50 13.54
CA ARG A 33 -8.09 -8.05 14.90
C ARG A 33 -7.37 -9.41 15.07
N GLN A 34 -6.86 -9.96 13.96
CA GLN A 34 -6.11 -11.24 13.95
C GLN A 34 -4.60 -10.97 14.12
N TYR A 35 -4.16 -9.85 13.54
CA TYR A 35 -2.75 -9.41 13.56
C TYR A 35 -2.59 -8.19 14.48
N HIS A 36 -3.62 -7.94 15.31
CA HIS A 36 -3.70 -6.81 16.23
C HIS A 36 -2.63 -6.98 17.32
N PRO A 37 -1.83 -5.93 17.65
CA PRO A 37 -0.71 -6.03 18.65
C PRO A 37 -1.18 -6.51 20.05
N ASP A 38 -2.45 -6.27 20.35
CA ASP A 38 -3.08 -6.70 21.62
C ASP A 38 -3.41 -8.21 21.57
N VAL A 39 -4.12 -8.61 20.50
CA VAL A 39 -4.57 -10.00 20.27
C VAL A 39 -3.40 -10.98 20.07
N ASN A 40 -2.44 -10.52 19.28
CA ASN A 40 -1.34 -11.34 18.78
C ASN A 40 -0.12 -10.44 18.56
N LYS A 41 0.74 -10.37 19.58
CA LYS A 41 1.98 -9.61 19.56
C LYS A 41 3.13 -10.55 19.15
N SER A 42 3.09 -10.97 17.88
CA SER A 42 4.15 -11.76 17.24
C SER A 42 4.75 -10.98 16.06
N PRO A 43 6.10 -11.10 15.79
CA PRO A 43 6.72 -10.58 14.54
C PRO A 43 6.10 -11.19 13.28
N GLU A 44 5.57 -12.42 13.44
CA GLU A 44 4.83 -13.15 12.40
C GLU A 44 3.51 -12.46 12.02
N ALA A 45 2.96 -11.68 12.96
CA ALA A 45 1.68 -10.95 12.79
C ALA A 45 1.93 -9.53 12.28
N GLU A 46 2.93 -8.85 12.86
CA GLU A 46 3.20 -7.41 12.60
C GLU A 46 3.63 -7.16 11.14
N GLU A 47 4.24 -8.18 10.51
CA GLU A 47 4.63 -8.14 9.09
C GLU A 47 3.38 -8.17 8.18
N LYS A 48 2.38 -9.00 8.56
CA LYS A 48 1.08 -9.06 7.86
C LYS A 48 0.29 -7.78 8.14
N PHE A 49 0.54 -7.17 9.32
CA PHE A 49 -0.12 -5.93 9.73
C PHE A 49 0.31 -4.77 8.80
N LYS A 50 1.54 -4.87 8.25
CA LYS A 50 2.05 -3.87 7.29
C LYS A 50 1.36 -4.08 5.95
N GLU A 51 1.19 -5.36 5.60
CA GLU A 51 0.61 -5.80 4.31
C GLU A 51 -0.88 -5.47 4.21
N ILE A 52 -1.62 -5.60 5.33
CA ILE A 52 -3.08 -5.33 5.33
C ILE A 52 -3.34 -3.82 5.36
N ASN A 53 -2.45 -3.05 6.05
CA ASN A 53 -2.44 -1.58 6.01
C ASN A 53 -2.08 -1.08 4.60
N GLU A 54 -1.17 -1.83 3.94
CA GLU A 54 -0.66 -1.53 2.58
C GLU A 54 -1.76 -1.78 1.55
N ALA A 55 -2.42 -2.93 1.75
CA ALA A 55 -3.51 -3.40 0.91
C ALA A 55 -4.69 -2.47 1.01
N TYR A 56 -5.03 -2.05 2.24
CA TYR A 56 -6.17 -1.18 2.50
C TYR A 56 -5.88 0.26 2.06
N ALA A 57 -4.63 0.74 2.22
CA ALA A 57 -4.27 2.14 1.86
C ALA A 57 -4.47 2.40 0.34
N VAL A 58 -4.30 1.34 -0.45
CA VAL A 58 -4.54 1.34 -1.90
C VAL A 58 -6.02 1.01 -2.20
N LEU A 59 -6.58 0.04 -1.47
CA LEU A 59 -7.94 -0.48 -1.73
C LEU A 59 -9.05 0.32 -1.01
N SER A 60 -8.66 1.36 -0.24
CA SER A 60 -9.61 2.27 0.44
C SER A 60 -10.25 3.24 -0.57
N ASP A 61 -9.64 3.34 -1.77
CA ASP A 61 -10.06 4.27 -2.82
C ASP A 61 -9.94 3.58 -4.20
N PRO A 62 -11.01 3.62 -5.07
CA PRO A 62 -11.02 2.92 -6.39
C PRO A 62 -9.89 3.36 -7.35
N GLU A 63 -9.53 4.66 -7.29
CA GLU A 63 -8.51 5.24 -8.19
C GLU A 63 -7.11 4.75 -7.80
N LYS A 64 -6.89 4.60 -6.49
CA LYS A 64 -5.64 4.02 -5.95
C LYS A 64 -5.51 2.53 -6.37
N ARG A 65 -6.65 1.82 -6.43
CA ARG A 65 -6.73 0.41 -6.88
C ARG A 65 -6.31 0.27 -8.35
N ARG A 66 -6.83 1.16 -9.23
CA ARG A 66 -6.51 1.11 -10.67
C ARG A 66 -5.06 1.52 -10.94
N ILE A 67 -4.47 2.31 -10.02
CA ILE A 67 -3.04 2.65 -10.03
C ILE A 67 -2.20 1.36 -9.88
N TYR A 68 -2.47 0.58 -8.82
CA TYR A 68 -1.71 -0.66 -8.52
C TYR A 68 -2.02 -1.76 -9.56
N ASP A 69 -3.22 -1.67 -10.17
CA ASP A 69 -3.68 -2.60 -11.21
C ASP A 69 -2.86 -2.44 -12.51
N THR A 70 -2.54 -1.17 -12.86
CA THR A 70 -1.84 -0.85 -14.13
C THR A 70 -0.30 -0.73 -13.94
N TYR A 71 0.15 -0.42 -12.72
CA TYR A 71 1.59 -0.21 -12.41
C TYR A 71 2.15 -1.39 -11.60
N GLY A 72 3.40 -1.23 -11.09
CA GLY A 72 4.08 -2.28 -10.30
C GLY A 72 5.53 -2.48 -10.67
N THR A 73 6.05 -1.62 -11.55
CA THR A 73 7.45 -1.63 -11.99
C THR A 73 7.87 -0.17 -12.27
N THR A 74 8.97 0.29 -11.66
CA THR A 74 9.47 1.68 -11.82
C THR A 74 10.10 1.89 -13.23
N GLU A 75 10.43 0.78 -13.91
CA GLU A 75 11.21 0.77 -15.15
C GLU A 75 10.40 1.36 -16.34
N ALA A 76 9.38 0.61 -16.81
CA ALA A 76 8.57 1.01 -17.97
C ALA A 76 7.25 1.73 -17.54
N PRO A 77 6.37 1.17 -16.62
CA PRO A 77 5.16 1.90 -16.13
C PRO A 77 5.49 3.31 -15.53
N PRO A 78 4.96 4.43 -16.16
CA PRO A 78 5.29 5.83 -15.73
C PRO A 78 4.66 6.19 -14.35
N PRO A 79 5.33 7.06 -13.52
CA PRO A 79 4.85 7.37 -12.13
C PRO A 79 3.49 8.12 -12.10
N PRO A 80 2.58 7.84 -11.08
CA PRO A 80 1.27 8.54 -10.93
C PRO A 80 1.45 9.98 -10.32
N PRO A 81 0.41 10.89 -10.40
CA PRO A 81 0.52 12.29 -9.91
C PRO A 81 0.82 12.36 -8.39
N PRO A 82 2.03 12.87 -7.98
CA PRO A 82 2.49 12.79 -6.57
C PRO A 82 1.90 13.88 -5.66
N GLY A 83 1.55 13.48 -4.42
CA GLY A 83 1.06 14.39 -3.38
C GLY A 83 -0.40 14.16 -3.00
N GLY A 84 -1.19 13.58 -3.93
CA GLY A 84 -2.61 13.28 -3.68
C GLY A 84 -2.83 11.92 -3.03
N TYR A 85 -1.99 11.60 -2.02
CA TYR A 85 -2.00 10.28 -1.34
C TYR A 85 -2.23 10.49 0.17
N ASP A 86 -2.56 9.41 0.91
CA ASP A 86 -2.70 9.46 2.38
C ASP A 86 -1.87 8.34 3.04
N PHE A 87 -1.39 8.63 4.27
CA PHE A 87 -0.55 7.73 5.05
C PHE A 87 -0.68 8.03 6.55
N SER A 88 -1.77 8.73 6.94
CA SER A 88 -2.02 9.10 8.34
C SER A 88 -2.37 7.85 9.18
N GLY A 89 -1.40 7.41 10.00
CA GLY A 89 -1.57 6.24 10.86
C GLY A 89 -1.17 4.92 10.20
N PHE A 90 -0.76 4.98 8.92
CA PHE A 90 -0.36 3.80 8.14
C PHE A 90 1.16 3.63 8.15
N ASP A 91 1.87 4.79 8.01
CA ASP A 91 3.35 4.87 7.92
C ASP A 91 3.83 4.03 6.73
N VAL A 92 3.40 4.47 5.55
CA VAL A 92 3.53 3.71 4.30
C VAL A 92 4.96 3.71 3.73
N GLU A 93 5.82 4.59 4.26
CA GLU A 93 7.25 4.66 3.88
C GLU A 93 8.03 3.40 4.36
N ASP A 94 7.39 2.59 5.23
CA ASP A 94 7.93 1.32 5.73
C ASP A 94 7.55 0.14 4.81
N PHE A 95 6.51 0.34 3.98
CA PHE A 95 5.85 -0.75 3.20
C PHE A 95 6.71 -1.21 1.99
N SER A 96 6.20 -2.22 1.27
CA SER A 96 6.94 -2.92 0.20
C SER A 96 7.33 -2.01 -0.98
N GLU A 97 8.20 -2.56 -1.87
CA GLU A 97 8.73 -1.89 -3.09
C GLU A 97 7.61 -1.27 -3.93
N PHE A 98 6.45 -1.97 -3.97
CA PHE A 98 5.26 -1.56 -4.74
C PHE A 98 4.77 -0.17 -4.29
N PHE A 99 4.65 0.00 -2.97
CA PHE A 99 4.11 1.24 -2.39
C PHE A 99 5.18 2.37 -2.47
N GLN A 100 6.45 1.96 -2.44
CA GLN A 100 7.62 2.86 -2.41
C GLN A 100 7.91 3.52 -3.77
N GLU A 101 7.58 2.83 -4.88
CA GLU A 101 7.76 3.38 -6.23
C GLU A 101 6.54 4.20 -6.67
N LEU A 102 5.35 3.70 -6.30
CA LEU A 102 4.06 4.29 -6.69
C LEU A 102 3.82 5.61 -5.97
N PHE A 103 3.64 5.51 -4.65
CA PHE A 103 3.20 6.62 -3.81
C PHE A 103 4.40 7.30 -3.14
N GLY A 104 5.58 6.64 -3.23
CA GLY A 104 6.85 7.14 -2.69
C GLY A 104 7.26 8.57 -3.13
N PRO A 105 7.13 8.97 -4.46
CA PRO A 105 7.40 10.39 -4.89
C PRO A 105 6.48 11.43 -4.21
N GLY A 106 5.24 11.03 -3.88
CA GLY A 106 4.29 11.91 -3.18
C GLY A 106 4.49 11.91 -1.68
N LEU A 107 5.14 10.85 -1.19
CA LEU A 107 5.57 10.72 0.22
C LEU A 107 6.76 11.67 0.49
N PHE A 108 7.73 11.63 -0.43
CA PHE A 108 8.93 12.46 -0.39
C PHE A 108 9.56 12.49 -1.80
N GLY A 109 10.31 13.55 -2.13
CA GLY A 109 10.86 13.70 -3.48
C GLY A 109 11.82 14.87 -3.60
N GLY A 110 11.45 15.99 -2.98
CA GLY A 110 12.19 17.23 -3.09
C GLY A 110 11.94 18.13 -1.89
N PHE A 111 12.91 18.13 -0.95
CA PHE A 111 12.79 18.84 0.33
C PHE A 111 14.19 19.09 0.93
N GLY A 112 14.22 19.63 2.16
CA GLY A 112 15.46 19.82 2.91
C GLY A 112 15.70 21.26 3.33
N ARG A 113 15.03 22.21 2.62
CA ARG A 113 15.22 23.66 2.83
C ARG A 113 16.71 24.03 2.61
N ARG A 114 17.30 23.38 1.59
CA ARG A 114 18.75 23.41 1.30
C ARG A 114 19.17 24.78 0.74
N SER A 115 18.69 25.07 -0.48
CA SER A 115 19.07 26.28 -1.24
C SER A 115 18.24 27.49 -0.77
N ARG A 116 18.41 28.63 -1.45
CA ARG A 116 17.69 29.88 -1.16
C ARG A 116 17.39 30.64 -2.47
N LYS A 117 16.33 31.47 -2.43
CA LYS A 117 15.96 32.37 -3.55
C LYS A 117 15.05 33.47 -2.97
N GLY A 118 15.63 34.66 -2.75
CA GLY A 118 14.89 35.81 -2.20
C GLY A 118 15.67 36.52 -1.08
N MET A 3 7.41 -3.64 -11.03
CA MET A 3 8.39 -4.56 -10.39
C MET A 3 7.93 -4.90 -8.97
N ALA A 4 8.73 -5.73 -8.25
CA ALA A 4 8.50 -6.05 -6.80
C ALA A 4 7.13 -6.69 -6.54
N ALA A 5 6.57 -7.29 -7.60
CA ALA A 5 5.20 -7.85 -7.63
C ALA A 5 5.11 -9.16 -6.80
N LYS A 6 5.09 -8.97 -5.49
CA LYS A 6 4.82 -10.01 -4.49
C LYS A 6 3.56 -9.61 -3.70
N LYS A 7 2.84 -8.59 -4.22
CA LYS A 7 1.81 -7.85 -3.49
C LYS A 7 0.54 -7.74 -4.31
N ASP A 8 -0.23 -8.83 -4.30
CA ASP A 8 -1.61 -8.83 -4.77
C ASP A 8 -2.45 -8.32 -3.59
N TYR A 9 -2.71 -7.01 -3.59
CA TYR A 9 -3.41 -6.31 -2.50
C TYR A 9 -4.80 -6.92 -2.20
N TYR A 10 -5.45 -7.41 -3.25
CA TYR A 10 -6.78 -8.06 -3.14
C TYR A 10 -6.67 -9.41 -2.42
N ALA A 11 -5.60 -10.16 -2.71
CA ALA A 11 -5.37 -11.48 -2.09
C ALA A 11 -4.95 -11.34 -0.61
N ILE A 12 -4.29 -10.20 -0.28
CA ILE A 12 -3.87 -9.89 1.09
C ILE A 12 -5.10 -9.69 1.99
N LEU A 13 -6.11 -8.93 1.48
CA LEU A 13 -7.38 -8.71 2.22
C LEU A 13 -8.37 -9.89 2.03
N GLY A 14 -8.17 -10.66 0.94
CA GLY A 14 -9.04 -11.80 0.63
C GLY A 14 -10.34 -11.41 -0.06
N VAL A 15 -10.27 -10.36 -0.92
CA VAL A 15 -11.40 -9.88 -1.75
C VAL A 15 -11.05 -9.99 -3.26
N PRO A 16 -12.05 -10.16 -4.18
CA PRO A 16 -11.81 -10.18 -5.65
C PRO A 16 -11.49 -8.79 -6.24
N ARG A 17 -11.17 -8.73 -7.56
CA ARG A 17 -10.85 -7.46 -8.27
C ARG A 17 -12.05 -6.50 -8.25
N ASN A 18 -13.26 -7.05 -8.48
CA ASN A 18 -14.52 -6.27 -8.52
C ASN A 18 -15.12 -6.10 -7.12
N ALA A 19 -14.30 -6.28 -6.06
CA ALA A 19 -14.73 -6.17 -4.66
C ALA A 19 -15.34 -4.81 -4.35
N THR A 20 -16.50 -4.83 -3.68
CA THR A 20 -17.17 -3.63 -3.21
C THR A 20 -16.41 -3.06 -2.00
N GLN A 21 -16.48 -1.74 -1.82
CA GLN A 21 -15.79 -1.04 -0.71
C GLN A 21 -16.32 -1.48 0.67
N GLU A 22 -17.54 -2.05 0.68
CA GLU A 22 -18.16 -2.62 1.89
C GLU A 22 -17.38 -3.86 2.37
N GLU A 23 -17.01 -4.75 1.43
CA GLU A 23 -16.32 -6.01 1.76
C GLU A 23 -14.82 -5.78 1.98
N ILE A 24 -14.26 -4.74 1.32
CA ILE A 24 -12.83 -4.38 1.43
C ILE A 24 -12.49 -3.88 2.85
N LYS A 25 -13.31 -2.97 3.38
CA LYS A 25 -13.08 -2.35 4.71
C LYS A 25 -13.10 -3.42 5.83
N ARG A 26 -14.07 -4.36 5.74
CA ARG A 26 -14.21 -5.44 6.73
C ARG A 26 -13.17 -6.54 6.50
N ALA A 27 -12.61 -6.60 5.27
CA ALA A 27 -11.56 -7.58 4.92
C ALA A 27 -10.22 -7.17 5.52
N TYR A 28 -10.01 -5.86 5.65
CA TYR A 28 -8.90 -5.30 6.41
C TYR A 28 -9.12 -5.57 7.90
N LYS A 29 -10.30 -5.20 8.41
CA LYS A 29 -10.65 -5.29 9.83
C LYS A 29 -10.70 -6.75 10.36
N ARG A 30 -11.14 -7.70 9.52
CA ARG A 30 -11.22 -9.13 9.92
C ARG A 30 -9.82 -9.69 10.23
N LEU A 31 -8.83 -9.17 9.48
CA LEU A 31 -7.41 -9.55 9.62
C LEU A 31 -6.72 -8.65 10.65
N ALA A 32 -7.22 -7.41 10.78
CA ALA A 32 -6.66 -6.40 11.68
C ALA A 32 -6.75 -6.87 13.13
N ARG A 33 -7.91 -7.43 13.50
CA ARG A 33 -8.18 -7.89 14.88
C ARG A 33 -7.37 -9.16 15.22
N GLN A 34 -6.85 -9.82 14.17
CA GLN A 34 -5.97 -10.99 14.30
C GLN A 34 -4.53 -10.52 14.56
N TYR A 35 -4.12 -9.50 13.78
CA TYR A 35 -2.72 -9.01 13.73
C TYR A 35 -2.55 -7.70 14.52
N HIS A 36 -3.56 -7.36 15.36
CA HIS A 36 -3.52 -6.18 16.26
C HIS A 36 -2.39 -6.36 17.30
N PRO A 37 -1.58 -5.31 17.58
CA PRO A 37 -0.38 -5.40 18.48
C PRO A 37 -0.70 -5.79 19.93
N ASP A 38 -1.98 -5.70 20.33
CA ASP A 38 -2.44 -6.13 21.66
C ASP A 38 -2.78 -7.62 21.63
N VAL A 39 -3.56 -7.99 20.60
CA VAL A 39 -4.05 -9.36 20.39
C VAL A 39 -2.89 -10.33 20.11
N ASN A 40 -1.97 -9.88 19.27
CA ASN A 40 -0.93 -10.71 18.68
C ASN A 40 0.17 -9.79 18.12
N LYS A 41 1.34 -9.85 18.75
CA LYS A 41 2.49 -8.99 18.45
C LYS A 41 3.73 -9.84 18.16
N SER A 42 3.47 -11.01 17.54
CA SER A 42 4.53 -11.91 17.04
C SER A 42 5.15 -11.33 15.75
N PRO A 43 6.37 -11.82 15.29
CA PRO A 43 6.96 -11.40 13.98
C PRO A 43 6.05 -11.73 12.79
N GLU A 44 5.23 -12.78 12.97
CA GLU A 44 4.22 -13.23 12.01
C GLU A 44 3.11 -12.17 11.84
N ALA A 45 2.81 -11.46 12.93
CA ALA A 45 1.71 -10.49 12.99
C ALA A 45 2.14 -9.10 12.54
N GLU A 46 3.36 -8.69 12.97
CA GLU A 46 3.88 -7.34 12.74
C GLU A 46 4.01 -7.03 11.23
N GLU A 47 4.39 -8.06 10.46
CA GLU A 47 4.61 -7.92 9.01
C GLU A 47 3.26 -7.92 8.29
N LYS A 48 2.35 -8.81 8.72
CA LYS A 48 1.04 -8.99 8.10
C LYS A 48 0.18 -7.75 8.29
N PHE A 49 0.37 -7.07 9.44
CA PHE A 49 -0.36 -5.86 9.78
C PHE A 49 0.04 -4.70 8.85
N LYS A 50 1.30 -4.73 8.37
CA LYS A 50 1.79 -3.75 7.39
C LYS A 50 1.17 -4.05 6.05
N GLU A 51 1.14 -5.35 5.69
CA GLU A 51 0.67 -5.84 4.38
C GLU A 51 -0.83 -5.59 4.19
N ILE A 52 -1.63 -5.75 5.28
CA ILE A 52 -3.09 -5.57 5.20
C ILE A 52 -3.45 -4.07 5.21
N ASN A 53 -2.62 -3.26 5.87
CA ASN A 53 -2.77 -1.79 5.90
C ASN A 53 -2.23 -1.19 4.59
N GLU A 54 -1.30 -1.93 3.95
CA GLU A 54 -0.70 -1.62 2.64
C GLU A 54 -1.72 -1.88 1.55
N ALA A 55 -2.34 -3.06 1.64
CA ALA A 55 -3.42 -3.49 0.77
C ALA A 55 -4.58 -2.51 0.86
N TYR A 56 -4.97 -2.17 2.11
CA TYR A 56 -6.09 -1.29 2.37
C TYR A 56 -5.79 0.16 1.93
N ALA A 57 -4.54 0.61 2.07
CA ALA A 57 -4.14 1.99 1.66
C ALA A 57 -4.34 2.21 0.15
N VAL A 58 -4.37 1.10 -0.62
CA VAL A 58 -4.69 1.09 -2.05
C VAL A 58 -6.19 0.90 -2.26
N LEU A 59 -6.73 -0.17 -1.63
CA LEU A 59 -8.08 -0.68 -1.91
C LEU A 59 -9.18 0.12 -1.19
N SER A 60 -8.79 1.05 -0.28
CA SER A 60 -9.73 1.86 0.53
C SER A 60 -10.62 2.73 -0.35
N ASP A 61 -10.06 3.13 -1.51
CA ASP A 61 -10.70 4.08 -2.42
C ASP A 61 -10.36 3.71 -3.87
N PRO A 62 -11.31 3.89 -4.85
CA PRO A 62 -11.04 3.71 -6.31
C PRO A 62 -9.86 4.58 -6.79
N GLU A 63 -9.63 5.68 -6.03
CA GLU A 63 -8.57 6.66 -6.27
C GLU A 63 -7.20 5.99 -6.38
N LYS A 64 -6.84 5.19 -5.36
CA LYS A 64 -5.51 4.54 -5.25
C LYS A 64 -5.56 3.11 -5.78
N ARG A 65 -6.78 2.55 -5.79
CA ARG A 65 -7.06 1.18 -6.25
C ARG A 65 -6.72 1.00 -7.74
N ARG A 66 -6.74 2.12 -8.49
CA ARG A 66 -6.41 2.15 -9.93
C ARG A 66 -4.90 2.37 -10.16
N ILE A 67 -4.20 2.96 -9.16
CA ILE A 67 -2.78 3.36 -9.29
C ILE A 67 -1.86 2.13 -9.56
N TYR A 68 -2.03 1.05 -8.76
CA TYR A 68 -1.17 -0.14 -8.86
C TYR A 68 -1.37 -0.83 -10.24
N ASP A 69 -2.62 -0.74 -10.75
CA ASP A 69 -3.07 -1.44 -11.97
C ASP A 69 -2.54 -0.73 -13.24
N THR A 70 -2.74 0.60 -13.32
CA THR A 70 -2.35 1.40 -14.49
C THR A 70 -0.82 1.51 -14.62
N TYR A 71 -0.14 1.47 -13.47
CA TYR A 71 1.33 1.45 -13.37
C TYR A 71 1.77 0.03 -12.98
N GLY A 72 2.88 -0.09 -12.24
CA GLY A 72 3.40 -1.40 -11.79
C GLY A 72 4.63 -1.83 -12.55
N THR A 73 5.09 -0.96 -13.45
CA THR A 73 6.31 -1.19 -14.23
C THR A 73 7.06 0.15 -14.35
N THR A 74 8.39 0.09 -14.30
CA THR A 74 9.28 1.27 -14.37
C THR A 74 10.03 1.31 -15.72
N GLU A 75 9.44 0.69 -16.76
CA GLU A 75 10.01 0.62 -18.13
C GLU A 75 9.33 1.64 -19.04
N ALA A 76 8.09 1.34 -19.48
CA ALA A 76 7.29 2.24 -20.31
C ALA A 76 6.77 3.44 -19.48
N PRO A 77 6.07 3.21 -18.29
CA PRO A 77 5.64 4.32 -17.42
C PRO A 77 6.82 4.81 -16.54
N PRO A 78 6.98 6.15 -16.34
CA PRO A 78 7.97 6.71 -15.38
C PRO A 78 7.48 6.52 -13.91
N PRO A 79 8.33 6.89 -12.87
CA PRO A 79 7.87 6.98 -11.46
C PRO A 79 6.54 7.78 -11.33
N PRO A 80 5.44 7.14 -10.81
CA PRO A 80 4.08 7.77 -10.74
C PRO A 80 4.07 9.15 -10.03
N PRO A 81 3.19 10.12 -10.52
CA PRO A 81 3.17 11.54 -10.07
C PRO A 81 3.20 11.71 -8.53
N PRO A 82 4.22 12.43 -7.96
CA PRO A 82 4.45 12.48 -6.52
C PRO A 82 3.48 13.44 -5.78
N GLY A 83 3.09 13.06 -4.56
CA GLY A 83 2.33 13.94 -3.65
C GLY A 83 0.85 13.59 -3.58
N GLY A 84 0.27 13.10 -4.69
CA GLY A 84 -1.16 12.80 -4.76
C GLY A 84 -1.49 11.41 -4.21
N TYR A 85 -1.15 11.19 -2.93
CA TYR A 85 -1.34 9.89 -2.25
C TYR A 85 -1.87 10.14 -0.82
N ASP A 86 -2.57 9.14 -0.25
CA ASP A 86 -3.17 9.23 1.10
C ASP A 86 -2.43 8.26 2.05
N PHE A 87 -2.06 8.78 3.25
CA PHE A 87 -1.23 8.03 4.23
C PHE A 87 -1.36 8.54 5.68
N SER A 88 -2.20 9.56 5.91
CA SER A 88 -2.46 10.08 7.26
C SER A 88 -3.35 9.08 8.04
N GLY A 89 -2.73 8.40 9.04
CA GLY A 89 -3.38 7.32 9.79
C GLY A 89 -3.00 5.93 9.25
N PHE A 90 -1.99 5.87 8.36
CA PHE A 90 -1.54 4.61 7.73
C PHE A 90 -0.01 4.41 7.90
N ASP A 91 0.75 5.52 7.68
CA ASP A 91 2.24 5.51 7.63
C ASP A 91 2.74 4.53 6.55
N VAL A 92 2.54 4.93 5.29
CA VAL A 92 2.78 4.04 4.14
C VAL A 92 4.25 3.98 3.72
N GLU A 93 5.05 4.91 4.25
CA GLU A 93 6.52 4.94 4.07
C GLU A 93 7.19 3.62 4.55
N ASP A 94 6.51 2.93 5.48
CA ASP A 94 7.01 1.73 6.17
C ASP A 94 6.71 0.44 5.35
N PHE A 95 5.86 0.56 4.31
CA PHE A 95 5.36 -0.61 3.55
C PHE A 95 6.37 -1.06 2.50
N SER A 96 6.10 -2.21 1.85
CA SER A 96 7.07 -2.90 0.99
C SER A 96 7.30 -2.19 -0.35
N GLU A 97 8.29 -2.71 -1.12
CA GLU A 97 8.85 -2.05 -2.31
C GLU A 97 7.85 -1.90 -3.48
N PHE A 98 6.78 -2.75 -3.51
CA PHE A 98 5.73 -2.64 -4.54
C PHE A 98 4.88 -1.37 -4.30
N PHE A 99 4.77 -0.98 -3.01
CA PHE A 99 4.05 0.23 -2.59
C PHE A 99 5.00 1.44 -2.76
N GLN A 100 6.30 1.19 -2.60
CA GLN A 100 7.35 2.23 -2.60
C GLN A 100 7.78 2.64 -4.02
N GLU A 101 7.37 1.88 -5.04
CA GLU A 101 7.60 2.26 -6.45
C GLU A 101 6.40 2.99 -7.03
N LEU A 102 5.19 2.67 -6.52
CA LEU A 102 3.94 3.34 -6.90
C LEU A 102 3.78 4.68 -6.15
N PHE A 103 3.58 4.59 -4.84
CA PHE A 103 3.26 5.74 -3.98
C PHE A 103 4.55 6.35 -3.40
N GLY A 104 5.57 5.50 -3.24
CA GLY A 104 6.86 5.87 -2.62
C GLY A 104 7.63 7.05 -3.26
N PRO A 105 7.60 7.29 -4.63
CA PRO A 105 8.16 8.55 -5.23
C PRO A 105 7.48 9.83 -4.69
N GLY A 106 6.25 9.69 -4.16
CA GLY A 106 5.52 10.79 -3.53
C GLY A 106 5.66 10.83 -2.02
N LEU A 107 6.25 9.79 -1.45
CA LEU A 107 6.57 9.71 -0.01
C LEU A 107 8.02 10.14 0.20
N PHE A 108 8.95 9.34 -0.34
CA PHE A 108 10.39 9.67 -0.38
C PHE A 108 10.68 10.61 -1.56
N GLY A 109 11.78 11.36 -1.46
CA GLY A 109 12.11 12.41 -2.45
C GLY A 109 11.85 13.79 -1.87
N GLY A 110 12.20 13.96 -0.58
CA GLY A 110 12.18 15.27 0.09
C GLY A 110 13.19 16.24 -0.52
N PHE A 111 14.26 15.67 -1.09
CA PHE A 111 15.32 16.39 -1.78
C PHE A 111 15.70 15.66 -3.08
N GLY A 112 16.70 16.19 -3.79
CA GLY A 112 17.22 15.58 -5.02
C GLY A 112 17.22 16.56 -6.17
N ARG A 113 16.04 16.70 -6.81
CA ARG A 113 15.81 17.54 -8.02
C ARG A 113 16.78 17.10 -9.15
N ARG A 114 16.91 15.78 -9.29
CA ARG A 114 17.80 15.15 -10.30
C ARG A 114 17.04 14.89 -11.62
N SER A 115 15.79 15.33 -11.69
CA SER A 115 14.92 15.14 -12.86
C SER A 115 14.11 16.43 -13.11
N ARG A 116 14.34 17.06 -14.28
CA ARG A 116 13.52 18.18 -14.78
C ARG A 116 12.58 17.65 -15.88
N LYS A 117 13.20 17.23 -17.00
CA LYS A 117 12.50 16.66 -18.16
C LYS A 117 12.55 15.12 -18.10
N GLY A 118 11.83 14.48 -19.03
CA GLY A 118 11.80 13.02 -19.13
C GLY A 118 10.69 12.54 -20.04
N MET A 3 8.39 -2.06 -10.59
CA MET A 3 7.91 -3.43 -10.87
C MET A 3 8.40 -4.39 -9.77
N ALA A 4 7.56 -4.58 -8.75
CA ALA A 4 7.80 -5.55 -7.69
C ALA A 4 6.89 -6.75 -7.93
N ALA A 5 5.58 -6.46 -7.88
CA ALA A 5 4.47 -7.40 -8.16
C ALA A 5 4.54 -8.68 -7.28
N LYS A 6 5.12 -8.53 -6.07
CA LYS A 6 5.32 -9.65 -5.11
C LYS A 6 4.10 -9.85 -4.20
N LYS A 7 3.02 -9.11 -4.51
CA LYS A 7 1.77 -9.13 -3.75
C LYS A 7 0.65 -8.49 -4.56
N ASP A 8 -0.57 -8.99 -4.33
CA ASP A 8 -1.82 -8.40 -4.86
C ASP A 8 -2.67 -7.98 -3.67
N TYR A 9 -2.92 -6.67 -3.56
CA TYR A 9 -3.61 -6.07 -2.40
C TYR A 9 -5.02 -6.67 -2.18
N TYR A 10 -5.66 -7.05 -3.28
CA TYR A 10 -6.95 -7.74 -3.25
C TYR A 10 -6.82 -9.14 -2.61
N ALA A 11 -5.80 -9.90 -3.05
CA ALA A 11 -5.54 -11.28 -2.57
C ALA A 11 -5.15 -11.29 -1.08
N ILE A 12 -4.55 -10.17 -0.60
CA ILE A 12 -4.19 -9.98 0.82
C ILE A 12 -5.45 -9.87 1.70
N LEU A 13 -6.43 -9.05 1.27
CA LEU A 13 -7.71 -8.87 2.00
C LEU A 13 -8.72 -9.98 1.70
N GLY A 14 -8.44 -10.80 0.67
CA GLY A 14 -9.30 -11.92 0.27
C GLY A 14 -10.49 -11.50 -0.61
N VAL A 15 -10.39 -10.30 -1.22
CA VAL A 15 -11.43 -9.73 -2.09
C VAL A 15 -10.98 -9.82 -3.58
N PRO A 16 -11.93 -9.88 -4.58
CA PRO A 16 -11.58 -9.88 -6.03
C PRO A 16 -11.06 -8.52 -6.55
N ARG A 17 -10.67 -8.49 -7.84
CA ARG A 17 -10.10 -7.30 -8.51
C ARG A 17 -11.13 -6.15 -8.60
N ASN A 18 -12.35 -6.49 -9.01
CA ASN A 18 -13.47 -5.53 -9.10
C ASN A 18 -14.38 -5.68 -7.87
N ALA A 19 -13.73 -5.80 -6.69
CA ALA A 19 -14.42 -5.89 -5.39
C ALA A 19 -15.18 -4.59 -5.08
N THR A 20 -16.30 -4.73 -4.36
CA THR A 20 -17.05 -3.58 -3.83
C THR A 20 -16.34 -3.06 -2.56
N GLN A 21 -16.42 -1.75 -2.34
CA GLN A 21 -15.88 -1.10 -1.13
C GLN A 21 -16.55 -1.64 0.15
N GLU A 22 -17.79 -2.16 -0.02
CA GLU A 22 -18.57 -2.78 1.06
C GLU A 22 -17.86 -4.03 1.65
N GLU A 23 -17.26 -4.87 0.79
CA GLU A 23 -16.60 -6.12 1.23
C GLU A 23 -15.15 -5.83 1.68
N ILE A 24 -14.50 -4.86 1.01
CA ILE A 24 -13.10 -4.47 1.29
C ILE A 24 -12.96 -3.88 2.71
N LYS A 25 -13.87 -2.94 3.04
CA LYS A 25 -13.79 -2.14 4.26
C LYS A 25 -13.76 -3.03 5.53
N ARG A 26 -14.53 -4.13 5.50
CA ARG A 26 -14.67 -5.08 6.62
C ARG A 26 -13.68 -6.26 6.50
N ALA A 27 -13.19 -6.52 5.26
CA ALA A 27 -12.17 -7.57 4.99
C ALA A 27 -10.83 -7.23 5.64
N TYR A 28 -10.57 -5.93 5.81
CA TYR A 28 -9.43 -5.44 6.61
C TYR A 28 -9.62 -5.80 8.09
N LYS A 29 -10.81 -5.46 8.64
CA LYS A 29 -11.08 -5.56 10.09
C LYS A 29 -10.97 -7.01 10.60
N ARG A 30 -11.43 -7.98 9.78
CA ARG A 30 -11.38 -9.41 10.15
C ARG A 30 -9.93 -9.90 10.30
N LEU A 31 -9.05 -9.36 9.43
CA LEU A 31 -7.60 -9.68 9.42
C LEU A 31 -6.85 -8.85 10.48
N ALA A 32 -7.36 -7.64 10.73
CA ALA A 32 -6.71 -6.65 11.61
C ALA A 32 -6.68 -7.17 13.05
N ARG A 33 -7.80 -7.80 13.47
CA ARG A 33 -7.97 -8.29 14.85
C ARG A 33 -7.14 -9.57 15.11
N GLN A 34 -6.64 -10.18 14.03
CA GLN A 34 -5.73 -11.34 14.08
C GLN A 34 -4.31 -10.84 14.35
N TYR A 35 -3.90 -9.85 13.54
CA TYR A 35 -2.52 -9.32 13.50
C TYR A 35 -2.36 -8.07 14.37
N HIS A 36 -3.39 -7.77 15.20
CA HIS A 36 -3.36 -6.64 16.15
C HIS A 36 -2.29 -6.91 17.24
N PRO A 37 -1.36 -5.92 17.52
CA PRO A 37 -0.29 -6.06 18.55
C PRO A 37 -0.80 -6.53 19.94
N ASP A 38 -1.99 -6.06 20.36
CA ASP A 38 -2.58 -6.42 21.68
C ASP A 38 -3.03 -7.88 21.69
N VAL A 39 -3.48 -8.37 20.54
CA VAL A 39 -3.90 -9.76 20.31
C VAL A 39 -2.66 -10.67 20.17
N ASN A 40 -1.67 -10.14 19.45
CA ASN A 40 -0.55 -10.91 18.92
C ASN A 40 0.56 -9.91 18.51
N LYS A 41 1.58 -9.77 19.38
CA LYS A 41 2.67 -8.76 19.23
C LYS A 41 3.93 -9.39 18.62
N SER A 42 3.76 -10.55 17.94
CA SER A 42 4.87 -11.26 17.32
C SER A 42 5.34 -10.55 16.03
N PRO A 43 6.66 -10.68 15.65
CA PRO A 43 7.17 -10.23 14.34
C PRO A 43 6.32 -10.73 13.16
N GLU A 44 5.78 -11.96 13.32
CA GLU A 44 4.81 -12.55 12.36
C GLU A 44 3.62 -11.61 12.12
N ALA A 45 3.02 -11.15 13.22
CA ALA A 45 1.80 -10.35 13.21
C ALA A 45 2.04 -8.93 12.72
N GLU A 46 3.18 -8.35 13.15
CA GLU A 46 3.50 -6.94 12.88
C GLU A 46 3.75 -6.71 11.37
N GLU A 47 4.36 -7.71 10.70
CA GLU A 47 4.73 -7.61 9.26
C GLU A 47 3.51 -7.91 8.38
N LYS A 48 2.61 -8.79 8.88
CA LYS A 48 1.33 -9.08 8.22
C LYS A 48 0.36 -7.91 8.44
N PHE A 49 0.58 -7.15 9.54
CA PHE A 49 -0.20 -5.96 9.87
C PHE A 49 0.13 -4.84 8.88
N LYS A 50 1.37 -4.87 8.34
CA LYS A 50 1.80 -3.94 7.30
C LYS A 50 1.05 -4.27 6.00
N GLU A 51 1.05 -5.58 5.64
CA GLU A 51 0.46 -6.09 4.37
C GLU A 51 -1.04 -5.76 4.26
N ILE A 52 -1.79 -6.01 5.35
CA ILE A 52 -3.26 -5.84 5.37
C ILE A 52 -3.64 -4.33 5.36
N ASN A 53 -2.83 -3.50 6.06
CA ASN A 53 -3.08 -2.05 6.20
C ASN A 53 -2.57 -1.28 4.97
N GLU A 54 -1.64 -1.91 4.25
CA GLU A 54 -1.09 -1.45 2.96
C GLU A 54 -2.09 -1.70 1.84
N ALA A 55 -2.57 -2.96 1.83
CA ALA A 55 -3.61 -3.42 0.94
C ALA A 55 -4.83 -2.53 1.06
N TYR A 56 -5.18 -2.22 2.32
CA TYR A 56 -6.32 -1.40 2.67
C TYR A 56 -6.04 0.11 2.47
N ALA A 57 -4.78 0.55 2.61
CA ALA A 57 -4.39 1.98 2.39
C ALA A 57 -4.76 2.43 0.97
N VAL A 58 -4.60 1.47 0.04
CA VAL A 58 -4.95 1.63 -1.37
C VAL A 58 -6.44 1.33 -1.60
N LEU A 59 -6.88 0.17 -1.09
CA LEU A 59 -8.25 -0.37 -1.33
C LEU A 59 -9.34 0.37 -0.52
N SER A 60 -8.93 1.34 0.32
CA SER A 60 -9.86 2.23 1.04
C SER A 60 -10.65 3.10 0.06
N ASP A 61 -9.96 3.55 -1.01
CA ASP A 61 -10.52 4.44 -2.03
C ASP A 61 -10.56 3.72 -3.38
N PRO A 62 -11.69 3.83 -4.16
CA PRO A 62 -11.79 3.23 -5.52
C PRO A 62 -10.76 3.83 -6.51
N GLU A 63 -10.30 5.06 -6.21
CA GLU A 63 -9.29 5.76 -7.03
C GLU A 63 -7.88 5.16 -6.83
N LYS A 64 -7.45 4.91 -5.57
CA LYS A 64 -6.07 4.43 -5.29
C LYS A 64 -5.86 3.02 -5.88
N ARG A 65 -6.96 2.26 -5.96
CA ARG A 65 -6.99 0.90 -6.55
C ARG A 65 -6.55 0.90 -8.02
N ARG A 66 -6.88 1.96 -8.77
CA ARG A 66 -6.49 2.08 -10.20
C ARG A 66 -5.10 2.74 -10.35
N ILE A 67 -4.53 3.30 -9.24
CA ILE A 67 -3.15 3.82 -9.23
C ILE A 67 -2.15 2.67 -9.48
N TYR A 68 -2.11 1.66 -8.58
CA TYR A 68 -1.14 0.53 -8.71
C TYR A 68 -1.56 -0.45 -9.81
N ASP A 69 -2.81 -0.31 -10.29
CA ASP A 69 -3.38 -1.11 -11.38
C ASP A 69 -2.74 -0.71 -12.72
N THR A 70 -2.85 0.60 -13.05
CA THR A 70 -2.31 1.16 -14.30
C THR A 70 -0.77 1.25 -14.23
N TYR A 71 -0.24 1.35 -12.99
CA TYR A 71 1.19 1.32 -12.71
C TYR A 71 1.58 -0.06 -12.12
N GLY A 72 2.68 -0.10 -11.34
CA GLY A 72 3.13 -1.34 -10.67
C GLY A 72 4.02 -2.21 -11.55
N THR A 73 4.22 -1.79 -12.81
CA THR A 73 5.02 -2.52 -13.83
C THR A 73 6.16 -1.64 -14.36
N THR A 74 7.09 -2.27 -15.11
CA THR A 74 8.13 -1.58 -15.89
C THR A 74 7.49 -0.91 -17.13
N GLU A 75 6.39 -1.52 -17.61
CA GLU A 75 5.57 -1.02 -18.71
C GLU A 75 4.96 0.36 -18.40
N ALA A 76 4.70 0.55 -17.10
CA ALA A 76 4.14 1.79 -16.56
C ALA A 76 5.05 3.01 -16.77
N PRO A 77 4.46 4.21 -17.10
CA PRO A 77 5.21 5.50 -17.07
C PRO A 77 5.52 5.93 -15.60
N PRO A 78 6.40 6.97 -15.37
CA PRO A 78 6.71 7.48 -13.99
C PRO A 78 5.43 7.79 -13.16
N PRO A 79 5.38 7.36 -11.84
CA PRO A 79 4.20 7.55 -10.96
C PRO A 79 3.85 9.06 -10.74
N PRO A 80 2.58 9.40 -10.30
CA PRO A 80 2.13 10.82 -10.11
C PRO A 80 3.14 11.73 -9.32
N PRO A 81 3.24 13.07 -9.68
CA PRO A 81 4.20 14.04 -9.04
C PRO A 81 4.25 13.97 -7.48
N PRO A 82 5.47 14.14 -6.86
CA PRO A 82 5.65 13.96 -5.39
C PRO A 82 4.81 14.95 -4.54
N GLY A 83 4.31 14.45 -3.39
CA GLY A 83 3.46 15.23 -2.48
C GLY A 83 1.99 14.90 -2.63
N GLY A 84 1.55 14.58 -3.86
CA GLY A 84 0.15 14.26 -4.15
C GLY A 84 -0.18 12.79 -3.94
N TYR A 85 -0.04 12.33 -2.68
CA TYR A 85 -0.34 10.94 -2.27
C TYR A 85 -1.03 10.95 -0.91
N ASP A 86 -1.84 9.91 -0.64
CA ASP A 86 -2.54 9.73 0.65
C ASP A 86 -1.83 8.64 1.47
N PHE A 87 -1.45 8.98 2.71
CA PHE A 87 -0.62 8.11 3.58
C PHE A 87 -0.77 8.41 5.08
N SER A 88 -1.51 9.48 5.43
CA SER A 88 -1.62 9.96 6.81
C SER A 88 -2.36 8.94 7.70
N GLY A 89 -1.69 8.48 8.77
CA GLY A 89 -2.26 7.52 9.73
C GLY A 89 -2.01 6.07 9.35
N PHE A 90 -1.18 5.83 8.30
CA PHE A 90 -0.86 4.47 7.80
C PHE A 90 0.64 4.15 7.93
N ASP A 91 1.48 5.21 7.92
CA ASP A 91 2.97 5.09 7.97
C ASP A 91 3.46 4.19 6.84
N VAL A 92 3.17 4.64 5.62
CA VAL A 92 3.32 3.83 4.41
C VAL A 92 4.78 3.68 3.96
N GLU A 93 5.64 4.52 4.51
CA GLU A 93 7.10 4.48 4.28
C GLU A 93 7.73 3.13 4.73
N ASP A 94 6.97 2.35 5.52
CA ASP A 94 7.42 1.06 6.07
C ASP A 94 6.72 -0.14 5.38
N PHE A 95 6.07 0.10 4.22
CA PHE A 95 5.38 -0.95 3.45
C PHE A 95 6.30 -1.53 2.37
N SER A 96 5.82 -2.57 1.66
CA SER A 96 6.60 -3.32 0.64
C SER A 96 7.00 -2.43 -0.55
N GLU A 97 8.01 -2.90 -1.32
CA GLU A 97 8.56 -2.20 -2.51
C GLU A 97 7.50 -1.93 -3.59
N PHE A 98 6.43 -2.74 -3.58
CA PHE A 98 5.29 -2.61 -4.50
C PHE A 98 4.45 -1.33 -4.19
N PHE A 99 4.55 -0.86 -2.94
CA PHE A 99 3.92 0.40 -2.49
C PHE A 99 4.95 1.54 -2.65
N GLN A 100 6.24 1.22 -2.38
CA GLN A 100 7.34 2.22 -2.37
C GLN A 100 7.72 2.69 -3.79
N GLU A 101 7.38 1.88 -4.81
CA GLU A 101 7.61 2.25 -6.22
C GLU A 101 6.53 3.24 -6.71
N LEU A 102 5.34 3.22 -6.05
CA LEU A 102 4.18 4.01 -6.47
C LEU A 102 4.06 5.32 -5.67
N PHE A 103 3.73 5.18 -4.37
CA PHE A 103 3.48 6.32 -3.48
C PHE A 103 4.81 6.80 -2.86
N GLY A 104 5.76 5.86 -2.76
CA GLY A 104 7.08 6.07 -2.16
C GLY A 104 7.89 7.27 -2.72
N PRO A 105 7.98 7.53 -4.07
CA PRO A 105 8.68 8.74 -4.63
C PRO A 105 8.12 10.10 -4.10
N GLY A 106 6.86 10.08 -3.61
CA GLY A 106 6.24 11.26 -2.99
C GLY A 106 6.51 11.33 -1.49
N LEU A 107 6.60 10.14 -0.86
CA LEU A 107 6.95 9.98 0.57
C LEU A 107 8.41 10.38 0.84
N PHE A 108 9.26 10.02 -0.13
CA PHE A 108 10.72 10.26 -0.08
C PHE A 108 11.07 11.42 -1.01
N GLY A 109 10.04 12.23 -1.31
CA GLY A 109 10.18 13.45 -2.11
C GLY A 109 10.56 14.66 -1.25
N GLY A 110 11.54 14.45 -0.34
CA GLY A 110 12.07 15.51 0.52
C GLY A 110 12.71 16.64 -0.27
N PHE A 111 13.40 16.30 -1.39
CA PHE A 111 13.89 17.29 -2.35
C PHE A 111 12.75 17.81 -3.23
N GLY A 112 12.68 19.15 -3.33
CA GLY A 112 11.71 19.82 -4.19
C GLY A 112 12.03 19.63 -5.67
N ARG A 113 13.11 20.29 -6.13
CA ARG A 113 13.67 20.16 -7.50
C ARG A 113 12.57 20.42 -8.56
N ARG A 114 12.32 21.70 -8.87
CA ARG A 114 11.25 22.11 -9.80
C ARG A 114 11.84 22.78 -11.05
N SER A 115 10.96 23.16 -12.00
CA SER A 115 11.35 23.87 -13.22
C SER A 115 11.73 25.33 -12.88
N ARG A 116 13.05 25.55 -12.78
CA ARG A 116 13.67 26.85 -12.43
C ARG A 116 13.33 27.97 -13.45
N LYS A 117 13.27 29.20 -12.93
CA LYS A 117 13.15 30.44 -13.72
C LYS A 117 14.15 31.48 -13.19
N GLY A 118 14.47 32.47 -14.03
CA GLY A 118 15.41 33.53 -13.67
C GLY A 118 15.58 34.51 -14.83
N MET A 3 12.31 -6.91 -4.13
CA MET A 3 11.29 -7.33 -5.09
C MET A 3 9.93 -6.71 -4.75
N ALA A 4 9.47 -5.80 -5.64
CA ALA A 4 8.17 -5.10 -5.52
C ALA A 4 7.10 -5.82 -6.36
N ALA A 5 5.86 -5.29 -6.27
CA ALA A 5 4.69 -5.78 -7.05
C ALA A 5 4.35 -7.26 -6.80
N LYS A 6 4.83 -7.82 -5.68
CA LYS A 6 4.66 -9.25 -5.37
C LYS A 6 3.34 -9.50 -4.65
N LYS A 7 3.06 -8.65 -3.65
CA LYS A 7 1.88 -8.82 -2.79
C LYS A 7 0.63 -8.27 -3.48
N ASP A 8 -0.22 -9.18 -3.98
CA ASP A 8 -1.49 -8.80 -4.61
C ASP A 8 -2.46 -8.33 -3.52
N TYR A 9 -2.79 -7.03 -3.56
CA TYR A 9 -3.58 -6.35 -2.51
C TYR A 9 -4.98 -6.96 -2.31
N TYR A 10 -5.59 -7.47 -3.41
CA TYR A 10 -6.89 -8.16 -3.34
C TYR A 10 -6.76 -9.51 -2.63
N ALA A 11 -5.67 -10.23 -2.93
CA ALA A 11 -5.39 -11.56 -2.35
C ALA A 11 -5.00 -11.47 -0.87
N ILE A 12 -4.45 -10.31 -0.45
CA ILE A 12 -4.10 -10.06 0.96
C ILE A 12 -5.36 -9.94 1.81
N LEU A 13 -6.27 -9.02 1.40
CA LEU A 13 -7.53 -8.77 2.12
C LEU A 13 -8.55 -9.90 1.92
N GLY A 14 -8.38 -10.65 0.81
CA GLY A 14 -9.29 -11.73 0.46
C GLY A 14 -10.60 -11.21 -0.11
N VAL A 15 -10.49 -10.31 -1.09
CA VAL A 15 -11.63 -9.72 -1.82
C VAL A 15 -11.39 -9.84 -3.35
N PRO A 16 -12.48 -9.99 -4.16
CA PRO A 16 -12.39 -10.06 -5.66
C PRO A 16 -11.83 -8.78 -6.31
N ARG A 17 -11.64 -8.82 -7.64
CA ARG A 17 -11.09 -7.68 -8.43
C ARG A 17 -12.05 -6.48 -8.42
N ASN A 18 -13.34 -6.79 -8.60
CA ASN A 18 -14.43 -5.79 -8.65
C ASN A 18 -15.06 -5.60 -7.25
N ALA A 19 -14.25 -5.85 -6.19
CA ALA A 19 -14.69 -5.74 -4.79
C ALA A 19 -15.20 -4.34 -4.47
N THR A 20 -16.32 -4.28 -3.74
CA THR A 20 -16.92 -3.01 -3.30
C THR A 20 -16.14 -2.50 -2.06
N GLN A 21 -16.10 -1.17 -1.89
CA GLN A 21 -15.25 -0.52 -0.87
C GLN A 21 -15.58 -0.97 0.57
N GLU A 22 -16.85 -1.30 0.82
CA GLU A 22 -17.33 -1.72 2.14
C GLU A 22 -16.87 -3.16 2.48
N GLU A 23 -16.82 -4.05 1.46
CA GLU A 23 -16.36 -5.44 1.68
C GLU A 23 -14.84 -5.48 1.87
N ILE A 24 -14.15 -4.50 1.29
CA ILE A 24 -12.69 -4.33 1.41
C ILE A 24 -12.29 -3.99 2.86
N LYS A 25 -13.02 -3.03 3.46
CA LYS A 25 -12.68 -2.53 4.81
C LYS A 25 -13.03 -3.55 5.91
N ARG A 26 -14.14 -4.30 5.77
CA ARG A 26 -14.46 -5.38 6.73
C ARG A 26 -13.48 -6.56 6.55
N ALA A 27 -12.94 -6.72 5.32
CA ALA A 27 -11.91 -7.73 5.03
C ALA A 27 -10.57 -7.34 5.68
N TYR A 28 -10.37 -6.03 5.85
CA TYR A 28 -9.24 -5.51 6.63
C TYR A 28 -9.43 -5.87 8.12
N LYS A 29 -10.63 -5.59 8.68
CA LYS A 29 -10.93 -5.80 10.13
C LYS A 29 -10.85 -7.29 10.55
N ARG A 30 -11.37 -8.20 9.70
CA ARG A 30 -11.43 -9.65 10.01
C ARG A 30 -10.02 -10.27 10.06
N LEU A 31 -9.06 -9.62 9.38
CA LEU A 31 -7.64 -10.02 9.36
C LEU A 31 -6.86 -9.20 10.41
N ALA A 32 -7.31 -7.96 10.63
CA ALA A 32 -6.64 -7.01 11.53
C ALA A 32 -6.71 -7.50 12.95
N ARG A 33 -7.88 -8.08 13.32
CA ARG A 33 -8.12 -8.63 14.67
C ARG A 33 -7.11 -9.75 15.02
N GLN A 34 -6.68 -10.46 13.97
CA GLN A 34 -5.75 -11.61 14.08
C GLN A 34 -4.31 -11.09 14.22
N TYR A 35 -4.00 -10.08 13.39
CA TYR A 35 -2.63 -9.57 13.22
C TYR A 35 -2.38 -8.26 13.98
N HIS A 36 -3.37 -7.84 14.81
CA HIS A 36 -3.25 -6.63 15.65
C HIS A 36 -2.03 -6.81 16.57
N PRO A 37 -1.10 -5.81 16.65
CA PRO A 37 0.06 -5.86 17.60
C PRO A 37 -0.39 -6.00 19.08
N ASP A 38 -1.65 -5.64 19.33
CA ASP A 38 -2.30 -5.75 20.63
C ASP A 38 -2.60 -7.23 20.94
N VAL A 39 -3.32 -7.87 20.00
CA VAL A 39 -3.77 -9.28 20.08
C VAL A 39 -2.59 -10.26 19.98
N ASN A 40 -1.70 -9.93 19.06
CA ASN A 40 -0.68 -10.83 18.56
C ASN A 40 0.51 -9.97 18.11
N LYS A 41 1.48 -9.84 19.01
CA LYS A 41 2.67 -8.99 18.84
C LYS A 41 3.87 -9.84 18.35
N SER A 42 3.56 -10.93 17.63
CA SER A 42 4.58 -11.78 17.00
C SER A 42 5.17 -11.06 15.76
N PRO A 43 6.49 -11.28 15.44
CA PRO A 43 7.16 -10.65 14.26
C PRO A 43 6.51 -11.08 12.92
N GLU A 44 5.77 -12.20 12.96
CA GLU A 44 4.98 -12.70 11.83
C GLU A 44 3.75 -11.79 11.61
N ALA A 45 3.03 -11.54 12.73
CA ALA A 45 1.76 -10.78 12.74
C ALA A 45 1.96 -9.33 12.33
N GLU A 46 3.06 -8.72 12.80
CA GLU A 46 3.36 -7.30 12.54
C GLU A 46 3.55 -7.05 11.03
N GLU A 47 4.15 -8.04 10.34
CA GLU A 47 4.54 -7.94 8.93
C GLU A 47 3.29 -8.11 8.05
N LYS A 48 2.37 -8.99 8.50
CA LYS A 48 1.06 -9.19 7.85
C LYS A 48 0.14 -7.99 8.10
N PHE A 49 0.35 -7.33 9.26
CA PHE A 49 -0.40 -6.13 9.63
C PHE A 49 0.00 -4.96 8.70
N LYS A 50 1.27 -4.99 8.22
CA LYS A 50 1.73 -4.04 7.19
C LYS A 50 1.09 -4.35 5.84
N GLU A 51 0.97 -5.67 5.52
CA GLU A 51 0.41 -6.14 4.23
C GLU A 51 -1.06 -5.73 4.09
N ILE A 52 -1.85 -5.97 5.15
CA ILE A 52 -3.30 -5.70 5.14
C ILE A 52 -3.58 -4.19 5.20
N ASN A 53 -2.68 -3.44 5.88
CA ASN A 53 -2.77 -1.97 6.00
C ASN A 53 -2.28 -1.29 4.70
N GLU A 54 -1.39 -1.99 3.96
CA GLU A 54 -0.86 -1.52 2.64
C GLU A 54 -1.90 -1.76 1.56
N ALA A 55 -2.47 -2.97 1.62
CA ALA A 55 -3.57 -3.39 0.76
C ALA A 55 -4.77 -2.47 0.94
N TYR A 56 -5.06 -2.13 2.21
CA TYR A 56 -6.19 -1.25 2.54
C TYR A 56 -5.86 0.23 2.27
N ALA A 57 -4.59 0.65 2.44
CA ALA A 57 -4.18 2.06 2.19
C ALA A 57 -4.46 2.49 0.72
N VAL A 58 -4.39 1.49 -0.16
CA VAL A 58 -4.72 1.64 -1.58
C VAL A 58 -6.22 1.37 -1.81
N LEU A 59 -6.69 0.21 -1.36
CA LEU A 59 -8.06 -0.31 -1.64
C LEU A 59 -9.15 0.42 -0.80
N SER A 60 -8.76 1.36 0.06
CA SER A 60 -9.71 2.25 0.77
C SER A 60 -10.33 3.23 -0.23
N ASP A 61 -9.56 3.57 -1.27
CA ASP A 61 -9.98 4.46 -2.36
C ASP A 61 -10.15 3.65 -3.66
N PRO A 62 -11.23 3.90 -4.46
CA PRO A 62 -11.41 3.27 -5.80
C PRO A 62 -10.38 3.79 -6.83
N GLU A 63 -9.94 5.05 -6.59
CA GLU A 63 -8.95 5.75 -7.42
C GLU A 63 -7.57 5.10 -7.31
N LYS A 64 -7.11 4.79 -6.07
CA LYS A 64 -5.76 4.20 -5.85
C LYS A 64 -5.66 2.79 -6.43
N ARG A 65 -6.81 2.09 -6.49
CA ARG A 65 -6.91 0.70 -6.99
C ARG A 65 -6.49 0.59 -8.47
N ARG A 66 -6.78 1.64 -9.27
CA ARG A 66 -6.41 1.65 -10.69
C ARG A 66 -4.94 2.09 -10.90
N ILE A 67 -4.32 2.70 -9.85
CA ILE A 67 -2.90 3.12 -9.89
C ILE A 67 -1.99 1.88 -10.02
N TYR A 68 -2.05 0.94 -9.03
CA TYR A 68 -1.16 -0.25 -9.05
C TYR A 68 -1.62 -1.28 -10.10
N ASP A 69 -2.91 -1.17 -10.51
CA ASP A 69 -3.52 -2.00 -11.56
C ASP A 69 -2.87 -1.71 -12.93
N THR A 70 -2.59 -0.42 -13.21
CA THR A 70 -1.93 0.00 -14.46
C THR A 70 -0.40 -0.01 -14.31
N TYR A 71 0.09 0.13 -13.07
CA TYR A 71 1.54 0.06 -12.73
C TYR A 71 1.92 -1.38 -12.31
N GLY A 72 3.09 -1.51 -11.65
CA GLY A 72 3.66 -2.77 -11.22
C GLY A 72 5.17 -2.72 -11.37
N THR A 73 5.58 -1.91 -12.35
CA THR A 73 6.97 -1.51 -12.56
C THR A 73 6.95 0.01 -12.77
N THR A 74 7.55 0.75 -11.84
CA THR A 74 7.69 2.22 -11.93
C THR A 74 9.00 2.61 -12.66
N GLU A 75 9.29 1.86 -13.74
CA GLU A 75 10.48 2.01 -14.56
C GLU A 75 10.10 2.65 -15.89
N ALA A 76 9.34 1.90 -16.73
CA ALA A 76 8.89 2.39 -18.05
C ALA A 76 7.82 3.51 -17.88
N PRO A 77 6.74 3.31 -17.03
CA PRO A 77 5.92 4.43 -16.55
C PRO A 77 6.60 5.08 -15.34
N PRO A 78 6.91 6.42 -15.36
CA PRO A 78 7.53 7.13 -14.21
C PRO A 78 6.58 7.18 -13.00
N PRO A 79 7.10 7.34 -11.73
CA PRO A 79 6.25 7.47 -10.52
C PRO A 79 5.27 8.68 -10.64
N PRO A 80 4.01 8.58 -10.11
CA PRO A 80 2.99 9.67 -10.18
C PRO A 80 3.49 11.00 -9.55
N PRO A 81 2.83 12.18 -9.86
CA PRO A 81 3.11 13.48 -9.19
C PRO A 81 3.11 13.37 -7.63
N PRO A 82 4.24 13.74 -6.96
CA PRO A 82 4.37 13.61 -5.49
C PRO A 82 3.51 14.64 -4.72
N GLY A 83 3.36 14.41 -3.41
CA GLY A 83 2.63 15.35 -2.53
C GLY A 83 1.12 15.12 -2.52
N GLY A 84 0.55 14.71 -3.68
CA GLY A 84 -0.89 14.45 -3.82
C GLY A 84 -1.27 13.01 -3.47
N TYR A 85 -0.69 12.50 -2.37
CA TYR A 85 -0.90 11.12 -1.89
C TYR A 85 -1.63 11.11 -0.55
N ASP A 86 -2.05 9.91 -0.12
CA ASP A 86 -2.80 9.72 1.14
C ASP A 86 -2.06 8.73 2.05
N PHE A 87 -1.55 9.27 3.18
CA PHE A 87 -0.72 8.55 4.15
C PHE A 87 -1.04 8.93 5.60
N SER A 88 -2.01 9.85 5.77
CA SER A 88 -2.42 10.36 7.10
C SER A 88 -3.02 9.21 7.93
N GLY A 89 -2.26 8.77 8.97
CA GLY A 89 -2.72 7.71 9.88
C GLY A 89 -2.53 6.31 9.32
N PHE A 90 -1.54 6.13 8.43
CA PHE A 90 -1.21 4.80 7.84
C PHE A 90 0.29 4.46 8.05
N ASP A 91 1.15 5.50 7.97
CA ASP A 91 2.63 5.38 7.98
C ASP A 91 3.07 4.50 6.81
N VAL A 92 2.78 4.99 5.59
CA VAL A 92 2.90 4.20 4.36
C VAL A 92 4.36 3.95 3.94
N GLU A 93 5.26 4.78 4.46
CA GLU A 93 6.71 4.68 4.22
C GLU A 93 7.34 3.45 4.93
N ASP A 94 6.54 2.76 5.78
CA ASP A 94 6.97 1.57 6.53
C ASP A 94 6.45 0.27 5.86
N PHE A 95 5.76 0.44 4.72
CA PHE A 95 5.19 -0.68 3.95
C PHE A 95 6.25 -1.33 3.03
N SER A 96 5.85 -2.43 2.37
CA SER A 96 6.74 -3.18 1.47
C SER A 96 6.96 -2.44 0.15
N GLU A 97 7.96 -2.93 -0.63
CA GLU A 97 8.54 -2.27 -1.82
C GLU A 97 7.50 -1.91 -2.91
N PHE A 98 6.32 -2.57 -2.87
CA PHE A 98 5.23 -2.33 -3.82
C PHE A 98 4.64 -0.91 -3.62
N PHE A 99 4.37 -0.53 -2.36
CA PHE A 99 3.90 0.83 -2.03
C PHE A 99 5.07 1.83 -2.18
N GLN A 100 6.29 1.34 -1.94
CA GLN A 100 7.51 2.16 -1.91
C GLN A 100 8.01 2.51 -3.31
N GLU A 101 7.62 1.71 -4.33
CA GLU A 101 7.97 2.01 -5.73
C GLU A 101 6.99 3.05 -6.30
N LEU A 102 5.71 2.93 -5.91
CA LEU A 102 4.61 3.78 -6.43
C LEU A 102 4.60 5.16 -5.75
N PHE A 103 4.24 5.18 -4.47
CA PHE A 103 4.01 6.41 -3.70
C PHE A 103 5.28 6.80 -2.91
N GLY A 104 6.18 5.81 -2.72
CA GLY A 104 7.43 5.98 -1.97
C GLY A 104 8.36 7.10 -2.48
N PRO A 105 8.58 7.29 -3.83
CA PRO A 105 9.33 8.46 -4.38
C PRO A 105 8.68 9.83 -4.05
N GLY A 106 7.40 9.82 -3.65
CA GLY A 106 6.67 11.02 -3.22
C GLY A 106 6.62 11.20 -1.71
N LEU A 107 6.96 10.14 -0.98
CA LEU A 107 7.04 10.16 0.50
C LEU A 107 8.47 10.50 0.93
N PHE A 108 9.44 9.87 0.26
CA PHE A 108 10.87 9.91 0.62
C PHE A 108 11.76 9.78 -0.64
N GLY A 109 13.07 9.58 -0.42
CA GLY A 109 14.03 9.39 -1.49
C GLY A 109 15.16 10.39 -1.40
N GLY A 110 14.79 11.64 -1.06
CA GLY A 110 15.75 12.74 -0.94
C GLY A 110 16.18 13.24 -2.31
N PHE A 111 17.16 12.55 -2.90
CA PHE A 111 17.71 12.86 -4.24
C PHE A 111 16.76 12.33 -5.34
N GLY A 112 15.84 13.18 -5.80
CA GLY A 112 14.89 12.82 -6.86
C GLY A 112 14.57 13.98 -7.80
N ARG A 113 15.17 15.15 -7.53
CA ARG A 113 15.00 16.36 -8.35
C ARG A 113 16.00 16.37 -9.53
N ARG A 114 17.08 15.56 -9.41
CA ARG A 114 18.03 15.33 -10.53
C ARG A 114 17.33 14.61 -11.71
N SER A 115 17.99 14.60 -12.88
CA SER A 115 17.41 14.11 -14.14
C SER A 115 17.04 12.62 -14.05
N ARG A 116 15.74 12.37 -13.79
CA ARG A 116 15.15 11.01 -13.81
C ARG A 116 14.69 10.65 -15.23
N LYS A 117 14.71 11.66 -16.14
CA LYS A 117 14.39 11.48 -17.56
C LYS A 117 15.18 12.51 -18.40
N GLY A 118 16.23 12.01 -19.07
CA GLY A 118 17.09 12.83 -19.92
C GLY A 118 18.58 12.55 -19.68
N MET A 3 7.22 -2.46 -10.80
CA MET A 3 6.14 -3.39 -10.39
C MET A 3 6.73 -4.50 -9.51
N ALA A 4 6.82 -4.24 -8.19
CA ALA A 4 7.30 -5.22 -7.21
C ALA A 4 6.16 -6.15 -6.82
N ALA A 5 5.87 -7.06 -7.75
CA ALA A 5 4.67 -7.92 -7.74
C ALA A 5 4.92 -9.17 -6.87
N LYS A 6 4.91 -8.95 -5.54
CA LYS A 6 5.07 -10.01 -4.53
C LYS A 6 3.81 -10.11 -3.65
N LYS A 7 2.79 -9.26 -3.93
CA LYS A 7 1.57 -9.17 -3.13
C LYS A 7 0.44 -8.49 -3.93
N ASP A 8 -0.67 -9.21 -4.15
CA ASP A 8 -1.91 -8.64 -4.71
C ASP A 8 -2.78 -8.17 -3.55
N TYR A 9 -3.08 -6.87 -3.54
CA TYR A 9 -3.75 -6.21 -2.41
C TYR A 9 -5.18 -6.74 -2.17
N TYR A 10 -5.83 -7.23 -3.25
CA TYR A 10 -7.15 -7.87 -3.14
C TYR A 10 -7.03 -9.23 -2.43
N ALA A 11 -6.03 -10.03 -2.87
CA ALA A 11 -5.79 -11.39 -2.33
C ALA A 11 -5.42 -11.36 -0.85
N ILE A 12 -4.69 -10.30 -0.44
CA ILE A 12 -4.28 -10.09 0.96
C ILE A 12 -5.52 -9.98 1.86
N LEU A 13 -6.47 -9.10 1.48
CA LEU A 13 -7.70 -8.88 2.26
C LEU A 13 -8.74 -10.01 2.07
N GLY A 14 -8.58 -10.79 0.99
CA GLY A 14 -9.49 -11.90 0.68
C GLY A 14 -10.75 -11.45 -0.05
N VAL A 15 -10.56 -10.56 -1.05
CA VAL A 15 -11.65 -10.01 -1.89
C VAL A 15 -11.29 -10.15 -3.40
N PRO A 16 -12.31 -10.15 -4.32
CA PRO A 16 -12.06 -10.18 -5.78
C PRO A 16 -11.47 -8.86 -6.30
N ARG A 17 -11.16 -8.84 -7.60
CA ARG A 17 -10.56 -7.67 -8.29
C ARG A 17 -11.55 -6.50 -8.31
N ASN A 18 -12.80 -6.84 -8.62
CA ASN A 18 -13.92 -5.87 -8.76
C ASN A 18 -14.71 -5.75 -7.43
N ALA A 19 -14.00 -5.97 -6.30
CA ALA A 19 -14.60 -5.87 -4.94
C ALA A 19 -15.21 -4.48 -4.72
N THR A 20 -16.30 -4.42 -3.94
CA THR A 20 -16.94 -3.16 -3.56
C THR A 20 -16.20 -2.56 -2.36
N GLN A 21 -16.24 -1.23 -2.27
CA GLN A 21 -15.57 -0.46 -1.20
C GLN A 21 -16.07 -0.86 0.20
N GLU A 22 -17.31 -1.38 0.26
CA GLU A 22 -17.94 -1.82 1.50
C GLU A 22 -17.26 -3.09 2.05
N GLU A 23 -17.09 -4.11 1.18
CA GLU A 23 -16.57 -5.44 1.59
C GLU A 23 -15.07 -5.35 1.92
N ILE A 24 -14.38 -4.39 1.28
CA ILE A 24 -12.96 -4.09 1.53
C ILE A 24 -12.74 -3.64 2.99
N LYS A 25 -13.69 -2.87 3.53
CA LYS A 25 -13.65 -2.37 4.92
C LYS A 25 -13.59 -3.55 5.91
N ARG A 26 -14.58 -4.47 5.78
CA ARG A 26 -14.67 -5.65 6.66
C ARG A 26 -13.59 -6.70 6.32
N ALA A 27 -13.01 -6.60 5.10
CA ALA A 27 -11.93 -7.49 4.65
C ALA A 27 -10.59 -7.08 5.28
N TYR A 28 -10.45 -5.79 5.60
CA TYR A 28 -9.34 -5.28 6.40
C TYR A 28 -9.56 -5.67 7.86
N LYS A 29 -10.77 -5.35 8.38
CA LYS A 29 -11.13 -5.51 9.81
C LYS A 29 -10.99 -6.96 10.30
N ARG A 30 -11.38 -7.94 9.46
CA ARG A 30 -11.31 -9.38 9.79
C ARG A 30 -9.86 -9.83 10.04
N LEU A 31 -8.91 -9.19 9.33
CA LEU A 31 -7.46 -9.50 9.41
C LEU A 31 -6.77 -8.61 10.43
N ALA A 32 -7.30 -7.37 10.59
CA ALA A 32 -6.75 -6.36 11.49
C ALA A 32 -6.79 -6.90 12.91
N ARG A 33 -7.94 -7.49 13.28
CA ARG A 33 -8.18 -8.00 14.64
C ARG A 33 -7.36 -9.28 14.94
N GLN A 34 -6.66 -9.82 13.91
CA GLN A 34 -5.75 -10.98 14.07
C GLN A 34 -4.33 -10.47 14.29
N TYR A 35 -3.90 -9.53 13.41
CA TYR A 35 -2.51 -9.05 13.31
C TYR A 35 -2.29 -7.76 14.10
N HIS A 36 -3.31 -7.30 14.85
CA HIS A 36 -3.21 -6.15 15.78
C HIS A 36 -2.16 -6.49 16.87
N PRO A 37 -1.16 -5.59 17.13
CA PRO A 37 -0.03 -5.88 18.08
C PRO A 37 -0.52 -6.19 19.51
N ASP A 38 -1.67 -5.60 19.89
CA ASP A 38 -2.31 -5.84 21.21
C ASP A 38 -2.91 -7.24 21.28
N VAL A 39 -3.50 -7.69 20.15
CA VAL A 39 -4.10 -9.04 20.02
C VAL A 39 -3.00 -10.10 19.90
N ASN A 40 -1.97 -9.78 19.14
CA ASN A 40 -0.97 -10.72 18.67
C ASN A 40 0.32 -9.95 18.40
N LYS A 41 1.28 -10.08 19.30
CA LYS A 41 2.59 -9.42 19.21
C LYS A 41 3.62 -10.47 18.76
N SER A 42 3.49 -10.89 17.49
CA SER A 42 4.43 -11.81 16.83
C SER A 42 5.14 -11.07 15.66
N PRO A 43 6.42 -11.46 15.31
CA PRO A 43 7.14 -10.90 14.13
C PRO A 43 6.32 -10.98 12.83
N GLU A 44 5.58 -12.11 12.71
CA GLU A 44 4.67 -12.38 11.58
C GLU A 44 3.50 -11.38 11.58
N ALA A 45 2.96 -11.09 12.78
CA ALA A 45 1.80 -10.20 12.93
C ALA A 45 2.15 -8.76 12.54
N GLU A 46 3.38 -8.33 12.90
CA GLU A 46 3.89 -6.99 12.61
C GLU A 46 4.02 -6.75 11.09
N GLU A 47 4.54 -7.76 10.37
CA GLU A 47 4.83 -7.64 8.93
C GLU A 47 3.55 -7.83 8.10
N LYS A 48 2.63 -8.69 8.57
CA LYS A 48 1.33 -8.91 7.91
C LYS A 48 0.40 -7.73 8.18
N PHE A 49 0.64 -7.03 9.32
CA PHE A 49 -0.08 -5.80 9.66
C PHE A 49 0.29 -4.71 8.65
N LYS A 50 1.54 -4.75 8.15
CA LYS A 50 1.99 -3.84 7.09
C LYS A 50 1.24 -4.16 5.79
N GLU A 51 1.10 -5.47 5.50
CA GLU A 51 0.52 -5.97 4.24
C GLU A 51 -0.99 -5.67 4.15
N ILE A 52 -1.71 -5.78 5.28
CA ILE A 52 -3.18 -5.57 5.32
C ILE A 52 -3.51 -4.07 5.33
N ASN A 53 -2.65 -3.26 5.99
CA ASN A 53 -2.77 -1.78 5.97
C ASN A 53 -2.34 -1.24 4.60
N GLU A 54 -1.42 -1.97 3.93
CA GLU A 54 -0.90 -1.61 2.58
C GLU A 54 -1.98 -1.88 1.53
N ALA A 55 -2.61 -3.05 1.70
CA ALA A 55 -3.73 -3.49 0.89
C ALA A 55 -4.89 -2.52 1.02
N TYR A 56 -5.20 -2.14 2.27
CA TYR A 56 -6.34 -1.27 2.58
C TYR A 56 -6.07 0.22 2.25
N ALA A 57 -4.79 0.65 2.31
CA ALA A 57 -4.42 2.06 2.00
C ALA A 57 -4.67 2.36 0.51
N VAL A 58 -4.48 1.33 -0.32
CA VAL A 58 -4.76 1.38 -1.76
C VAL A 58 -6.24 1.09 -2.04
N LEU A 59 -6.78 0.08 -1.34
CA LEU A 59 -8.18 -0.37 -1.51
C LEU A 59 -9.18 0.54 -0.79
N SER A 60 -8.66 1.58 -0.11
CA SER A 60 -9.47 2.64 0.52
C SER A 60 -10.27 3.42 -0.52
N ASP A 61 -9.68 3.64 -1.69
CA ASP A 61 -10.29 4.40 -2.79
C ASP A 61 -10.18 3.60 -4.10
N PRO A 62 -11.23 3.64 -5.00
CA PRO A 62 -11.14 3.05 -6.37
C PRO A 62 -10.11 3.81 -7.23
N GLU A 63 -9.80 5.04 -6.77
CA GLU A 63 -8.77 5.89 -7.35
C GLU A 63 -7.39 5.23 -7.21
N LYS A 64 -7.08 4.74 -6.00
CA LYS A 64 -5.75 4.17 -5.68
C LYS A 64 -5.65 2.72 -6.22
N ARG A 65 -6.80 2.01 -6.20
CA ARG A 65 -6.91 0.60 -6.65
C ARG A 65 -6.45 0.42 -8.11
N ARG A 66 -6.69 1.43 -8.94
CA ARG A 66 -6.32 1.40 -10.35
C ARG A 66 -4.84 1.77 -10.55
N ILE A 67 -4.23 2.50 -9.57
CA ILE A 67 -2.81 2.92 -9.65
C ILE A 67 -1.89 1.68 -9.79
N TYR A 68 -1.86 0.77 -8.78
CA TYR A 68 -0.91 -0.37 -8.79
C TYR A 68 -1.29 -1.39 -9.88
N ASP A 69 -2.59 -1.39 -10.21
CA ASP A 69 -3.19 -2.35 -11.15
C ASP A 69 -2.81 -2.02 -12.60
N THR A 70 -2.79 -0.72 -12.96
CA THR A 70 -2.40 -0.26 -14.31
C THR A 70 -0.87 -0.04 -14.38
N TYR A 71 -0.26 0.36 -13.24
CA TYR A 71 1.20 0.58 -13.13
C TYR A 71 1.87 -0.74 -12.81
N GLY A 72 1.90 -1.55 -13.86
CA GLY A 72 2.44 -2.89 -13.83
C GLY A 72 3.25 -3.14 -15.08
N THR A 73 4.06 -2.14 -15.45
CA THR A 73 4.95 -2.18 -16.61
C THR A 73 6.39 -1.92 -16.17
N THR A 74 7.27 -2.90 -16.44
CA THR A 74 8.71 -2.79 -16.18
C THR A 74 9.37 -1.83 -17.19
N GLU A 75 8.81 -1.81 -18.40
CA GLU A 75 9.36 -1.07 -19.55
C GLU A 75 9.18 0.45 -19.38
N ALA A 76 7.95 0.87 -19.02
CA ALA A 76 7.60 2.29 -18.87
C ALA A 76 6.35 2.45 -17.98
N PRO A 77 6.52 2.55 -16.61
CA PRO A 77 5.42 2.88 -15.70
C PRO A 77 5.27 4.42 -15.53
N PRO A 78 4.16 5.04 -16.07
CA PRO A 78 3.89 6.50 -15.89
C PRO A 78 3.82 6.89 -14.39
N PRO A 79 4.70 7.82 -13.91
CA PRO A 79 4.70 8.25 -12.49
C PRO A 79 3.46 9.11 -12.17
N PRO A 80 2.57 8.68 -11.22
CA PRO A 80 1.35 9.46 -10.84
C PRO A 80 1.73 10.76 -10.09
N PRO A 81 0.87 11.83 -10.12
CA PRO A 81 1.14 13.13 -9.42
C PRO A 81 1.40 12.92 -7.90
N PRO A 82 2.56 13.41 -7.36
CA PRO A 82 2.97 13.14 -5.95
C PRO A 82 2.07 13.85 -4.90
N GLY A 83 2.08 13.31 -3.68
CA GLY A 83 1.43 13.95 -2.53
C GLY A 83 -0.02 13.52 -2.32
N GLY A 84 -0.75 13.21 -3.42
CA GLY A 84 -2.16 12.82 -3.35
C GLY A 84 -2.36 11.34 -3.07
N TYR A 85 -1.70 10.86 -2.00
CA TYR A 85 -1.69 9.44 -1.60
C TYR A 85 -2.15 9.32 -0.15
N ASP A 86 -2.41 8.09 0.32
CA ASP A 86 -2.83 7.82 1.70
C ASP A 86 -1.65 7.29 2.52
N PHE A 87 -1.51 7.81 3.74
CA PHE A 87 -0.38 7.52 4.65
C PHE A 87 -0.70 7.90 6.11
N SER A 88 -1.57 8.89 6.30
CA SER A 88 -1.93 9.38 7.63
C SER A 88 -2.66 8.26 8.41
N GLY A 89 -2.01 7.76 9.48
CA GLY A 89 -2.52 6.64 10.29
C GLY A 89 -1.80 5.32 10.00
N PHE A 90 -1.33 5.15 8.76
CA PHE A 90 -0.83 3.86 8.24
C PHE A 90 0.70 3.76 8.36
N ASP A 91 1.37 4.92 8.16
CA ASP A 91 2.85 5.01 8.04
C ASP A 91 3.34 4.10 6.91
N VAL A 92 2.95 4.47 5.69
CA VAL A 92 3.16 3.67 4.48
C VAL A 92 4.63 3.65 4.02
N GLU A 93 5.45 4.52 4.63
CA GLU A 93 6.91 4.58 4.42
C GLU A 93 7.59 3.26 4.85
N ASP A 94 6.92 2.50 5.74
CA ASP A 94 7.46 1.26 6.33
C ASP A 94 6.80 0.00 5.70
N PHE A 95 6.10 0.20 4.57
CA PHE A 95 5.43 -0.90 3.82
C PHE A 95 6.38 -1.47 2.74
N SER A 96 5.93 -2.53 2.04
CA SER A 96 6.75 -3.25 1.03
C SER A 96 7.04 -2.37 -0.21
N GLU A 97 8.02 -2.85 -1.03
CA GLU A 97 8.56 -2.16 -2.22
C GLU A 97 7.46 -1.79 -3.24
N PHE A 98 6.38 -2.58 -3.25
CA PHE A 98 5.26 -2.41 -4.20
C PHE A 98 4.55 -1.05 -3.97
N PHE A 99 4.48 -0.65 -2.69
CA PHE A 99 3.89 0.64 -2.28
C PHE A 99 4.95 1.74 -2.40
N GLN A 100 6.22 1.39 -2.12
CA GLN A 100 7.35 2.35 -2.05
C GLN A 100 7.70 2.94 -3.42
N GLU A 101 7.63 2.13 -4.48
CA GLU A 101 8.01 2.56 -5.84
C GLU A 101 6.94 3.50 -6.44
N LEU A 102 5.65 3.27 -6.09
CA LEU A 102 4.52 4.04 -6.65
C LEU A 102 4.27 5.32 -5.85
N PHE A 103 3.90 5.14 -4.57
CA PHE A 103 3.44 6.22 -3.70
C PHE A 103 4.63 6.87 -2.95
N GLY A 104 5.72 6.09 -2.77
CA GLY A 104 6.92 6.51 -2.04
C GLY A 104 7.59 7.81 -2.55
N PRO A 105 7.80 8.03 -3.90
CA PRO A 105 8.33 9.33 -4.45
C PRO A 105 7.44 10.54 -4.09
N GLY A 106 6.17 10.28 -3.73
CA GLY A 106 5.26 11.32 -3.23
C GLY A 106 5.29 11.45 -1.72
N LEU A 107 5.74 10.38 -1.04
CA LEU A 107 5.92 10.34 0.41
C LEU A 107 7.23 11.02 0.81
N PHE A 108 8.35 10.40 0.39
CA PHE A 108 9.70 10.97 0.51
C PHE A 108 10.36 10.91 -0.87
N GLY A 109 10.44 12.07 -1.52
CA GLY A 109 10.97 12.17 -2.88
C GLY A 109 12.25 12.98 -2.94
N GLY A 110 12.29 14.07 -2.14
CA GLY A 110 13.40 15.02 -2.17
C GLY A 110 13.75 15.52 -0.78
N PHE A 111 15.06 15.67 -0.52
CA PHE A 111 15.57 16.16 0.77
C PHE A 111 15.79 17.69 0.69
N GLY A 112 15.09 18.42 1.57
CA GLY A 112 15.31 19.87 1.75
C GLY A 112 16.00 20.18 3.07
N ARG A 113 16.47 19.12 3.74
CA ARG A 113 17.21 19.22 5.02
C ARG A 113 18.69 18.94 4.76
N ARG A 114 19.46 20.02 4.51
CA ARG A 114 20.93 20.01 4.43
C ARG A 114 21.42 21.37 4.95
N SER A 115 20.99 22.43 4.26
CA SER A 115 21.13 23.83 4.71
C SER A 115 19.82 24.26 5.42
N ARG A 116 19.85 25.43 6.10
CA ARG A 116 18.66 26.03 6.76
C ARG A 116 18.65 27.55 6.55
N LYS A 117 17.49 28.18 6.83
CA LYS A 117 17.31 29.64 6.75
C LYS A 117 18.08 30.29 7.92
N GLY A 118 18.92 31.30 7.63
CA GLY A 118 19.68 32.03 8.66
C GLY A 118 18.77 33.01 9.43
N MET A 3 8.10 -2.37 -10.23
CA MET A 3 8.07 -3.70 -10.85
C MET A 3 8.04 -4.81 -9.80
N ALA A 4 7.61 -4.45 -8.57
CA ALA A 4 7.56 -5.35 -7.41
C ALA A 4 6.11 -5.75 -7.12
N ALA A 5 5.37 -5.99 -8.20
CA ALA A 5 3.91 -6.26 -8.20
C ALA A 5 3.51 -7.67 -7.67
N LYS A 6 4.37 -8.28 -6.85
CA LYS A 6 4.17 -9.64 -6.28
C LYS A 6 3.09 -9.61 -5.17
N LYS A 7 3.02 -8.48 -4.45
CA LYS A 7 2.12 -8.31 -3.30
C LYS A 7 0.69 -8.05 -3.79
N ASP A 8 -0.05 -9.16 -3.96
CA ASP A 8 -1.42 -9.15 -4.45
C ASP A 8 -2.34 -8.62 -3.35
N TYR A 9 -2.69 -7.33 -3.45
CA TYR A 9 -3.46 -6.59 -2.42
C TYR A 9 -4.83 -7.21 -2.15
N TYR A 10 -5.49 -7.69 -3.22
CA TYR A 10 -6.79 -8.35 -3.12
C TYR A 10 -6.69 -9.67 -2.33
N ALA A 11 -5.62 -10.44 -2.60
CA ALA A 11 -5.38 -11.75 -1.95
C ALA A 11 -4.99 -11.59 -0.46
N ILE A 12 -4.34 -10.45 -0.12
CA ILE A 12 -4.00 -10.11 1.27
C ILE A 12 -5.29 -9.92 2.09
N LEU A 13 -6.24 -9.13 1.54
CA LEU A 13 -7.55 -8.87 2.18
C LEU A 13 -8.59 -9.99 1.88
N GLY A 14 -8.19 -10.98 1.07
CA GLY A 14 -9.05 -12.13 0.74
C GLY A 14 -10.29 -11.77 -0.05
N VAL A 15 -10.25 -10.60 -0.72
CA VAL A 15 -11.35 -10.07 -1.55
C VAL A 15 -11.05 -10.30 -3.06
N PRO A 16 -12.10 -10.38 -3.94
CA PRO A 16 -11.91 -10.56 -5.40
C PRO A 16 -11.40 -9.29 -6.12
N ARG A 17 -11.23 -9.39 -7.45
CA ARG A 17 -10.75 -8.29 -8.31
C ARG A 17 -11.81 -7.17 -8.40
N ASN A 18 -13.08 -7.61 -8.49
CA ASN A 18 -14.27 -6.74 -8.56
C ASN A 18 -14.83 -6.49 -7.16
N ALA A 19 -13.95 -6.49 -6.13
CA ALA A 19 -14.34 -6.26 -4.73
C ALA A 19 -15.02 -4.90 -4.55
N THR A 20 -16.18 -4.90 -3.86
CA THR A 20 -16.87 -3.66 -3.49
C THR A 20 -16.17 -3.05 -2.26
N GLN A 21 -16.23 -1.72 -2.13
CA GLN A 21 -15.60 -0.99 -1.02
C GLN A 21 -16.20 -1.41 0.34
N GLU A 22 -17.44 -1.88 0.30
CA GLU A 22 -18.18 -2.35 1.49
C GLU A 22 -17.50 -3.61 2.08
N GLU A 23 -17.04 -4.54 1.19
CA GLU A 23 -16.43 -5.80 1.62
C GLU A 23 -14.93 -5.62 1.92
N ILE A 24 -14.28 -4.66 1.21
CA ILE A 24 -12.85 -4.36 1.38
C ILE A 24 -12.55 -3.84 2.79
N LYS A 25 -13.36 -2.85 3.23
CA LYS A 25 -13.19 -2.22 4.56
C LYS A 25 -13.29 -3.28 5.68
N ARG A 26 -14.41 -4.03 5.72
CA ARG A 26 -14.65 -5.05 6.77
C ARG A 26 -13.64 -6.23 6.68
N ALA A 27 -13.08 -6.43 5.46
CA ALA A 27 -12.04 -7.46 5.22
C ALA A 27 -10.74 -7.08 5.93
N TYR A 28 -10.39 -5.78 5.86
CA TYR A 28 -9.26 -5.22 6.60
C TYR A 28 -9.49 -5.36 8.11
N LYS A 29 -10.70 -4.95 8.56
CA LYS A 29 -11.06 -4.91 10.00
C LYS A 29 -10.98 -6.32 10.64
N ARG A 30 -11.55 -7.34 9.96
CA ARG A 30 -11.59 -8.73 10.50
C ARG A 30 -10.18 -9.35 10.56
N LEU A 31 -9.34 -9.04 9.55
CA LEU A 31 -7.93 -9.51 9.51
C LEU A 31 -7.07 -8.70 10.49
N ALA A 32 -7.41 -7.41 10.66
CA ALA A 32 -6.65 -6.48 11.51
C ALA A 32 -6.67 -6.96 12.95
N ARG A 33 -7.85 -7.48 13.37
CA ARG A 33 -8.06 -7.96 14.75
C ARG A 33 -7.17 -9.19 15.03
N GLN A 34 -6.86 -9.94 13.96
CA GLN A 34 -6.05 -11.18 14.03
C GLN A 34 -4.55 -10.85 14.17
N TYR A 35 -4.14 -9.68 13.63
CA TYR A 35 -2.72 -9.27 13.58
C TYR A 35 -2.45 -8.03 14.44
N HIS A 36 -3.49 -7.57 15.17
CA HIS A 36 -3.41 -6.38 16.05
C HIS A 36 -2.38 -6.63 17.17
N PRO A 37 -1.39 -5.71 17.39
CA PRO A 37 -0.32 -5.91 18.42
C PRO A 37 -0.85 -6.11 19.87
N ASP A 38 -2.13 -5.76 20.10
CA ASP A 38 -2.84 -6.07 21.37
C ASP A 38 -3.15 -7.58 21.41
N VAL A 39 -3.88 -8.03 20.39
CA VAL A 39 -4.38 -9.41 20.26
C VAL A 39 -3.23 -10.41 20.03
N ASN A 40 -2.25 -9.97 19.25
CA ASN A 40 -1.23 -10.84 18.66
C ASN A 40 -0.05 -9.97 18.18
N LYS A 41 1.11 -10.14 18.83
CA LYS A 41 2.34 -9.38 18.54
C LYS A 41 3.47 -10.36 18.14
N SER A 42 3.08 -11.40 17.40
CA SER A 42 4.02 -12.37 16.81
C SER A 42 4.69 -11.76 15.56
N PRO A 43 5.94 -12.19 15.17
CA PRO A 43 6.57 -11.75 13.89
C PRO A 43 5.68 -12.00 12.65
N GLU A 44 4.83 -13.05 12.76
CA GLU A 44 3.79 -13.38 11.74
C GLU A 44 2.77 -12.24 11.64
N ALA A 45 2.30 -11.78 12.81
CA ALA A 45 1.28 -10.72 12.91
C ALA A 45 1.83 -9.38 12.43
N GLU A 46 3.03 -9.04 12.88
CA GLU A 46 3.68 -7.74 12.64
C GLU A 46 3.96 -7.50 11.14
N GLU A 47 4.28 -8.59 10.40
CA GLU A 47 4.60 -8.48 8.95
C GLU A 47 3.29 -8.40 8.14
N LYS A 48 2.27 -9.17 8.58
CA LYS A 48 0.94 -9.16 7.95
C LYS A 48 0.21 -7.84 8.24
N PHE A 49 0.58 -7.20 9.37
CA PHE A 49 -0.02 -5.92 9.80
C PHE A 49 0.38 -4.79 8.84
N LYS A 50 1.56 -4.95 8.20
CA LYS A 50 2.04 -4.02 7.16
C LYS A 50 1.22 -4.25 5.89
N GLU A 51 1.06 -5.54 5.54
CA GLU A 51 0.49 -5.98 4.25
C GLU A 51 -1.02 -5.68 4.15
N ILE A 52 -1.76 -5.88 5.26
CA ILE A 52 -3.22 -5.63 5.30
C ILE A 52 -3.51 -4.13 5.24
N ASN A 53 -2.61 -3.34 5.86
CA ASN A 53 -2.69 -1.86 5.91
C ASN A 53 -2.25 -1.27 4.54
N GLU A 54 -1.29 -1.97 3.89
CA GLU A 54 -0.75 -1.62 2.56
C GLU A 54 -1.82 -1.86 1.50
N ALA A 55 -2.44 -3.04 1.60
CA ALA A 55 -3.53 -3.47 0.73
C ALA A 55 -4.72 -2.52 0.88
N TYR A 56 -5.05 -2.19 2.14
CA TYR A 56 -6.20 -1.32 2.47
C TYR A 56 -5.93 0.13 2.08
N ALA A 57 -4.67 0.59 2.15
CA ALA A 57 -4.30 1.99 1.79
C ALA A 57 -4.55 2.26 0.30
N VAL A 58 -4.41 1.21 -0.52
CA VAL A 58 -4.65 1.27 -1.97
C VAL A 58 -6.10 0.82 -2.30
N LEU A 59 -6.65 -0.09 -1.52
CA LEU A 59 -8.02 -0.64 -1.72
C LEU A 59 -9.06 0.19 -0.96
N SER A 60 -8.61 1.25 -0.27
CA SER A 60 -9.47 2.21 0.45
C SER A 60 -10.45 2.89 -0.49
N ASP A 61 -9.96 3.19 -1.71
CA ASP A 61 -10.72 3.88 -2.75
C ASP A 61 -10.44 3.21 -4.11
N PRO A 62 -11.42 3.20 -5.07
CA PRO A 62 -11.18 2.73 -6.45
C PRO A 62 -10.19 3.65 -7.19
N GLU A 63 -10.06 4.89 -6.66
CA GLU A 63 -9.10 5.90 -7.12
C GLU A 63 -7.68 5.33 -7.03
N LYS A 64 -7.34 4.74 -5.88
CA LYS A 64 -6.00 4.19 -5.61
C LYS A 64 -5.87 2.78 -6.25
N ARG A 65 -6.99 2.03 -6.30
CA ARG A 65 -7.05 0.68 -6.91
C ARG A 65 -6.69 0.70 -8.41
N ARG A 66 -7.01 1.82 -9.09
CA ARG A 66 -6.72 1.97 -10.52
C ARG A 66 -5.29 2.52 -10.75
N ILE A 67 -4.62 2.98 -9.66
CA ILE A 67 -3.20 3.42 -9.71
C ILE A 67 -2.30 2.20 -10.03
N TYR A 68 -2.25 1.17 -9.13
CA TYR A 68 -1.32 0.02 -9.33
C TYR A 68 -1.80 -0.91 -10.47
N ASP A 69 -3.07 -0.70 -10.89
CA ASP A 69 -3.73 -1.46 -11.96
C ASP A 69 -3.19 -1.08 -13.35
N THR A 70 -2.86 0.23 -13.54
CA THR A 70 -2.26 0.74 -14.80
C THR A 70 -0.73 0.92 -14.66
N TYR A 71 -0.27 1.18 -13.42
CA TYR A 71 1.15 1.31 -13.06
C TYR A 71 1.67 -0.06 -12.55
N GLY A 72 2.70 -0.03 -11.67
CA GLY A 72 3.26 -1.27 -11.10
C GLY A 72 4.58 -1.65 -11.73
N THR A 73 5.11 -0.74 -12.56
CA THR A 73 6.43 -0.86 -13.17
C THR A 73 7.05 0.55 -13.24
N THR A 74 8.36 0.65 -12.98
CA THR A 74 9.09 1.93 -12.96
C THR A 74 9.86 2.16 -14.28
N GLU A 75 9.44 1.47 -15.36
CA GLU A 75 10.05 1.61 -16.70
C GLU A 75 9.16 2.51 -17.58
N ALA A 76 8.13 1.92 -18.22
CA ALA A 76 7.21 2.65 -19.11
C ALA A 76 6.18 3.48 -18.31
N PRO A 77 5.46 2.91 -17.27
CA PRO A 77 4.56 3.72 -16.41
C PRO A 77 5.36 4.67 -15.48
N PRO A 78 5.26 6.03 -15.65
CA PRO A 78 6.01 7.00 -14.80
C PRO A 78 5.36 7.14 -13.40
N PRO A 79 6.15 7.41 -12.31
CA PRO A 79 5.60 7.61 -10.94
C PRO A 79 4.58 8.79 -10.88
N PRO A 80 3.41 8.61 -10.17
CA PRO A 80 2.34 9.66 -10.04
C PRO A 80 2.87 11.01 -9.43
N PRO A 81 2.06 12.14 -9.49
CA PRO A 81 2.47 13.46 -8.92
C PRO A 81 2.80 13.40 -7.39
N PRO A 82 4.08 13.70 -6.98
CA PRO A 82 4.52 13.63 -5.56
C PRO A 82 3.81 14.67 -4.67
N GLY A 83 3.16 14.19 -3.59
CA GLY A 83 2.43 15.05 -2.64
C GLY A 83 0.94 14.75 -2.63
N GLY A 84 0.40 14.28 -3.78
CA GLY A 84 -1.02 13.93 -3.90
C GLY A 84 -1.32 12.49 -3.46
N TYR A 85 -0.77 12.11 -2.29
CA TYR A 85 -0.89 10.75 -1.73
C TYR A 85 -1.61 10.80 -0.37
N ASP A 86 -2.00 9.62 0.13
CA ASP A 86 -2.71 9.47 1.42
C ASP A 86 -1.92 8.50 2.30
N PHE A 87 -1.37 9.04 3.40
CA PHE A 87 -0.45 8.29 4.29
C PHE A 87 -0.50 8.76 5.75
N SER A 88 -1.30 9.80 6.04
CA SER A 88 -1.37 10.41 7.37
C SER A 88 -2.04 9.46 8.38
N GLY A 89 -1.25 8.95 9.36
CA GLY A 89 -1.75 7.98 10.35
C GLY A 89 -1.68 6.55 9.87
N PHE A 90 -0.97 6.32 8.76
CA PHE A 90 -0.78 4.99 8.15
C PHE A 90 0.72 4.60 8.16
N ASP A 91 1.60 5.64 8.09
CA ASP A 91 3.08 5.47 8.05
C ASP A 91 3.49 4.49 6.92
N VAL A 92 3.01 4.81 5.71
CA VAL A 92 3.09 3.91 4.54
C VAL A 92 4.53 3.76 4.01
N GLU A 93 5.43 4.64 4.45
CA GLU A 93 6.86 4.61 4.09
C GLU A 93 7.57 3.32 4.57
N ASP A 94 6.93 2.63 5.52
CA ASP A 94 7.44 1.37 6.09
C ASP A 94 6.97 0.13 5.28
N PHE A 95 6.04 0.34 4.33
CA PHE A 95 5.47 -0.75 3.52
C PHE A 95 6.49 -1.16 2.44
N SER A 96 6.23 -2.26 1.75
CA SER A 96 7.21 -2.90 0.86
C SER A 96 7.35 -2.13 -0.48
N GLU A 97 8.30 -2.61 -1.30
CA GLU A 97 8.77 -1.96 -2.54
C GLU A 97 7.63 -1.54 -3.50
N PHE A 98 6.55 -2.36 -3.52
CA PHE A 98 5.41 -2.15 -4.42
C PHE A 98 4.61 -0.87 -4.08
N PHE A 99 4.57 -0.52 -2.78
CA PHE A 99 3.92 0.72 -2.33
C PHE A 99 4.90 1.91 -2.51
N GLN A 100 6.19 1.62 -2.29
CA GLN A 100 7.27 2.63 -2.29
C GLN A 100 7.62 3.11 -3.72
N GLU A 101 7.40 2.26 -4.72
CA GLU A 101 7.68 2.61 -6.13
C GLU A 101 6.61 3.56 -6.69
N LEU A 102 5.37 3.46 -6.15
CA LEU A 102 4.22 4.29 -6.56
C LEU A 102 4.16 5.61 -5.76
N PHE A 103 3.87 5.49 -4.46
CA PHE A 103 3.54 6.63 -3.58
C PHE A 103 4.82 7.19 -2.91
N GLY A 104 5.95 6.48 -3.09
CA GLY A 104 7.24 6.82 -2.49
C GLY A 104 7.83 8.23 -2.81
N PRO A 105 7.74 8.79 -4.07
CA PRO A 105 8.33 10.14 -4.39
C PRO A 105 7.73 11.29 -3.54
N GLY A 106 6.56 11.08 -2.94
CA GLY A 106 5.96 12.05 -2.00
C GLY A 106 6.38 11.77 -0.57
N LEU A 107 6.48 10.48 -0.22
CA LEU A 107 6.83 9.99 1.13
C LEU A 107 8.29 10.34 1.51
N PHE A 108 9.15 10.31 0.51
CA PHE A 108 10.58 10.60 0.65
C PHE A 108 11.14 11.22 -0.66
N GLY A 109 12.46 11.45 -0.69
CA GLY A 109 13.12 12.24 -1.74
C GLY A 109 13.65 13.54 -1.17
N GLY A 110 13.07 13.96 -0.02
CA GLY A 110 13.59 15.07 0.78
C GLY A 110 14.82 14.64 1.58
N PHE A 111 15.97 14.59 0.88
CA PHE A 111 17.25 14.10 1.46
C PHE A 111 18.03 15.24 2.13
N GLY A 112 17.97 16.44 1.52
CA GLY A 112 18.74 17.60 1.99
C GLY A 112 19.14 18.54 0.85
N ARG A 113 18.26 18.66 -0.17
CA ARG A 113 18.39 19.68 -1.23
C ARG A 113 17.93 21.02 -0.65
N ARG A 114 18.84 21.68 0.07
CA ARG A 114 18.58 22.97 0.74
C ARG A 114 19.79 23.90 0.47
N SER A 115 20.87 23.69 1.26
CA SER A 115 22.14 24.44 1.16
C SER A 115 23.11 23.89 2.23
N ARG A 116 24.43 23.98 1.96
CA ARG A 116 25.49 23.50 2.88
C ARG A 116 26.49 24.63 3.18
N LYS A 117 27.13 24.53 4.36
CA LYS A 117 28.15 25.49 4.85
C LYS A 117 28.84 24.92 6.10
N GLY A 118 29.75 25.73 6.70
CA GLY A 118 30.51 25.30 7.87
C GLY A 118 31.33 26.46 8.45
#